data_7PLM
#
_entry.id   7PLM
#
_cell.length_a   1.00
_cell.length_b   1.00
_cell.length_c   1.00
_cell.angle_alpha   90.00
_cell.angle_beta   90.00
_cell.angle_gamma   90.00
#
_symmetry.space_group_name_H-M   'P 1'
#
loop_
_entity.id
_entity.type
_entity.pdbx_description
1 polymer 'Pyruvate:ferredoxin oxidoreductase'
2 non-polymer 'IRON/SULFUR CLUSTER'
3 non-polymer 'THIAMINE DIPHOSPHATE'
4 non-polymer 'CALCIUM ION'
5 non-polymer 'MAGNESIUM ION'
6 water water
#
_entity_poly.entity_id   1
_entity_poly.type   'polypeptide(L)'
_entity_poly.pdbx_seq_one_letter_code
;MGKKMMTTDGNTATAHVAYAMSEVAAIYPITPSSTMGEEADDWAAQGRKNIFGQTLTIREMQSEAGAAGAVHGALAAGAL
TTTFTASQGLLLMIPNMYKISGELLPGVFHVTARAIAAHALSIFGDHQDIYAARQTGFAMLASSSVQEAHDMALVAHLAA
IESNVPFMHFFDGFRTSHEIQKIEVLDYADMASLVNQKALAEFRAKSMNPEHPHVRGTAQNPDIYFQGREAANPYYLKVP
GIVAEYMQKVASLTGRSYKLFDYVGAPDAERVIVSMGSSCETIEEVINHLAAKGEKIGLIKVRLYRPFVSEAFFAALPAS
AKVITVLDRTKEPGAPGDPLYLDVCSAFVERGEAMPKILAGRYGLGSKEFSPAMVKSVYDNMSGAKKNHFTVGIEDDVTG
TSLPVDNAFADTTPKGTIQCQFWGLGADGTVGANKQAIKIIGDNTDLFAQGYFSYDSKKSGGITISHLRFGEKPIQSTYL
VNRADYVACHNPAYVGIYDILEGIKDGGTFVLNSPWSSLEDMDKHLPSGIKRTIANKKLKFYNIDAVKIATDVGLGGRIN
MIMQTAFFKLAGVLPFEKAVDLLKKSIHKAYGKKGEKIVKMNTDAVDQAVTSLQEFKYPDSWKDAPAETKAEPMTNEFFK
NVVKPILTQQGDKLPVSAFEADGRFPLGTSQFEKRGVAINVPQWVPENCIQCNQCAFVCPHSAILPVLAKEEELVGAPAN
FTALEAKGKELKGYKFRIQINTLDCMGCGNCADICPPKEKALVMQPLDTQRDAQVPNLEYAARIPVKSEVLPRDSLKGSQ
FQEPLMEFSGACSGCGETPYVRVITQLFGERMFIANATGCSSIWGASAPSMPYKTNRLGQGPAWGNSLFEDAAEYGFGMN
MSMFARRTHLADLAAKALESDASGDVKEALQGWLAGKNDPIKSKEYGDKLKKLLAGQKDGLLGQIAAMSDLYTKKSVWIF
GGDGWAYDIGYGGLDHVLASGEDVNVFVMDTEVYSNTGGQSSKATPTGAVAKFAAAGKRTGKKDLARMVMTYGYVYVATV
SMGYSKQQFLKVLKEAESFPGPSLVIAYATCINQGLRKGMGKSQDVMNTAVKSGYWPLFRYDPRLAAQGKNPFQLDSKAP
DGSVEEFLMAQNRFAVLDRSFPEDAKRLRAQVAHELDVRFKELEHMAATNIFESFAPAGGKADGSVDFGEGAEFCTRDDT
PMMARPDSGEACDQNRAGTSEQQGDLSKRTKK
;
_entity_poly.pdbx_strand_id   A,B
#
loop_
_chem_comp.id
_chem_comp.type
_chem_comp.name
_chem_comp.formula
CA non-polymer 'CALCIUM ION' 'Ca 2'
MG non-polymer 'MAGNESIUM ION' 'Mg 2'
SF4 non-polymer 'IRON/SULFUR CLUSTER' 'Fe4 S4'
TPP non-polymer 'THIAMINE DIPHOSPHATE' 'C12 H19 N4 O7 P2 S 1'
#
# COMPACT_ATOMS: atom_id res chain seq x y z
N GLY A 2 -33.51 8.40 -23.81
CA GLY A 2 -32.50 9.17 -24.52
C GLY A 2 -31.51 8.26 -25.22
N LYS A 3 -31.99 7.09 -25.59
CA LYS A 3 -31.12 6.03 -26.09
C LYS A 3 -30.53 6.40 -27.44
N LYS A 4 -29.20 6.41 -27.51
CA LYS A 4 -28.43 6.62 -28.72
C LYS A 4 -27.44 5.47 -28.89
N MET A 5 -27.28 4.99 -30.11
CA MET A 5 -26.43 3.83 -30.35
C MET A 5 -25.01 4.25 -30.67
N MET A 6 -24.05 3.65 -29.98
CA MET A 6 -22.64 3.86 -30.25
C MET A 6 -21.92 2.51 -30.16
N THR A 7 -20.82 2.39 -30.88
CA THR A 7 -20.04 1.15 -30.93
C THR A 7 -18.76 1.37 -30.12
N THR A 8 -18.70 0.76 -28.94
CA THR A 8 -17.60 1.00 -28.02
C THR A 8 -17.34 -0.27 -27.21
N ASP A 9 -16.30 -0.23 -26.40
CA ASP A 9 -15.92 -1.31 -25.51
C ASP A 9 -16.41 -1.02 -24.11
N GLY A 10 -16.02 -1.85 -23.14
CA GLY A 10 -16.46 -1.67 -21.77
C GLY A 10 -15.91 -0.41 -21.11
N ASN A 11 -14.66 -0.05 -21.43
CA ASN A 11 -14.08 1.15 -20.85
C ASN A 11 -14.89 2.38 -21.23
N THR A 12 -15.23 2.49 -22.52
CA THR A 12 -15.99 3.65 -22.97
C THR A 12 -17.40 3.64 -22.40
N ALA A 13 -18.06 2.48 -22.40
CA ALA A 13 -19.42 2.40 -21.88
C ALA A 13 -19.47 2.78 -20.42
N THR A 14 -18.50 2.30 -19.63
CA THR A 14 -18.49 2.60 -18.21
C THR A 14 -18.09 4.05 -17.95
N ALA A 15 -17.08 4.56 -18.66
CA ALA A 15 -16.63 5.92 -18.43
C ALA A 15 -17.68 6.95 -18.85
N HIS A 16 -18.52 6.61 -19.82
CA HIS A 16 -19.64 7.47 -20.20
C HIS A 16 -20.55 7.74 -19.00
N VAL A 17 -21.01 6.67 -18.36
CA VAL A 17 -21.93 6.79 -17.24
C VAL A 17 -21.24 7.38 -16.02
N ALA A 18 -19.99 6.99 -15.78
CA ALA A 18 -19.28 7.52 -14.62
C ALA A 18 -19.04 9.00 -14.77
N TYR A 19 -18.74 9.46 -15.99
CA TYR A 19 -18.61 10.89 -16.22
C TYR A 19 -19.93 11.60 -15.97
N ALA A 20 -21.04 11.01 -16.43
CA ALA A 20 -22.33 11.63 -16.15
C ALA A 20 -22.56 11.77 -14.65
N MET A 21 -22.26 10.73 -13.88
CA MET A 21 -22.73 10.61 -12.51
C MET A 21 -21.75 11.12 -11.46
N SER A 22 -20.61 11.66 -11.85
CA SER A 22 -19.59 12.07 -10.90
C SER A 22 -19.19 13.51 -11.15
N GLU A 23 -18.55 14.09 -10.15
CA GLU A 23 -17.93 15.40 -10.32
C GLU A 23 -16.45 15.40 -9.99
N VAL A 24 -15.98 14.46 -9.17
CA VAL A 24 -14.58 14.32 -8.83
C VAL A 24 -14.15 12.91 -9.20
N ALA A 25 -12.97 12.78 -9.79
CA ALA A 25 -12.39 11.47 -10.07
C ALA A 25 -10.89 11.55 -9.87
N ALA A 26 -10.36 10.72 -8.98
CA ALA A 26 -8.92 10.59 -8.82
C ALA A 26 -8.51 9.23 -9.35
N ILE A 27 -7.55 9.21 -10.25
CA ILE A 27 -7.25 8.02 -11.04
C ILE A 27 -5.75 7.78 -11.09
N TYR A 28 -5.36 6.55 -10.88
CA TYR A 28 -4.03 6.11 -11.22
C TYR A 28 -4.10 5.22 -12.44
N PRO A 29 -3.10 5.28 -13.32
CA PRO A 29 -3.10 4.39 -14.49
C PRO A 29 -2.77 2.95 -14.09
N ILE A 30 -3.61 2.03 -14.53
CA ILE A 30 -3.26 0.61 -14.51
C ILE A 30 -4.04 -0.07 -15.64
N THR A 31 -3.35 -0.91 -16.41
CA THR A 31 -4.05 -1.74 -17.37
C THR A 31 -4.97 -2.71 -16.63
N PRO A 32 -6.13 -3.04 -17.18
CA PRO A 32 -6.78 -2.53 -18.39
C PRO A 32 -7.71 -1.36 -18.13
N SER A 33 -7.56 -0.70 -16.99
CA SER A 33 -8.48 0.35 -16.56
C SER A 33 -8.01 1.74 -16.91
N SER A 34 -6.86 1.88 -17.55
CA SER A 34 -6.33 3.21 -17.82
C SER A 34 -7.15 3.94 -18.88
N THR A 35 -7.86 3.18 -19.73
CA THR A 35 -8.66 3.79 -20.78
C THR A 35 -9.77 4.67 -20.21
N MET A 36 -10.46 4.19 -19.17
CA MET A 36 -11.57 4.95 -18.60
C MET A 36 -11.10 6.28 -18.06
N GLY A 37 -10.00 6.29 -17.32
CA GLY A 37 -9.46 7.54 -16.83
C GLY A 37 -8.96 8.44 -17.93
N GLU A 38 -8.30 7.86 -18.94
CA GLU A 38 -7.76 8.66 -20.03
C GLU A 38 -8.87 9.34 -20.82
N GLU A 39 -9.96 8.62 -21.11
CA GLU A 39 -11.04 9.24 -21.86
C GLU A 39 -11.86 10.18 -21.00
N ALA A 40 -11.92 9.94 -19.68
CA ALA A 40 -12.55 10.92 -18.80
C ALA A 40 -11.77 12.22 -18.80
N ASP A 41 -10.44 12.14 -18.74
CA ASP A 41 -9.62 13.35 -18.81
C ASP A 41 -9.72 14.00 -20.17
N ASP A 42 -9.86 13.20 -21.23
CA ASP A 42 -10.10 13.70 -22.57
C ASP A 42 -11.38 14.53 -22.62
N TRP A 43 -12.49 13.96 -22.14
CA TRP A 43 -13.76 14.68 -22.15
C TRP A 43 -13.72 15.90 -21.25
N ALA A 44 -13.02 15.83 -20.12
CA ALA A 44 -12.89 17.00 -19.26
C ALA A 44 -12.14 18.11 -19.99
N ALA A 45 -11.08 17.76 -20.70
CA ALA A 45 -10.34 18.77 -21.45
C ALA A 45 -11.20 19.36 -22.56
N GLN A 46 -11.98 18.52 -23.24
CA GLN A 46 -12.88 19.03 -24.27
C GLN A 46 -13.98 19.91 -23.66
N GLY A 47 -14.58 19.46 -22.56
CA GLY A 47 -15.59 20.25 -21.89
C GLY A 47 -16.92 19.56 -21.70
N ARG A 48 -16.93 18.23 -21.77
CA ARG A 48 -18.16 17.48 -21.57
C ARG A 48 -18.70 17.75 -20.17
N LYS A 49 -20.01 17.76 -20.04
CA LYS A 49 -20.67 18.11 -18.79
C LYS A 49 -21.31 16.88 -18.17
N ASN A 50 -21.24 16.79 -16.85
CA ASN A 50 -21.87 15.72 -16.11
C ASN A 50 -23.37 16.00 -16.03
N ILE A 51 -24.11 15.25 -15.21
CA ILE A 51 -25.54 15.50 -15.07
C ILE A 51 -25.80 16.84 -14.40
N PHE A 52 -24.84 17.33 -13.60
CA PHE A 52 -24.98 18.62 -12.94
C PHE A 52 -24.50 19.78 -13.80
N GLY A 53 -24.10 19.54 -15.04
CA GLY A 53 -23.73 20.63 -15.92
C GLY A 53 -22.33 21.19 -15.70
N GLN A 54 -21.42 20.39 -15.14
CA GLN A 54 -20.03 20.80 -14.96
C GLN A 54 -19.10 19.78 -15.58
N THR A 55 -17.92 20.23 -15.97
CA THR A 55 -16.89 19.29 -16.40
C THR A 55 -16.38 18.51 -15.20
N LEU A 56 -16.21 17.21 -15.38
CA LEU A 56 -15.74 16.37 -14.29
C LEU A 56 -14.29 16.71 -13.98
N THR A 57 -14.00 16.92 -12.68
CA THR A 57 -12.66 17.24 -12.23
C THR A 57 -11.88 15.95 -12.06
N ILE A 58 -10.87 15.75 -12.90
CA ILE A 58 -10.06 14.54 -12.91
C ILE A 58 -8.66 14.90 -12.42
N ARG A 59 -8.13 14.11 -11.50
CA ARG A 59 -6.77 14.25 -11.06
C ARG A 59 -6.07 12.90 -11.07
N GLU A 60 -4.75 12.94 -11.18
CA GLU A 60 -3.91 11.75 -11.22
C GLU A 60 -3.07 11.70 -9.95
N MET A 61 -3.02 10.55 -9.31
CA MET A 61 -2.31 10.39 -8.05
C MET A 61 -0.99 9.68 -8.28
N GLN A 62 -0.15 9.65 -7.23
CA GLN A 62 1.11 8.94 -7.32
C GLN A 62 0.93 7.43 -7.29
N SER A 63 -0.21 6.94 -6.81
CA SER A 63 -0.44 5.51 -6.68
C SER A 63 -1.94 5.28 -6.67
N GLU A 64 -2.33 4.00 -6.58
CA GLU A 64 -3.74 3.71 -6.36
C GLU A 64 -4.11 3.82 -4.89
N ALA A 65 -3.16 3.67 -3.98
CA ALA A 65 -3.42 4.07 -2.60
C ALA A 65 -3.74 5.55 -2.55
N GLY A 66 -3.00 6.35 -3.30
CA GLY A 66 -3.30 7.77 -3.38
C GLY A 66 -4.65 8.05 -4.03
N ALA A 67 -5.00 7.26 -5.05
CA ALA A 67 -6.31 7.41 -5.68
C ALA A 67 -7.43 7.10 -4.68
N ALA A 68 -7.29 6.03 -3.91
CA ALA A 68 -8.31 5.70 -2.92
C ALA A 68 -8.37 6.74 -1.81
N GLY A 69 -7.22 7.26 -1.38
CA GLY A 69 -7.21 8.31 -0.38
C GLY A 69 -7.85 9.59 -0.87
N ALA A 70 -7.54 10.00 -2.11
CA ALA A 70 -8.17 11.18 -2.68
C ALA A 70 -9.66 10.97 -2.84
N VAL A 71 -10.08 9.75 -3.19
CA VAL A 71 -11.50 9.44 -3.27
C VAL A 71 -12.14 9.60 -1.90
N HIS A 72 -11.45 9.13 -0.85
CA HIS A 72 -11.95 9.30 0.50
C HIS A 72 -12.12 10.77 0.86
N GLY A 73 -11.13 11.60 0.53
CA GLY A 73 -11.22 13.01 0.85
C GLY A 73 -12.34 13.72 0.10
N ALA A 74 -12.51 13.39 -1.18
CA ALA A 74 -13.57 14.01 -1.97
C ALA A 74 -14.95 13.55 -1.50
N LEU A 75 -15.10 12.28 -1.11
CA LEU A 75 -16.37 11.83 -0.58
C LEU A 75 -16.67 12.47 0.77
N ALA A 76 -15.63 12.59 1.63
CA ALA A 76 -15.82 13.18 2.94
C ALA A 76 -16.17 14.66 2.84
N ALA A 77 -15.57 15.36 1.87
CA ALA A 77 -15.86 16.77 1.72
C ALA A 77 -17.15 17.04 0.96
N GLY A 78 -17.82 16.00 0.46
CA GLY A 78 -19.16 16.15 -0.07
C GLY A 78 -19.29 16.18 -1.58
N ALA A 79 -18.34 15.60 -2.29
CA ALA A 79 -18.37 15.54 -3.74
C ALA A 79 -18.61 14.12 -4.20
N LEU A 80 -19.40 13.97 -5.26
CA LEU A 80 -19.60 12.67 -5.88
C LEU A 80 -18.32 12.22 -6.58
N THR A 81 -17.80 11.07 -6.16
CA THR A 81 -16.46 10.64 -6.54
C THR A 81 -16.51 9.24 -7.10
N THR A 82 -15.71 9.02 -8.14
CA THR A 82 -15.53 7.70 -8.72
C THR A 82 -14.05 7.50 -8.99
N THR A 83 -13.65 6.24 -9.10
CA THR A 83 -12.30 5.91 -9.54
C THR A 83 -12.35 4.64 -10.36
N PHE A 84 -11.29 4.41 -11.13
CA PHE A 84 -11.16 3.24 -11.97
C PHE A 84 -9.96 2.43 -11.51
N THR A 85 -10.12 1.12 -11.45
CA THR A 85 -9.15 0.28 -10.79
C THR A 85 -8.97 -1.02 -11.56
N ALA A 86 -7.82 -1.64 -11.35
CA ALA A 86 -7.58 -3.03 -11.70
C ALA A 86 -6.80 -3.66 -10.56
N SER A 87 -6.26 -4.86 -10.80
CA SER A 87 -5.85 -5.78 -9.76
C SER A 87 -4.88 -5.24 -8.72
N GLN A 88 -3.65 -4.93 -9.13
CA GLN A 88 -2.69 -4.40 -8.17
C GLN A 88 -3.21 -3.10 -7.59
N GLY A 89 -3.91 -2.31 -8.41
CA GLY A 89 -4.56 -1.12 -7.89
C GLY A 89 -5.56 -1.42 -6.79
N LEU A 90 -6.40 -2.44 -7.00
CA LEU A 90 -7.41 -2.77 -6.01
C LEU A 90 -6.78 -3.28 -4.72
N LEU A 91 -5.71 -4.07 -4.85
CA LEU A 91 -5.00 -4.52 -3.66
C LEU A 91 -4.44 -3.34 -2.87
N LEU A 92 -3.88 -2.36 -3.57
CA LEU A 92 -3.41 -1.17 -2.88
C LEU A 92 -4.56 -0.33 -2.35
N MET A 93 -5.77 -0.51 -2.88
CA MET A 93 -6.91 0.30 -2.49
C MET A 93 -7.67 -0.25 -1.28
N ILE A 94 -7.58 -1.56 -1.02
CA ILE A 94 -8.43 -2.17 0.01
C ILE A 94 -8.42 -1.46 1.37
N PRO A 95 -7.27 -1.13 1.97
CA PRO A 95 -7.30 -0.55 3.32
C PRO A 95 -8.06 0.76 3.42
N ASN A 96 -8.04 1.59 2.38
CA ASN A 96 -8.88 2.78 2.36
C ASN A 96 -10.32 2.47 2.04
N MET A 97 -10.59 1.41 1.27
CA MET A 97 -11.96 0.98 1.06
C MET A 97 -12.61 0.60 2.38
N TYR A 98 -11.83 0.07 3.31
CA TYR A 98 -12.35 -0.18 4.65
C TYR A 98 -12.84 1.11 5.31
N LYS A 99 -12.06 2.18 5.20
CA LYS A 99 -12.47 3.47 5.75
C LYS A 99 -13.67 4.04 5.01
N ILE A 100 -13.71 3.88 3.69
CA ILE A 100 -14.80 4.44 2.90
C ILE A 100 -16.12 3.76 3.24
N SER A 101 -16.12 2.44 3.39
CA SER A 101 -17.35 1.78 3.79
C SER A 101 -17.62 1.96 5.29
N GLY A 102 -16.58 2.18 6.09
CA GLY A 102 -16.78 2.38 7.52
C GLY A 102 -17.52 3.67 7.83
N GLU A 103 -17.23 4.73 7.09
CA GLU A 103 -17.88 6.01 7.25
C GLU A 103 -19.13 6.15 6.42
N LEU A 104 -19.52 5.09 5.68
CA LEU A 104 -20.74 5.08 4.88
C LEU A 104 -20.74 6.23 3.88
N LEU A 105 -19.66 6.32 3.14
CA LEU A 105 -19.46 7.32 2.11
C LEU A 105 -19.79 6.74 0.74
N PRO A 106 -20.58 7.43 -0.06
CA PRO A 106 -21.16 6.84 -1.28
C PRO A 106 -20.32 6.97 -2.54
N GLY A 107 -19.19 6.28 -2.60
CA GLY A 107 -18.34 6.27 -3.77
C GLY A 107 -18.64 5.10 -4.69
N VAL A 108 -18.24 5.23 -5.94
CA VAL A 108 -18.33 4.13 -6.91
C VAL A 108 -16.95 3.89 -7.50
N PHE A 109 -16.42 2.70 -7.32
CA PHE A 109 -15.20 2.24 -7.97
C PHE A 109 -15.61 1.42 -9.18
N HIS A 110 -15.01 1.69 -10.33
CA HIS A 110 -15.22 0.86 -11.51
C HIS A 110 -13.95 0.03 -11.70
N VAL A 111 -14.05 -1.25 -11.42
CA VAL A 111 -12.90 -2.14 -11.43
C VAL A 111 -12.96 -3.02 -12.66
N THR A 112 -11.87 -3.09 -13.40
CA THR A 112 -11.71 -4.04 -14.49
C THR A 112 -10.97 -5.26 -13.97
N ALA A 113 -11.59 -6.43 -14.07
CA ALA A 113 -11.04 -7.62 -13.44
C ALA A 113 -9.73 -8.04 -14.10
N ARG A 114 -8.67 -8.14 -13.29
CA ARG A 114 -7.33 -8.45 -13.78
C ARG A 114 -6.64 -9.34 -12.75
N ALA A 115 -5.74 -10.18 -13.23
CA ALA A 115 -5.08 -11.15 -12.37
C ALA A 115 -4.22 -10.48 -11.31
N ILE A 116 -4.09 -11.14 -10.19
CA ILE A 116 -3.14 -10.75 -9.17
C ILE A 116 -1.83 -11.46 -9.44
N ALA A 117 -0.72 -10.72 -9.37
CA ALA A 117 0.59 -11.29 -9.62
C ALA A 117 0.95 -12.24 -8.48
N ALA A 118 0.93 -13.55 -8.76
CA ALA A 118 1.34 -14.53 -7.77
C ALA A 118 2.63 -15.24 -8.18
N HIS A 119 2.61 -15.99 -9.27
CA HIS A 119 3.82 -16.61 -9.80
C HIS A 119 4.42 -15.80 -10.94
N ALA A 120 3.70 -14.78 -11.39
CA ALA A 120 4.06 -13.96 -12.53
C ALA A 120 3.09 -12.81 -12.59
N LEU A 121 3.57 -11.64 -12.98
CA LEU A 121 2.69 -10.52 -13.27
C LEU A 121 1.80 -10.88 -14.45
N SER A 122 0.57 -10.36 -14.44
CA SER A 122 -0.34 -10.56 -15.55
C SER A 122 -1.31 -9.40 -15.63
N ILE A 123 -1.62 -8.98 -16.86
CA ILE A 123 -2.57 -7.88 -17.07
C ILE A 123 -3.95 -8.37 -17.49
N PHE A 124 -4.17 -9.67 -17.59
CA PHE A 124 -5.41 -10.16 -18.17
C PHE A 124 -6.39 -10.58 -17.09
N GLY A 125 -7.59 -11.00 -17.54
CA GLY A 125 -8.76 -11.00 -16.68
C GLY A 125 -8.98 -12.24 -15.84
N ASP A 126 -9.25 -12.01 -14.56
CA ASP A 126 -9.89 -12.96 -13.67
C ASP A 126 -10.38 -12.18 -12.45
N HIS A 127 -11.08 -12.86 -11.55
CA HIS A 127 -11.77 -12.19 -10.45
C HIS A 127 -10.97 -12.21 -9.15
N GLN A 128 -9.65 -12.41 -9.22
CA GLN A 128 -8.87 -12.49 -7.99
C GLN A 128 -8.90 -11.17 -7.22
N ASP A 129 -8.72 -10.05 -7.91
CA ASP A 129 -8.70 -8.76 -7.25
C ASP A 129 -10.06 -8.42 -6.64
N ILE A 130 -11.15 -8.71 -7.35
CA ILE A 130 -12.47 -8.35 -6.83
C ILE A 130 -12.82 -9.22 -5.62
N TYR A 131 -12.45 -10.51 -5.67
CA TYR A 131 -12.66 -11.37 -4.52
C TYR A 131 -11.77 -11.00 -3.34
N ALA A 132 -10.64 -10.33 -3.60
CA ALA A 132 -9.78 -9.93 -2.50
C ALA A 132 -10.39 -8.80 -1.69
N ALA A 133 -11.49 -8.22 -2.17
CA ALA A 133 -12.08 -7.04 -1.56
C ALA A 133 -13.51 -7.27 -1.08
N ARG A 134 -13.91 -8.51 -0.82
CA ARG A 134 -15.25 -8.75 -0.28
C ARG A 134 -15.41 -8.11 1.10
N GLN A 135 -14.38 -8.23 1.94
CA GLN A 135 -14.48 -7.85 3.34
C GLN A 135 -14.59 -6.35 3.55
N THR A 136 -14.21 -5.54 2.57
CA THR A 136 -14.10 -4.11 2.78
C THR A 136 -15.44 -3.46 3.10
N GLY A 137 -16.54 -4.14 2.81
CA GLY A 137 -17.85 -3.57 3.02
C GLY A 137 -18.42 -2.80 1.86
N PHE A 138 -17.77 -2.82 0.71
CA PHE A 138 -18.37 -2.27 -0.50
C PHE A 138 -19.50 -3.16 -0.99
N ALA A 139 -20.46 -2.54 -1.66
CA ALA A 139 -21.39 -3.30 -2.46
C ALA A 139 -20.73 -3.59 -3.80
N MET A 140 -20.93 -4.80 -4.32
CA MET A 140 -20.21 -5.26 -5.50
C MET A 140 -21.17 -5.69 -6.59
N LEU A 141 -21.11 -5.01 -7.72
CA LEU A 141 -22.00 -5.23 -8.85
C LEU A 141 -21.17 -5.71 -10.03
N ALA A 142 -21.71 -6.65 -10.80
CA ALA A 142 -20.99 -7.30 -11.89
C ALA A 142 -21.75 -7.16 -13.20
N SER A 143 -21.00 -7.00 -14.30
CA SER A 143 -21.58 -6.80 -15.61
C SER A 143 -20.99 -7.79 -16.62
N SER A 144 -21.88 -8.48 -17.34
CA SER A 144 -21.53 -9.56 -18.25
C SER A 144 -21.08 -9.08 -19.62
N SER A 145 -21.64 -7.99 -20.13
CA SER A 145 -21.34 -7.53 -21.48
C SER A 145 -21.15 -6.02 -21.46
N VAL A 146 -21.01 -5.44 -22.65
CA VAL A 146 -20.79 -4.00 -22.77
C VAL A 146 -22.06 -3.25 -22.42
N GLN A 147 -23.20 -3.71 -22.94
CA GLN A 147 -24.48 -3.10 -22.59
C GLN A 147 -24.73 -3.21 -21.10
N GLU A 148 -24.46 -4.37 -20.52
CA GLU A 148 -24.62 -4.54 -19.08
C GLU A 148 -23.62 -3.70 -18.30
N ALA A 149 -22.43 -3.46 -18.85
CA ALA A 149 -21.50 -2.57 -18.18
C ALA A 149 -22.08 -1.16 -18.10
N HIS A 150 -22.66 -0.67 -19.19
CA HIS A 150 -23.30 0.64 -19.16
C HIS A 150 -24.43 0.69 -18.12
N ASP A 151 -25.36 -0.27 -18.22
CA ASP A 151 -26.51 -0.29 -17.33
C ASP A 151 -26.09 -0.41 -15.86
N MET A 152 -25.14 -1.31 -15.57
CA MET A 152 -24.75 -1.57 -14.20
C MET A 152 -23.93 -0.42 -13.62
N ALA A 153 -23.13 0.27 -14.43
CA ALA A 153 -22.47 1.47 -13.94
C ALA A 153 -23.50 2.52 -13.53
N LEU A 154 -24.54 2.69 -14.35
CA LEU A 154 -25.60 3.62 -13.98
C LEU A 154 -26.28 3.21 -12.68
N VAL A 155 -26.63 1.93 -12.56
CA VAL A 155 -27.27 1.44 -11.34
C VAL A 155 -26.36 1.65 -10.14
N ALA A 156 -25.06 1.40 -10.30
CA ALA A 156 -24.14 1.55 -9.18
C ALA A 156 -24.09 2.99 -8.70
N HIS A 157 -24.02 3.94 -9.62
CA HIS A 157 -23.98 5.33 -9.19
C HIS A 157 -25.27 5.76 -8.49
N LEU A 158 -26.42 5.38 -9.05
CA LEU A 158 -27.68 5.77 -8.42
C LEU A 158 -27.82 5.15 -7.03
N ALA A 159 -27.51 3.87 -6.90
CA ALA A 159 -27.67 3.19 -5.63
C ALA A 159 -26.62 3.63 -4.62
N ALA A 160 -25.43 4.03 -5.08
CA ALA A 160 -24.46 4.60 -4.17
C ALA A 160 -24.94 5.93 -3.62
N ILE A 161 -25.50 6.79 -4.48
CA ILE A 161 -26.06 8.04 -4.01
C ILE A 161 -27.14 7.78 -2.96
N GLU A 162 -28.06 6.86 -3.25
CA GLU A 162 -29.20 6.73 -2.36
C GLU A 162 -28.88 5.98 -1.08
N SER A 163 -28.01 4.97 -1.14
CA SER A 163 -27.89 4.03 -0.04
C SER A 163 -26.81 4.41 0.96
N ASN A 164 -25.96 5.38 0.65
CA ASN A 164 -24.82 5.77 1.48
C ASN A 164 -23.86 4.62 1.71
N VAL A 165 -23.87 3.64 0.83
CA VAL A 165 -22.92 2.54 0.85
C VAL A 165 -22.11 2.63 -0.43
N PRO A 166 -20.78 2.65 -0.35
CA PRO A 166 -19.97 2.73 -1.57
C PRO A 166 -20.15 1.49 -2.41
N PHE A 167 -20.00 1.65 -3.72
CA PHE A 167 -20.17 0.55 -4.66
C PHE A 167 -18.90 0.27 -5.44
N MET A 168 -18.67 -1.01 -5.69
CA MET A 168 -17.67 -1.46 -6.64
C MET A 168 -18.41 -2.05 -7.84
N HIS A 169 -18.20 -1.48 -9.01
CA HIS A 169 -18.71 -2.04 -10.25
C HIS A 169 -17.55 -2.71 -10.96
N PHE A 170 -17.70 -3.99 -11.28
CA PHE A 170 -16.64 -4.68 -12.00
C PHE A 170 -17.18 -5.40 -13.22
N PHE A 171 -16.38 -5.30 -14.29
CA PHE A 171 -16.59 -5.99 -15.54
C PHE A 171 -15.25 -6.65 -15.89
N ASP A 172 -15.31 -7.71 -16.70
CA ASP A 172 -14.12 -8.49 -16.97
C ASP A 172 -13.10 -7.72 -17.79
N GLY A 173 -11.83 -7.84 -17.42
CA GLY A 173 -10.76 -7.12 -18.09
C GLY A 173 -10.29 -7.85 -19.34
N PHE A 174 -10.05 -7.07 -20.40
CA PHE A 174 -9.65 -7.56 -21.70
C PHE A 174 -10.61 -8.59 -22.26
N ARG A 175 -11.81 -8.66 -21.76
CA ARG A 175 -12.87 -9.46 -22.34
C ARG A 175 -14.15 -8.64 -22.48
N THR A 176 -14.36 -7.68 -21.61
CA THR A 176 -15.37 -6.65 -21.75
C THR A 176 -14.76 -5.25 -21.83
N SER A 177 -13.61 -5.04 -21.21
CA SER A 177 -12.97 -3.73 -21.23
C SER A 177 -12.58 -3.30 -22.64
N HIS A 178 -12.27 -4.26 -23.52
CA HIS A 178 -11.68 -3.96 -24.82
C HIS A 178 -12.39 -4.64 -25.98
N GLU A 179 -13.57 -5.21 -25.76
CA GLU A 179 -14.31 -5.88 -26.82
C GLU A 179 -15.32 -4.87 -27.39
N ILE A 180 -15.08 -4.43 -28.62
CA ILE A 180 -15.97 -3.47 -29.25
C ILE A 180 -17.32 -4.12 -29.53
N GLN A 181 -18.39 -3.42 -29.19
CA GLN A 181 -19.74 -3.91 -29.40
C GLN A 181 -20.64 -2.70 -29.62
N LYS A 182 -21.75 -2.92 -30.33
CA LYS A 182 -22.70 -1.86 -30.63
C LYS A 182 -23.78 -1.87 -29.55
N ILE A 183 -23.82 -0.80 -28.75
CA ILE A 183 -24.72 -0.73 -27.61
C ILE A 183 -25.45 0.61 -27.63
N GLU A 184 -26.66 0.62 -27.09
CA GLU A 184 -27.40 1.85 -26.88
C GLU A 184 -27.14 2.38 -25.48
N VAL A 185 -26.81 3.66 -25.39
CA VAL A 185 -26.55 4.35 -24.14
C VAL A 185 -27.66 5.36 -23.90
N LEU A 186 -27.77 5.84 -22.67
CA LEU A 186 -28.77 6.84 -22.36
C LEU A 186 -28.19 8.24 -22.47
N ASP A 187 -29.02 9.18 -22.89
CA ASP A 187 -28.67 10.59 -22.86
C ASP A 187 -28.46 11.04 -21.42
N TYR A 188 -27.55 11.99 -21.23
CA TYR A 188 -27.25 12.45 -19.88
C TYR A 188 -28.48 13.05 -19.22
N ALA A 189 -29.40 13.62 -20.01
CA ALA A 189 -30.63 14.17 -19.45
C ALA A 189 -31.49 13.06 -18.86
N ASP A 190 -31.50 11.89 -19.48
CA ASP A 190 -32.30 10.78 -18.98
C ASP A 190 -31.71 10.20 -17.70
N MET A 191 -30.39 10.03 -17.65
CA MET A 191 -29.81 9.51 -16.43
C MET A 191 -29.77 10.55 -15.31
N ALA A 192 -29.91 11.84 -15.63
CA ALA A 192 -29.95 12.85 -14.60
C ALA A 192 -31.24 12.78 -13.78
N SER A 193 -32.35 12.44 -14.43
CA SER A 193 -33.64 12.37 -13.76
C SER A 193 -33.77 11.18 -12.82
N LEU A 194 -32.84 10.22 -12.90
CA LEU A 194 -32.89 9.03 -12.06
C LEU A 194 -32.30 9.27 -10.67
N VAL A 195 -31.61 10.39 -10.46
CA VAL A 195 -30.95 10.66 -9.19
C VAL A 195 -31.99 10.93 -8.11
N ASN A 196 -31.73 10.45 -6.90
CA ASN A 196 -32.53 10.77 -5.72
C ASN A 196 -32.01 12.09 -5.15
N GLN A 197 -32.71 13.18 -5.47
CA GLN A 197 -32.25 14.51 -5.09
C GLN A 197 -32.22 14.69 -3.58
N LYS A 198 -33.18 14.11 -2.87
CA LYS A 198 -33.19 14.23 -1.41
C LYS A 198 -31.94 13.60 -0.81
N ALA A 199 -31.58 12.41 -1.28
CA ALA A 199 -30.38 11.75 -0.80
C ALA A 199 -29.12 12.51 -1.20
N LEU A 200 -29.11 13.12 -2.38
CA LEU A 200 -27.93 13.88 -2.78
C LEU A 200 -27.74 15.11 -1.89
N ALA A 201 -28.84 15.82 -1.60
CA ALA A 201 -28.76 16.97 -0.70
C ALA A 201 -28.35 16.55 0.70
N GLU A 202 -28.87 15.42 1.18
CA GLU A 202 -28.48 14.90 2.48
C GLU A 202 -26.99 14.54 2.51
N PHE A 203 -26.50 13.92 1.43
CA PHE A 203 -25.09 13.56 1.37
C PHE A 203 -24.21 14.79 1.42
N ARG A 204 -24.59 15.85 0.71
CA ARG A 204 -23.80 17.08 0.80
C ARG A 204 -23.90 17.70 2.19
N ALA A 205 -25.02 17.50 2.89
CA ALA A 205 -25.19 18.13 4.19
C ALA A 205 -24.32 17.49 5.28
N LYS A 206 -24.21 16.16 5.30
CA LYS A 206 -23.50 15.48 6.38
C LYS A 206 -21.99 15.45 6.18
N SER A 207 -21.48 16.08 5.13
CA SER A 207 -20.07 15.99 4.80
C SER A 207 -19.23 16.94 5.65
N MET A 208 -17.93 16.74 5.60
CA MET A 208 -16.99 17.54 6.38
C MET A 208 -16.99 18.98 5.89
N ASN A 209 -17.27 19.90 6.81
CA ASN A 209 -17.32 21.32 6.49
C ASN A 209 -17.15 22.09 7.78
N PRO A 210 -16.29 23.10 7.83
CA PRO A 210 -16.11 23.87 9.06
C PRO A 210 -17.37 24.56 9.56
N GLU A 211 -18.31 24.89 8.67
CA GLU A 211 -19.54 25.55 9.12
C GLU A 211 -20.35 24.67 10.07
N HIS A 212 -20.32 23.37 9.88
CA HIS A 212 -21.03 22.41 10.73
C HIS A 212 -20.08 21.27 11.08
N PRO A 213 -19.05 21.54 11.89
CA PRO A 213 -17.94 20.60 12.00
C PRO A 213 -18.25 19.39 12.86
N HIS A 214 -17.54 18.30 12.57
CA HIS A 214 -17.62 17.05 13.29
C HIS A 214 -16.24 16.41 13.23
N VAL A 215 -15.99 15.47 14.13
CA VAL A 215 -14.73 14.75 14.22
C VAL A 215 -14.93 13.37 13.59
N ARG A 216 -14.23 13.10 12.50
CA ARG A 216 -14.30 11.79 11.84
C ARG A 216 -12.93 11.16 11.78
N GLY A 217 -12.86 9.88 12.15
CA GLY A 217 -11.58 9.20 12.20
C GLY A 217 -10.97 9.07 13.58
N THR A 218 -11.79 8.90 14.61
CA THR A 218 -11.28 8.90 15.97
C THR A 218 -10.46 7.64 16.25
N ALA A 219 -10.02 7.50 17.49
CA ALA A 219 -9.33 6.31 17.96
C ALA A 219 -10.13 5.79 19.15
N GLN A 220 -10.59 4.55 19.07
CA GLN A 220 -11.45 4.03 20.12
C GLN A 220 -10.80 2.86 20.84
N ASN A 221 -11.31 2.57 22.01
CA ASN A 221 -10.71 1.63 22.94
C ASN A 221 -11.67 0.47 23.15
N PRO A 222 -11.27 -0.65 23.82
CA PRO A 222 -12.13 -1.83 23.93
C PRO A 222 -13.57 -1.55 24.33
N ASP A 223 -13.78 -0.34 24.83
CA ASP A 223 -15.04 0.01 25.46
C ASP A 223 -16.17 0.29 24.48
N ILE A 224 -15.89 0.94 23.36
CA ILE A 224 -16.93 1.42 22.47
C ILE A 224 -16.72 1.07 21.00
N TYR A 225 -15.63 0.38 20.65
CA TYR A 225 -15.38 0.07 19.23
C TYR A 225 -16.42 -0.88 18.66
N PHE A 226 -16.82 -1.87 19.46
CA PHE A 226 -17.80 -2.86 19.01
C PHE A 226 -19.10 -2.21 18.60
N GLN A 227 -19.58 -1.26 19.41
CA GLN A 227 -20.83 -0.57 19.09
C GLN A 227 -20.71 0.30 17.84
N GLY A 228 -19.59 1.00 17.69
CA GLY A 228 -19.41 1.80 16.50
C GLY A 228 -19.28 0.96 15.25
N ARG A 229 -18.85 -0.30 15.41
CA ARG A 229 -18.85 -1.23 14.31
C ARG A 229 -20.28 -1.67 13.98
N GLU A 230 -21.05 -2.04 14.99
CA GLU A 230 -22.38 -2.59 14.83
C GLU A 230 -23.45 -1.55 14.58
N ALA A 231 -23.11 -0.27 14.58
CA ALA A 231 -24.11 0.76 14.36
C ALA A 231 -24.34 1.08 12.88
N ALA A 232 -23.66 0.43 11.96
CA ALA A 232 -23.82 0.69 10.53
C ALA A 232 -24.64 -0.37 9.81
N ASN A 233 -25.27 -1.28 10.56
CA ASN A 233 -26.05 -2.35 9.95
C ASN A 233 -27.26 -1.90 9.13
N PRO A 234 -28.06 -0.91 9.56
CA PRO A 234 -29.27 -0.57 8.77
C PRO A 234 -29.00 -0.19 7.33
N TYR A 235 -27.90 0.53 7.06
CA TYR A 235 -27.62 0.95 5.70
C TYR A 235 -27.39 -0.25 4.79
N TYR A 236 -26.72 -1.28 5.32
CA TYR A 236 -26.51 -2.50 4.55
C TYR A 236 -27.78 -3.33 4.44
N LEU A 237 -28.64 -3.30 5.46
CA LEU A 237 -29.92 -3.96 5.30
C LEU A 237 -30.81 -3.25 4.30
N LYS A 238 -30.54 -2.00 4.00
CA LYS A 238 -31.36 -1.28 3.04
C LYS A 238 -30.80 -1.26 1.63
N VAL A 239 -29.49 -1.44 1.44
CA VAL A 239 -28.91 -1.30 0.10
C VAL A 239 -29.47 -2.26 -0.94
N PRO A 240 -29.72 -3.56 -0.67
CA PRO A 240 -30.18 -4.44 -1.75
C PRO A 240 -31.54 -4.06 -2.34
N GLY A 241 -32.48 -3.62 -1.50
CA GLY A 241 -33.75 -3.14 -2.03
C GLY A 241 -33.58 -1.89 -2.88
N ILE A 242 -32.62 -1.04 -2.51
CA ILE A 242 -32.30 0.11 -3.34
C ILE A 242 -31.78 -0.33 -4.71
N VAL A 243 -30.89 -1.32 -4.73
CA VAL A 243 -30.35 -1.79 -5.99
C VAL A 243 -31.45 -2.38 -6.87
N ALA A 244 -32.34 -3.17 -6.27
CA ALA A 244 -33.45 -3.72 -7.03
C ALA A 244 -34.35 -2.62 -7.58
N GLU A 245 -34.69 -1.63 -6.76
CA GLU A 245 -35.58 -0.58 -7.23
C GLU A 245 -34.93 0.23 -8.34
N TYR A 246 -33.62 0.45 -8.27
CA TYR A 246 -32.96 1.21 -9.31
C TYR A 246 -32.77 0.39 -10.58
N MET A 247 -32.65 -0.92 -10.44
CA MET A 247 -32.72 -1.78 -11.61
C MET A 247 -34.05 -1.61 -12.32
N GLN A 248 -35.14 -1.58 -11.55
CA GLN A 248 -36.45 -1.33 -12.15
C GLN A 248 -36.52 0.03 -12.83
N LYS A 249 -36.03 1.08 -12.15
CA LYS A 249 -36.11 2.42 -12.70
C LYS A 249 -35.29 2.57 -13.98
N VAL A 250 -34.12 1.94 -14.03
CA VAL A 250 -33.30 1.98 -15.24
C VAL A 250 -33.94 1.14 -16.35
N ALA A 251 -34.49 -0.02 -16.01
CA ALA A 251 -35.12 -0.86 -17.02
C ALA A 251 -36.32 -0.18 -17.65
N SER A 252 -37.05 0.63 -16.88
CA SER A 252 -38.14 1.41 -17.47
C SER A 252 -37.63 2.32 -18.58
N LEU A 253 -36.43 2.86 -18.44
CA LEU A 253 -35.84 3.75 -19.43
C LEU A 253 -35.29 2.99 -20.63
N THR A 254 -34.44 1.98 -20.39
CA THR A 254 -33.76 1.31 -21.48
C THR A 254 -34.56 0.14 -22.04
N GLY A 255 -35.40 -0.49 -21.22
CA GLY A 255 -36.15 -1.64 -21.67
C GLY A 255 -35.49 -2.98 -21.45
N ARG A 256 -34.31 -3.02 -20.84
CA ARG A 256 -33.64 -4.25 -20.47
C ARG A 256 -33.75 -4.44 -18.96
N SER A 257 -34.33 -5.55 -18.54
CA SER A 257 -34.64 -5.78 -17.13
C SER A 257 -33.59 -6.67 -16.49
N TYR A 258 -33.08 -6.23 -15.34
CA TYR A 258 -32.12 -6.99 -14.56
C TYR A 258 -32.67 -7.24 -13.16
N LYS A 259 -32.10 -8.25 -12.50
CA LYS A 259 -32.35 -8.54 -11.10
C LYS A 259 -31.01 -8.78 -10.42
N LEU A 260 -31.05 -8.91 -9.10
CA LEU A 260 -29.83 -9.20 -8.35
C LEU A 260 -29.22 -10.54 -8.78
N PHE A 261 -30.08 -11.52 -9.05
CA PHE A 261 -29.69 -12.78 -9.68
C PHE A 261 -30.66 -13.04 -10.81
N ASP A 262 -30.13 -13.30 -11.99
CA ASP A 262 -30.96 -13.58 -13.15
C ASP A 262 -30.87 -15.06 -13.53
N TYR A 263 -31.96 -15.59 -14.05
CA TYR A 263 -31.98 -16.97 -14.52
C TYR A 263 -32.22 -17.00 -16.02
N VAL A 264 -31.43 -17.80 -16.71
CA VAL A 264 -31.55 -17.98 -18.15
C VAL A 264 -31.55 -19.47 -18.44
N GLY A 265 -32.57 -19.94 -19.15
CA GLY A 265 -32.60 -21.34 -19.51
C GLY A 265 -33.86 -22.05 -19.11
N ALA A 266 -33.85 -23.37 -19.21
CA ALA A 266 -35.02 -24.18 -18.96
C ALA A 266 -35.56 -23.94 -17.54
N PRO A 267 -36.83 -23.57 -17.39
CA PRO A 267 -37.39 -23.43 -16.04
C PRO A 267 -37.37 -24.72 -15.25
N ASP A 268 -37.58 -25.84 -15.93
CA ASP A 268 -37.49 -27.17 -15.31
C ASP A 268 -36.13 -27.79 -15.58
N ALA A 269 -35.08 -27.09 -15.15
CA ALA A 269 -33.72 -27.53 -15.42
C ALA A 269 -33.11 -28.19 -14.20
N GLU A 270 -32.30 -29.21 -14.43
CA GLU A 270 -31.66 -29.96 -13.36
C GLU A 270 -30.19 -29.62 -13.17
N ARG A 271 -29.50 -29.16 -14.22
CA ARG A 271 -28.09 -28.83 -14.16
C ARG A 271 -27.95 -27.32 -14.35
N VAL A 272 -27.58 -26.62 -13.28
CA VAL A 272 -27.53 -25.17 -13.29
C VAL A 272 -26.11 -24.73 -12.96
N ILE A 273 -25.55 -23.89 -13.81
CA ILE A 273 -24.28 -23.23 -13.52
C ILE A 273 -24.60 -21.90 -12.85
N VAL A 274 -23.83 -21.57 -11.81
CA VAL A 274 -23.86 -20.27 -11.18
C VAL A 274 -22.55 -19.58 -11.53
N SER A 275 -22.64 -18.43 -12.18
CA SER A 275 -21.45 -17.77 -12.70
C SER A 275 -21.49 -16.29 -12.35
N MET A 276 -20.42 -15.60 -12.69
CA MET A 276 -20.34 -14.16 -12.54
C MET A 276 -19.43 -13.65 -13.64
N GLY A 277 -19.85 -12.61 -14.35
CA GLY A 277 -19.01 -11.94 -15.31
C GLY A 277 -19.25 -12.40 -16.74
N SER A 278 -18.28 -12.07 -17.60
CA SER A 278 -18.45 -12.21 -19.05
C SER A 278 -18.75 -13.65 -19.45
N SER A 279 -18.28 -14.62 -18.68
CA SER A 279 -18.60 -16.01 -18.99
C SER A 279 -20.10 -16.25 -19.01
N CYS A 280 -20.84 -15.50 -18.19
CA CYS A 280 -22.30 -15.64 -18.18
C CYS A 280 -22.88 -15.44 -19.57
N GLU A 281 -22.24 -14.62 -20.40
CA GLU A 281 -22.70 -14.49 -21.78
C GLU A 281 -22.47 -15.79 -22.54
N THR A 282 -21.23 -16.30 -22.52
CA THR A 282 -20.89 -17.46 -23.34
C THR A 282 -21.77 -18.65 -22.96
N ILE A 283 -21.90 -18.92 -21.66
CA ILE A 283 -22.76 -19.99 -21.21
C ILE A 283 -24.16 -19.82 -21.76
N GLU A 284 -24.70 -18.60 -21.68
CA GLU A 284 -26.03 -18.34 -22.21
C GLU A 284 -26.12 -18.78 -23.66
N GLU A 285 -25.13 -18.39 -24.46
CA GLU A 285 -25.10 -18.79 -25.86
C GLU A 285 -25.13 -20.31 -25.99
N VAL A 286 -24.28 -20.98 -25.20
CA VAL A 286 -24.26 -22.44 -25.22
C VAL A 286 -25.63 -23.00 -24.86
N ILE A 287 -26.29 -22.38 -23.88
CA ILE A 287 -27.64 -22.84 -23.51
C ILE A 287 -28.56 -22.74 -24.72
N ASN A 288 -28.53 -21.60 -25.42
CA ASN A 288 -29.40 -21.42 -26.56
C ASN A 288 -29.13 -22.44 -27.65
N HIS A 289 -27.95 -23.05 -27.65
CA HIS A 289 -27.75 -24.20 -28.53
C HIS A 289 -28.42 -25.43 -27.94
N LEU A 290 -28.02 -25.80 -26.73
CA LEU A 290 -28.44 -27.09 -26.16
C LEU A 290 -29.94 -27.13 -25.91
N ALA A 291 -30.56 -25.99 -25.60
CA ALA A 291 -32.00 -25.98 -25.39
C ALA A 291 -32.77 -26.37 -26.64
N ALA A 292 -32.21 -26.14 -27.83
CA ALA A 292 -32.86 -26.58 -29.05
C ALA A 292 -32.77 -28.09 -29.24
N LYS A 293 -31.97 -28.78 -28.42
CA LYS A 293 -31.88 -30.23 -28.42
C LYS A 293 -32.53 -30.85 -27.19
N GLY A 294 -33.45 -30.13 -26.55
CA GLY A 294 -34.15 -30.66 -25.39
C GLY A 294 -33.37 -30.68 -24.10
N GLU A 295 -32.22 -30.02 -24.04
CA GLU A 295 -31.40 -30.05 -22.84
C GLU A 295 -32.07 -29.28 -21.71
N LYS A 296 -32.13 -29.91 -20.54
CA LYS A 296 -32.68 -29.26 -19.34
C LYS A 296 -31.54 -28.68 -18.52
N ILE A 297 -30.97 -27.60 -19.04
CA ILE A 297 -29.87 -26.90 -18.39
C ILE A 297 -30.16 -25.41 -18.40
N GLY A 298 -29.56 -24.71 -17.45
CA GLY A 298 -29.78 -23.30 -17.28
C GLY A 298 -28.60 -22.66 -16.57
N LEU A 299 -28.78 -21.39 -16.20
CA LEU A 299 -27.70 -20.60 -15.65
C LEU A 299 -28.27 -19.52 -14.73
N ILE A 300 -27.59 -19.31 -13.62
CA ILE A 300 -27.84 -18.16 -12.75
C ILE A 300 -26.70 -17.19 -12.95
N LYS A 301 -27.01 -15.99 -13.39
CA LYS A 301 -26.06 -14.90 -13.46
C LYS A 301 -26.14 -14.07 -12.19
N VAL A 302 -25.00 -13.83 -11.56
CA VAL A 302 -24.92 -13.01 -10.36
C VAL A 302 -24.63 -11.59 -10.77
N ARG A 303 -25.48 -10.65 -10.35
CA ARG A 303 -25.23 -9.23 -10.56
C ARG A 303 -24.71 -8.57 -9.29
N LEU A 304 -25.47 -8.66 -8.20
CA LEU A 304 -25.05 -8.13 -6.91
C LEU A 304 -24.34 -9.25 -6.16
N TYR A 305 -23.02 -9.14 -6.05
CA TYR A 305 -22.26 -10.11 -5.28
C TYR A 305 -22.30 -9.78 -3.79
N ARG A 306 -22.07 -8.52 -3.43
CA ARG A 306 -22.13 -8.07 -2.06
C ARG A 306 -23.08 -6.89 -1.98
N PRO A 307 -24.02 -6.86 -1.02
CA PRO A 307 -24.30 -7.95 -0.09
C PRO A 307 -25.03 -9.10 -0.74
N PHE A 308 -24.67 -10.32 -0.38
CA PHE A 308 -25.28 -11.50 -0.98
C PHE A 308 -26.67 -11.73 -0.40
N VAL A 309 -27.68 -11.75 -1.26
CA VAL A 309 -29.08 -11.82 -0.84
C VAL A 309 -29.61 -13.19 -1.26
N SER A 310 -29.81 -14.06 -0.27
CA SER A 310 -30.28 -15.40 -0.59
C SER A 310 -31.73 -15.40 -1.05
N GLU A 311 -32.51 -14.38 -0.67
CA GLU A 311 -33.88 -14.27 -1.17
C GLU A 311 -33.88 -14.17 -2.70
N ALA A 312 -33.10 -13.25 -3.25
CA ALA A 312 -33.00 -13.13 -4.70
C ALA A 312 -32.39 -14.38 -5.33
N PHE A 313 -31.36 -14.95 -4.69
CA PHE A 313 -30.71 -16.13 -5.24
C PHE A 313 -31.68 -17.28 -5.37
N PHE A 314 -32.49 -17.51 -4.35
CA PHE A 314 -33.45 -18.61 -4.37
C PHE A 314 -34.66 -18.29 -5.22
N ALA A 315 -35.00 -17.01 -5.38
CA ALA A 315 -36.04 -16.67 -6.34
C ALA A 315 -35.59 -16.97 -7.76
N ALA A 316 -34.29 -16.83 -8.03
CA ALA A 316 -33.78 -17.19 -9.36
C ALA A 316 -33.66 -18.70 -9.52
N LEU A 317 -33.21 -19.38 -8.48
CA LEU A 317 -32.90 -20.80 -8.59
C LEU A 317 -34.16 -21.62 -8.83
N PRO A 318 -34.23 -22.41 -9.90
CA PRO A 318 -35.37 -23.31 -10.07
C PRO A 318 -35.34 -24.43 -9.04
N ALA A 319 -36.51 -24.73 -8.49
CA ALA A 319 -36.60 -25.76 -7.46
C ALA A 319 -36.41 -27.16 -8.01
N SER A 320 -36.50 -27.33 -9.33
CA SER A 320 -36.23 -28.61 -9.96
C SER A 320 -34.74 -28.87 -10.15
N ALA A 321 -33.90 -27.89 -9.86
CA ALA A 321 -32.46 -28.05 -10.02
C ALA A 321 -31.91 -29.00 -8.99
N LYS A 322 -31.16 -30.00 -9.45
CA LYS A 322 -30.62 -31.04 -8.59
C LYS A 322 -29.12 -30.95 -8.40
N VAL A 323 -28.40 -30.38 -9.36
CA VAL A 323 -26.94 -30.28 -9.29
C VAL A 323 -26.54 -28.89 -9.76
N ILE A 324 -25.70 -28.23 -8.98
CA ILE A 324 -25.24 -26.88 -9.26
C ILE A 324 -23.72 -26.90 -9.31
N THR A 325 -23.14 -26.29 -10.34
CA THR A 325 -21.73 -25.96 -10.37
C THR A 325 -21.58 -24.46 -10.22
N VAL A 326 -20.74 -24.05 -9.29
CA VAL A 326 -20.44 -22.65 -9.05
C VAL A 326 -19.07 -22.37 -9.66
N LEU A 327 -19.05 -21.69 -10.80
CA LEU A 327 -17.81 -21.39 -11.51
C LEU A 327 -17.19 -20.11 -10.97
N ASP A 328 -15.89 -20.16 -10.67
CA ASP A 328 -15.17 -19.04 -10.12
C ASP A 328 -13.89 -18.81 -10.90
N ARG A 329 -13.61 -17.55 -11.22
CA ARG A 329 -12.36 -17.17 -11.89
C ARG A 329 -11.32 -16.70 -10.87
N THR A 330 -11.01 -17.57 -9.93
CA THR A 330 -10.02 -17.23 -8.92
C THR A 330 -9.42 -18.52 -8.39
N LYS A 331 -8.23 -18.38 -7.81
CA LYS A 331 -7.58 -19.48 -7.09
C LYS A 331 -7.22 -18.98 -5.70
N GLU A 332 -7.73 -19.65 -4.67
CA GLU A 332 -7.23 -19.43 -3.32
C GLU A 332 -6.54 -20.69 -2.84
N PRO A 333 -5.23 -20.67 -2.63
CA PRO A 333 -4.52 -21.90 -2.22
C PRO A 333 -4.95 -22.30 -0.82
N GLY A 334 -5.48 -23.52 -0.71
CA GLY A 334 -5.80 -24.09 0.58
C GLY A 334 -7.17 -23.73 1.11
N ALA A 335 -7.89 -22.85 0.46
CA ALA A 335 -9.24 -22.55 0.90
C ALA A 335 -10.15 -23.75 0.66
N PRO A 336 -11.14 -23.97 1.51
CA PRO A 336 -12.12 -25.03 1.24
C PRO A 336 -12.87 -24.84 -0.06
N GLY A 337 -12.98 -23.60 -0.54
CA GLY A 337 -13.57 -23.34 -1.85
C GLY A 337 -13.39 -21.89 -2.20
N ASP A 338 -13.63 -21.58 -3.47
CA ASP A 338 -13.55 -20.21 -3.93
C ASP A 338 -14.75 -19.42 -3.40
N PRO A 339 -14.64 -18.08 -3.34
CA PRO A 339 -15.63 -17.30 -2.57
C PRO A 339 -17.08 -17.47 -2.98
N LEU A 340 -17.37 -17.54 -4.28
CA LEU A 340 -18.75 -17.68 -4.74
C LEU A 340 -19.32 -19.04 -4.35
N TYR A 341 -18.49 -20.07 -4.42
CA TYR A 341 -18.90 -21.39 -3.96
C TYR A 341 -19.26 -21.36 -2.48
N LEU A 342 -18.44 -20.68 -1.67
CA LEU A 342 -18.73 -20.57 -0.25
C LEU A 342 -20.02 -19.80 0.01
N ASP A 343 -20.28 -18.75 -0.78
CA ASP A 343 -21.51 -18.00 -0.62
C ASP A 343 -22.73 -18.86 -0.94
N VAL A 344 -22.69 -19.60 -2.04
CA VAL A 344 -23.82 -20.44 -2.40
C VAL A 344 -24.00 -21.56 -1.37
N CYS A 345 -22.91 -22.15 -0.90
CA CYS A 345 -23.00 -23.17 0.12
C CYS A 345 -23.61 -22.63 1.41
N SER A 346 -23.22 -21.42 1.80
CA SER A 346 -23.80 -20.83 3.00
C SER A 346 -25.28 -20.54 2.80
N ALA A 347 -25.68 -20.09 1.61
CA ALA A 347 -27.10 -19.87 1.35
C ALA A 347 -27.89 -21.17 1.53
N PHE A 348 -27.35 -22.27 1.01
CA PHE A 348 -28.06 -23.53 1.13
C PHE A 348 -28.03 -24.09 2.56
N VAL A 349 -26.99 -23.80 3.32
CA VAL A 349 -26.95 -24.22 4.72
C VAL A 349 -27.96 -23.41 5.53
N GLU A 350 -28.03 -22.11 5.31
CA GLU A 350 -28.95 -21.28 6.06
C GLU A 350 -30.40 -21.54 5.70
N ARG A 351 -30.68 -21.95 4.45
CA ARG A 351 -32.05 -22.28 4.10
C ARG A 351 -32.52 -23.50 4.89
N GLY A 352 -31.67 -24.51 5.01
CA GLY A 352 -32.00 -25.71 5.75
C GLY A 352 -32.88 -26.70 5.02
N GLU A 353 -33.36 -26.36 3.83
CA GLU A 353 -34.19 -27.27 3.04
C GLU A 353 -33.30 -28.27 2.31
N ALA A 354 -33.88 -28.93 1.32
CA ALA A 354 -33.12 -29.89 0.53
C ALA A 354 -31.88 -29.24 -0.06
N MET A 355 -30.75 -29.92 0.03
CA MET A 355 -29.51 -29.37 -0.46
C MET A 355 -29.07 -30.13 -1.71
N PRO A 356 -29.18 -29.52 -2.89
CA PRO A 356 -28.68 -30.16 -4.10
C PRO A 356 -27.18 -30.37 -4.05
N LYS A 357 -26.67 -31.11 -5.02
CA LYS A 357 -25.23 -31.24 -5.15
C LYS A 357 -24.64 -29.92 -5.63
N ILE A 358 -23.60 -29.46 -4.95
CA ILE A 358 -22.92 -28.21 -5.31
C ILE A 358 -21.48 -28.55 -5.67
N LEU A 359 -21.09 -28.15 -6.86
CA LEU A 359 -19.74 -28.38 -7.36
C LEU A 359 -19.04 -27.05 -7.59
N ALA A 360 -17.73 -27.05 -7.45
CA ALA A 360 -16.93 -25.86 -7.67
C ALA A 360 -15.94 -26.12 -8.80
N GLY A 361 -15.79 -25.15 -9.68
CA GLY A 361 -14.84 -25.25 -10.77
C GLY A 361 -14.14 -23.94 -11.02
N ARG A 362 -12.89 -24.04 -11.45
CA ARG A 362 -12.11 -22.89 -11.84
C ARG A 362 -12.08 -22.80 -13.36
N TYR A 363 -12.07 -21.58 -13.87
CA TYR A 363 -12.01 -21.36 -15.31
C TYR A 363 -11.41 -20.00 -15.56
N GLY A 364 -10.87 -19.83 -16.76
CA GLY A 364 -10.53 -18.51 -17.28
C GLY A 364 -9.60 -17.69 -16.41
N LEU A 365 -8.60 -18.33 -15.81
CA LEU A 365 -7.63 -17.59 -15.01
C LEU A 365 -6.62 -16.89 -15.93
N GLY A 366 -6.39 -15.61 -15.69
CA GLY A 366 -5.58 -14.80 -16.59
C GLY A 366 -6.17 -14.59 -17.96
N SER A 367 -7.47 -14.30 -18.04
CA SER A 367 -8.21 -14.21 -19.30
C SER A 367 -7.97 -15.42 -20.18
N LYS A 368 -7.79 -16.58 -19.54
CA LYS A 368 -7.79 -17.84 -20.27
C LYS A 368 -9.13 -18.03 -20.95
N GLU A 369 -9.11 -18.63 -22.13
CA GLU A 369 -10.32 -18.85 -22.90
C GLU A 369 -11.32 -19.69 -22.13
N PHE A 370 -12.61 -19.35 -22.26
CA PHE A 370 -13.72 -20.16 -21.76
C PHE A 370 -14.69 -20.28 -22.93
N SER A 371 -14.52 -21.31 -23.73
CA SER A 371 -15.24 -21.46 -24.99
C SER A 371 -16.50 -22.29 -24.80
N PRO A 372 -17.37 -22.33 -25.81
CA PRO A 372 -18.57 -23.18 -25.71
C PRO A 372 -18.27 -24.63 -25.40
N ALA A 373 -17.16 -25.18 -25.92
CA ALA A 373 -16.84 -26.57 -25.64
C ALA A 373 -16.58 -26.80 -24.16
N MET A 374 -15.97 -25.82 -23.48
CA MET A 374 -15.73 -25.94 -22.05
C MET A 374 -17.02 -25.88 -21.26
N VAL A 375 -17.95 -25.02 -21.67
CA VAL A 375 -19.26 -24.98 -21.02
C VAL A 375 -19.97 -26.31 -21.19
N LYS A 376 -19.90 -26.87 -22.41
CA LYS A 376 -20.49 -28.17 -22.66
C LYS A 376 -19.86 -29.23 -21.77
N SER A 377 -18.54 -29.19 -21.62
CA SER A 377 -17.87 -30.17 -20.77
C SER A 377 -18.30 -30.01 -19.31
N VAL A 378 -18.51 -28.78 -18.85
CA VAL A 378 -19.00 -28.56 -17.49
C VAL A 378 -20.38 -29.17 -17.30
N TYR A 379 -21.28 -28.93 -18.25
CA TYR A 379 -22.61 -29.53 -18.15
C TYR A 379 -22.54 -31.05 -18.24
N ASP A 380 -21.61 -31.58 -19.04
CA ASP A 380 -21.46 -33.04 -19.13
C ASP A 380 -20.94 -33.62 -17.82
N ASN A 381 -20.01 -32.92 -17.18
CA ASN A 381 -19.54 -33.31 -15.85
C ASN A 381 -20.70 -33.37 -14.88
N MET A 382 -21.59 -32.39 -14.94
CA MET A 382 -22.78 -32.44 -14.11
C MET A 382 -23.65 -33.64 -14.48
N SER A 383 -23.76 -33.94 -15.78
CA SER A 383 -24.70 -34.96 -16.23
C SER A 383 -24.34 -36.33 -15.71
N GLY A 384 -23.05 -36.66 -15.69
CA GLY A 384 -22.61 -37.95 -15.19
C GLY A 384 -21.14 -37.92 -14.84
N ALA A 385 -20.76 -38.79 -13.90
CA ALA A 385 -19.40 -38.83 -13.37
C ALA A 385 -18.99 -37.45 -12.85
N LYS A 386 -19.76 -36.98 -11.88
CA LYS A 386 -19.58 -35.64 -11.34
C LYS A 386 -18.25 -35.50 -10.62
N LYS A 387 -17.61 -34.35 -10.79
CA LYS A 387 -16.30 -34.09 -10.20
C LYS A 387 -16.31 -32.74 -9.49
N ASN A 388 -15.84 -32.73 -8.25
CA ASN A 388 -15.83 -31.52 -7.45
C ASN A 388 -14.43 -30.94 -7.41
N HIS A 389 -14.36 -29.60 -7.41
CA HIS A 389 -13.11 -28.85 -7.37
C HIS A 389 -12.24 -29.18 -8.59
N PHE A 390 -12.80 -28.91 -9.76
CA PHE A 390 -12.10 -29.08 -11.01
C PHE A 390 -11.61 -27.74 -11.54
N THR A 391 -10.76 -27.83 -12.57
CA THR A 391 -10.37 -26.69 -13.40
C THR A 391 -10.81 -27.06 -14.82
N VAL A 392 -11.39 -26.11 -15.52
CA VAL A 392 -11.75 -26.36 -16.92
C VAL A 392 -11.01 -25.38 -17.81
N GLY A 393 -10.39 -25.90 -18.86
CA GLY A 393 -9.67 -25.10 -19.82
C GLY A 393 -8.22 -25.51 -20.00
N ILE A 394 -7.56 -26.01 -18.95
CA ILE A 394 -6.17 -26.40 -19.01
C ILE A 394 -6.05 -27.90 -18.77
N GLU A 395 -4.96 -28.47 -19.25
CA GLU A 395 -4.66 -29.88 -19.08
C GLU A 395 -3.82 -30.02 -17.81
N ASP A 396 -4.50 -30.27 -16.70
CA ASP A 396 -3.81 -30.43 -15.42
C ASP A 396 -3.26 -31.84 -15.31
N ASP A 397 -1.99 -31.95 -14.93
CA ASP A 397 -1.35 -33.23 -14.71
C ASP A 397 -0.48 -33.24 -13.46
N VAL A 398 -0.54 -32.19 -12.65
CA VAL A 398 0.19 -32.15 -11.38
C VAL A 398 -0.72 -32.46 -10.19
N THR A 399 -2.04 -32.31 -10.33
CA THR A 399 -2.96 -32.74 -9.29
C THR A 399 -4.24 -33.35 -9.84
N GLY A 400 -4.36 -33.56 -11.14
CA GLY A 400 -5.52 -34.19 -11.72
C GLY A 400 -6.83 -33.46 -11.46
N THR A 401 -6.87 -32.16 -11.71
CA THR A 401 -8.05 -31.35 -11.44
C THR A 401 -8.60 -30.71 -12.71
N SER A 402 -8.67 -31.47 -13.81
CA SER A 402 -9.07 -30.91 -15.10
C SER A 402 -10.16 -31.76 -15.74
N LEU A 403 -11.19 -31.11 -16.28
CA LEU A 403 -12.21 -31.82 -17.01
C LEU A 403 -11.76 -32.08 -18.44
N PRO A 404 -12.17 -33.20 -19.05
CA PRO A 404 -11.90 -33.40 -20.48
C PRO A 404 -12.80 -32.55 -21.33
N VAL A 405 -12.22 -31.88 -22.33
CA VAL A 405 -12.95 -30.97 -23.19
C VAL A 405 -12.87 -31.49 -24.61
N ASP A 406 -14.03 -31.63 -25.25
CA ASP A 406 -14.11 -32.01 -26.65
C ASP A 406 -14.11 -30.74 -27.49
N ASN A 407 -13.11 -30.59 -28.35
CA ASN A 407 -12.98 -29.39 -29.17
C ASN A 407 -13.62 -29.56 -30.54
N ALA A 408 -14.68 -30.36 -30.63
CA ALA A 408 -15.46 -30.49 -31.85
C ALA A 408 -16.88 -29.95 -31.66
N PHE A 409 -17.09 -29.04 -30.71
CA PHE A 409 -18.40 -28.42 -30.54
C PHE A 409 -18.72 -27.54 -31.73
N ALA A 410 -19.86 -27.80 -32.36
CA ALA A 410 -20.24 -27.09 -33.57
C ALA A 410 -20.55 -25.63 -33.29
N ASP A 411 -20.89 -24.90 -34.35
CA ASP A 411 -21.14 -23.47 -34.24
C ASP A 411 -22.35 -23.20 -33.36
N THR A 412 -22.10 -22.68 -32.16
CA THR A 412 -23.15 -22.27 -31.25
C THR A 412 -23.56 -20.82 -31.43
N THR A 413 -22.77 -20.02 -32.12
CA THR A 413 -23.15 -18.64 -32.41
C THR A 413 -24.41 -18.63 -33.26
N PRO A 414 -25.40 -17.80 -32.94
CA PRO A 414 -26.70 -17.90 -33.60
C PRO A 414 -26.61 -17.68 -35.10
N LYS A 415 -27.43 -18.42 -35.85
CA LYS A 415 -27.40 -18.35 -37.30
C LYS A 415 -27.72 -16.94 -37.77
N GLY A 416 -27.03 -16.52 -38.82
CA GLY A 416 -27.11 -15.17 -39.31
C GLY A 416 -25.86 -14.36 -39.10
N THR A 417 -24.81 -14.96 -38.55
CA THR A 417 -23.62 -14.25 -38.11
C THR A 417 -22.46 -14.51 -39.07
N ILE A 418 -21.54 -13.56 -39.11
CA ILE A 418 -20.36 -13.62 -39.96
C ILE A 418 -19.15 -13.51 -39.04
N GLN A 419 -18.26 -14.51 -39.09
CA GLN A 419 -17.04 -14.52 -38.31
C GLN A 419 -15.83 -14.29 -39.21
N CYS A 420 -14.97 -13.37 -38.79
CA CYS A 420 -13.82 -12.94 -39.58
C CYS A 420 -12.59 -12.97 -38.69
N GLN A 421 -11.51 -13.56 -39.20
CA GLN A 421 -10.22 -13.49 -38.54
C GLN A 421 -9.24 -12.73 -39.42
N PHE A 422 -8.60 -11.72 -38.84
CA PHE A 422 -7.63 -10.89 -39.55
C PHE A 422 -6.30 -11.02 -38.82
N TRP A 423 -5.36 -11.75 -39.41
CA TRP A 423 -4.01 -11.80 -38.89
C TRP A 423 -3.22 -10.66 -39.51
N GLY A 424 -2.45 -9.95 -38.70
CA GLY A 424 -1.72 -8.81 -39.22
C GLY A 424 -0.41 -8.63 -38.49
N LEU A 425 0.47 -7.86 -39.10
CA LEU A 425 1.71 -7.45 -38.47
C LEU A 425 1.49 -6.12 -37.77
N GLY A 426 2.17 -5.93 -36.65
CA GLY A 426 1.94 -4.75 -35.84
C GLY A 426 2.13 -3.47 -36.63
N ALA A 427 1.24 -2.52 -36.39
CA ALA A 427 1.24 -1.18 -36.99
C ALA A 427 1.12 -1.20 -38.51
N ASP A 428 0.64 -2.29 -39.11
CA ASP A 428 0.27 -2.27 -40.52
C ASP A 428 -1.16 -1.79 -40.73
N GLY A 429 -1.86 -1.42 -39.67
CA GLY A 429 -3.17 -0.81 -39.76
C GLY A 429 -4.34 -1.76 -39.80
N THR A 430 -4.15 -3.02 -39.42
CA THR A 430 -5.26 -3.97 -39.50
C THR A 430 -6.31 -3.69 -38.43
N VAL A 431 -5.88 -3.45 -37.19
CA VAL A 431 -6.86 -3.19 -36.14
C VAL A 431 -7.54 -1.86 -36.36
N GLY A 432 -6.81 -0.85 -36.83
CA GLY A 432 -7.44 0.41 -37.16
C GLY A 432 -8.48 0.28 -38.25
N ALA A 433 -8.15 -0.49 -39.30
CA ALA A 433 -9.09 -0.74 -40.38
C ALA A 433 -10.30 -1.51 -39.89
N ASN A 434 -10.10 -2.47 -38.98
CA ASN A 434 -11.20 -3.27 -38.48
C ASN A 434 -12.11 -2.46 -37.55
N LYS A 435 -11.53 -1.58 -36.73
CA LYS A 435 -12.34 -0.68 -35.94
C LYS A 435 -13.15 0.25 -36.84
N GLN A 436 -12.52 0.77 -37.90
CA GLN A 436 -13.27 1.57 -38.85
C GLN A 436 -14.40 0.76 -39.48
N ALA A 437 -14.14 -0.51 -39.79
CA ALA A 437 -15.16 -1.35 -40.40
C ALA A 437 -16.33 -1.58 -39.46
N ILE A 438 -16.04 -1.86 -38.19
CA ILE A 438 -17.10 -2.05 -37.20
C ILE A 438 -17.91 -0.77 -37.04
N LYS A 439 -17.23 0.36 -36.97
CA LYS A 439 -17.94 1.64 -36.82
C LYS A 439 -18.80 1.94 -38.05
N ILE A 440 -18.27 1.68 -39.25
CA ILE A 440 -19.00 1.96 -40.47
C ILE A 440 -20.24 1.08 -40.56
N ILE A 441 -20.08 -0.22 -40.34
CA ILE A 441 -21.21 -1.14 -40.40
C ILE A 441 -22.22 -0.82 -39.31
N GLY A 442 -21.75 -0.47 -38.11
CA GLY A 442 -22.66 -0.15 -37.02
C GLY A 442 -23.47 1.10 -37.28
N ASP A 443 -22.81 2.15 -37.76
CA ASP A 443 -23.51 3.40 -38.04
C ASP A 443 -24.40 3.31 -39.26
N ASN A 444 -24.11 2.40 -40.20
CA ASN A 444 -24.86 2.36 -41.44
C ASN A 444 -25.82 1.17 -41.56
N THR A 445 -25.86 0.27 -40.58
CA THR A 445 -26.70 -0.91 -40.70
C THR A 445 -27.34 -1.26 -39.36
N ASP A 446 -28.27 -2.22 -39.42
CA ASP A 446 -28.96 -2.74 -38.24
C ASP A 446 -28.35 -4.06 -37.79
N LEU A 447 -27.03 -4.17 -37.89
CA LEU A 447 -26.31 -5.37 -37.50
C LEU A 447 -25.49 -5.09 -36.25
N PHE A 448 -25.49 -6.04 -35.32
CA PHE A 448 -24.61 -5.97 -34.18
C PHE A 448 -23.20 -6.38 -34.57
N ALA A 449 -22.23 -5.59 -34.15
CA ALA A 449 -20.84 -5.78 -34.57
C ALA A 449 -19.97 -5.92 -33.33
N GLN A 450 -19.49 -7.15 -33.09
CA GLN A 450 -18.54 -7.42 -32.03
C GLN A 450 -17.15 -7.51 -32.63
N GLY A 451 -16.16 -6.96 -31.94
CA GLY A 451 -14.80 -7.05 -32.39
C GLY A 451 -13.82 -7.18 -31.26
N TYR A 452 -12.95 -8.19 -31.31
CA TYR A 452 -11.93 -8.39 -30.29
C TYR A 452 -10.55 -8.41 -30.94
N PHE A 453 -9.56 -7.94 -30.18
CA PHE A 453 -8.21 -7.71 -30.69
C PHE A 453 -7.18 -8.41 -29.80
N SER A 454 -6.72 -9.59 -30.20
CA SER A 454 -5.60 -10.23 -29.55
C SER A 454 -4.30 -9.58 -30.01
N TYR A 455 -3.40 -9.35 -29.07
CA TYR A 455 -2.14 -8.69 -29.33
C TYR A 455 -0.98 -9.63 -29.01
N ASP A 456 0.22 -9.07 -28.98
CA ASP A 456 1.43 -9.82 -28.74
C ASP A 456 2.28 -9.11 -27.69
N SER A 457 3.13 -9.87 -27.02
CA SER A 457 4.04 -9.32 -26.03
C SER A 457 5.17 -8.53 -26.66
N LYS A 458 5.52 -8.83 -27.91
CA LYS A 458 6.59 -8.13 -28.59
C LYS A 458 6.12 -6.76 -29.06
N LYS A 459 6.87 -5.72 -28.69
CA LYS A 459 6.44 -4.37 -28.98
C LYS A 459 6.58 -4.03 -30.46
N SER A 460 7.68 -4.41 -31.09
CA SER A 460 7.95 -4.14 -32.49
C SER A 460 7.89 -5.44 -33.29
N GLY A 461 7.13 -5.44 -34.37
CA GLY A 461 6.99 -6.62 -35.19
C GLY A 461 6.08 -7.68 -34.63
N GLY A 462 5.32 -7.38 -33.58
CA GLY A 462 4.43 -8.36 -33.01
C GLY A 462 3.25 -8.69 -33.92
N ILE A 463 2.75 -9.90 -33.79
CA ILE A 463 1.53 -10.27 -34.50
C ILE A 463 0.33 -9.67 -33.80
N THR A 464 -0.70 -9.35 -34.57
CA THR A 464 -1.94 -8.83 -34.05
C THR A 464 -3.09 -9.54 -34.73
N ILE A 465 -3.88 -10.26 -33.94
CA ILE A 465 -5.00 -11.04 -34.46
C ILE A 465 -6.28 -10.29 -34.11
N SER A 466 -7.23 -10.28 -35.04
CA SER A 466 -8.50 -9.63 -34.80
C SER A 466 -9.63 -10.59 -35.16
N HIS A 467 -10.61 -10.71 -34.27
CA HIS A 467 -11.77 -11.56 -34.45
C HIS A 467 -12.99 -10.66 -34.51
N LEU A 468 -13.74 -10.73 -35.61
CA LEU A 468 -14.91 -9.88 -35.79
C LEU A 468 -16.13 -10.75 -36.02
N ARG A 469 -17.24 -10.38 -35.39
CA ARG A 469 -18.52 -11.03 -35.62
C ARG A 469 -19.50 -9.95 -36.01
N PHE A 470 -20.33 -10.22 -37.00
CA PHE A 470 -21.41 -9.33 -37.39
C PHE A 470 -22.68 -10.15 -37.50
N GLY A 471 -23.67 -9.83 -36.69
CA GLY A 471 -24.84 -10.69 -36.56
C GLY A 471 -26.13 -9.90 -36.52
N GLU A 472 -27.17 -10.50 -37.11
CA GLU A 472 -28.51 -9.93 -37.01
C GLU A 472 -29.00 -9.96 -35.57
N LYS A 473 -28.76 -11.06 -34.86
CA LYS A 473 -29.06 -11.21 -33.44
C LYS A 473 -27.93 -10.64 -32.59
N PRO A 474 -28.21 -10.24 -31.36
CA PRO A 474 -27.15 -9.70 -30.49
C PRO A 474 -26.03 -10.71 -30.27
N ILE A 475 -24.82 -10.20 -30.17
CA ILE A 475 -23.62 -11.03 -30.13
C ILE A 475 -23.27 -11.34 -28.68
N GLN A 476 -23.52 -12.58 -28.27
CA GLN A 476 -23.19 -13.04 -26.92
C GLN A 476 -21.92 -13.88 -26.88
N SER A 477 -21.25 -14.06 -28.00
CA SER A 477 -20.09 -14.95 -28.08
C SER A 477 -18.88 -14.21 -27.51
N THR A 478 -18.61 -14.45 -26.23
CA THR A 478 -17.55 -13.75 -25.51
C THR A 478 -16.31 -14.63 -25.42
N TYR A 479 -15.72 -14.89 -26.60
CA TYR A 479 -14.54 -15.73 -26.71
C TYR A 479 -13.94 -15.52 -28.10
N LEU A 480 -12.66 -15.86 -28.23
CA LEU A 480 -11.97 -15.72 -29.51
C LEU A 480 -12.61 -16.62 -30.55
N VAL A 481 -12.64 -16.15 -31.79
CA VAL A 481 -13.20 -16.93 -32.89
C VAL A 481 -12.33 -18.15 -33.13
N ASN A 482 -12.97 -19.31 -33.35
CA ASN A 482 -12.26 -20.54 -33.66
C ASN A 482 -12.79 -21.24 -34.90
N ARG A 483 -13.93 -20.81 -35.45
CA ARG A 483 -14.45 -21.33 -36.72
C ARG A 483 -14.92 -20.14 -37.53
N ALA A 484 -14.03 -19.63 -38.38
CA ALA A 484 -14.21 -18.35 -39.04
C ALA A 484 -14.88 -18.53 -40.39
N ASP A 485 -15.78 -17.59 -40.72
CA ASP A 485 -16.31 -17.50 -42.07
C ASP A 485 -15.26 -17.04 -43.06
N TYR A 486 -14.39 -16.13 -42.65
CA TYR A 486 -13.51 -15.43 -43.57
C TYR A 486 -12.17 -15.15 -42.87
N VAL A 487 -11.10 -15.74 -43.38
CA VAL A 487 -9.76 -15.53 -42.85
C VAL A 487 -9.03 -14.58 -43.79
N ALA A 488 -8.20 -13.71 -43.21
CA ALA A 488 -7.41 -12.76 -43.98
C ALA A 488 -6.03 -12.65 -43.36
N CYS A 489 -5.01 -13.07 -44.11
CA CYS A 489 -3.63 -12.93 -43.70
C CYS A 489 -3.08 -11.65 -44.33
N HIS A 490 -2.67 -10.72 -43.49
CA HIS A 490 -2.12 -9.45 -43.94
C HIS A 490 -0.60 -9.47 -44.03
N ASN A 491 0.02 -10.61 -43.80
CA ASN A 491 1.47 -10.73 -43.82
C ASN A 491 1.83 -12.15 -44.25
N PRO A 492 2.34 -12.34 -45.47
CA PRO A 492 2.67 -13.70 -45.93
C PRO A 492 3.79 -14.35 -45.14
N ALA A 493 4.59 -13.56 -44.41
CA ALA A 493 5.60 -14.13 -43.54
C ALA A 493 4.99 -15.12 -42.56
N TYR A 494 3.77 -14.83 -42.09
CA TYR A 494 3.08 -15.71 -41.15
C TYR A 494 2.65 -17.03 -41.76
N VAL A 495 2.55 -17.12 -43.09
CA VAL A 495 1.97 -18.31 -43.71
C VAL A 495 2.82 -19.54 -43.41
N GLY A 496 4.09 -19.34 -43.08
CA GLY A 496 4.88 -20.43 -42.56
C GLY A 496 5.07 -20.45 -41.06
N ILE A 497 4.98 -19.28 -40.42
CA ILE A 497 5.34 -19.16 -39.01
C ILE A 497 4.19 -19.59 -38.11
N TYR A 498 2.95 -19.30 -38.51
CA TYR A 498 1.77 -19.66 -37.73
C TYR A 498 0.81 -20.48 -38.58
N ASP A 499 -0.24 -20.98 -37.92
CA ASP A 499 -1.33 -21.68 -38.60
C ASP A 499 -2.44 -20.67 -38.82
N ILE A 500 -2.58 -20.21 -40.06
CA ILE A 500 -3.54 -19.16 -40.37
C ILE A 500 -4.92 -19.76 -40.58
N LEU A 501 -5.00 -21.04 -40.93
CA LEU A 501 -6.26 -21.69 -41.27
C LEU A 501 -6.71 -22.68 -40.21
N GLU A 502 -6.27 -22.51 -38.96
CA GLU A 502 -6.77 -23.36 -37.88
C GLU A 502 -8.21 -23.03 -37.52
N GLY A 503 -8.69 -21.85 -37.89
CA GLY A 503 -10.04 -21.44 -37.57
C GLY A 503 -10.94 -21.31 -38.79
N ILE A 504 -10.50 -21.83 -39.92
CA ILE A 504 -11.30 -21.74 -41.14
C ILE A 504 -12.53 -22.64 -41.01
N LYS A 505 -13.50 -22.43 -41.88
CA LYS A 505 -14.63 -23.34 -42.02
C LYS A 505 -14.68 -23.86 -43.47
N ASP A 506 -15.67 -24.69 -43.75
CA ASP A 506 -15.79 -25.32 -45.05
C ASP A 506 -16.25 -24.30 -46.08
N GLY A 507 -15.42 -24.08 -47.10
CA GLY A 507 -15.68 -23.04 -48.07
C GLY A 507 -15.35 -21.64 -47.61
N GLY A 508 -14.81 -21.48 -46.40
CA GLY A 508 -14.50 -20.18 -45.85
C GLY A 508 -13.49 -19.41 -46.68
N THR A 509 -13.84 -18.19 -47.07
CA THR A 509 -12.99 -17.37 -47.91
C THR A 509 -11.67 -17.07 -47.21
N PHE A 510 -10.56 -17.42 -47.85
CA PHE A 510 -9.22 -17.14 -47.34
C PHE A 510 -8.56 -16.13 -48.26
N VAL A 511 -8.33 -14.93 -47.75
CA VAL A 511 -7.69 -13.85 -48.50
C VAL A 511 -6.27 -13.66 -47.98
N LEU A 512 -5.30 -13.81 -48.87
CA LEU A 512 -3.89 -13.80 -48.51
C LEU A 512 -3.20 -12.64 -49.21
N ASN A 513 -2.46 -11.85 -48.42
CA ASN A 513 -1.50 -10.90 -48.98
C ASN A 513 -0.23 -11.66 -49.34
N SER A 514 0.18 -11.57 -50.60
CA SER A 514 1.37 -12.29 -51.03
C SER A 514 1.91 -11.71 -52.34
N PRO A 515 3.18 -11.30 -52.38
CA PRO A 515 3.73 -10.81 -53.66
C PRO A 515 3.72 -11.87 -54.75
N TRP A 516 3.92 -13.14 -54.39
CA TRP A 516 3.99 -14.19 -55.41
C TRP A 516 2.58 -14.54 -55.85
N SER A 517 2.08 -13.75 -56.81
CA SER A 517 0.76 -13.94 -57.38
C SER A 517 0.88 -14.70 -58.70
N SER A 518 1.14 -16.01 -58.58
CA SER A 518 1.22 -16.89 -59.74
C SER A 518 0.95 -18.31 -59.26
N LEU A 519 0.63 -19.19 -60.21
CA LEU A 519 0.44 -20.60 -59.87
C LEU A 519 1.74 -21.20 -59.35
N GLU A 520 2.83 -21.06 -60.10
CA GLU A 520 4.09 -21.69 -59.74
C GLU A 520 4.69 -21.10 -58.48
N ASP A 521 4.63 -19.79 -58.30
CA ASP A 521 5.23 -19.19 -57.12
C ASP A 521 4.46 -19.55 -55.86
N MET A 522 3.13 -19.65 -55.95
CA MET A 522 2.36 -20.18 -54.83
C MET A 522 2.68 -21.65 -54.57
N ASP A 523 2.91 -22.42 -55.63
CA ASP A 523 3.37 -23.80 -55.45
C ASP A 523 4.69 -23.84 -54.70
N LYS A 524 5.56 -22.86 -54.95
CA LYS A 524 6.88 -22.86 -54.33
C LYS A 524 6.86 -22.34 -52.90
N HIS A 525 5.96 -21.41 -52.58
CA HIS A 525 6.00 -20.75 -51.28
C HIS A 525 4.97 -21.27 -50.29
N LEU A 526 3.79 -21.66 -50.75
CA LEU A 526 2.74 -22.08 -49.83
C LEU A 526 3.11 -23.42 -49.20
N PRO A 527 3.21 -23.50 -47.87
CA PRO A 527 3.59 -24.76 -47.24
C PRO A 527 2.57 -25.84 -47.54
N SER A 528 3.06 -27.09 -47.57
CA SER A 528 2.23 -28.21 -48.02
C SER A 528 0.98 -28.36 -47.16
N GLY A 529 1.08 -28.06 -45.87
CA GLY A 529 -0.09 -28.17 -45.01
C GLY A 529 -1.19 -27.20 -45.38
N ILE A 530 -0.83 -25.94 -45.62
CA ILE A 530 -1.82 -24.94 -45.99
C ILE A 530 -2.43 -25.25 -47.36
N LYS A 531 -1.60 -25.72 -48.29
CA LYS A 531 -2.11 -26.10 -49.61
C LYS A 531 -3.10 -27.27 -49.49
N ARG A 532 -2.76 -28.27 -48.69
CA ARG A 532 -3.66 -29.41 -48.53
C ARG A 532 -4.97 -28.98 -47.88
N THR A 533 -4.91 -28.08 -46.92
CA THR A 533 -6.15 -27.55 -46.33
C THR A 533 -6.99 -26.84 -47.38
N ILE A 534 -6.37 -25.93 -48.14
CA ILE A 534 -7.12 -25.13 -49.11
C ILE A 534 -7.76 -26.04 -50.16
N ALA A 535 -7.06 -27.09 -50.57
CA ALA A 535 -7.61 -27.99 -51.57
C ALA A 535 -8.68 -28.91 -50.99
N ASN A 536 -8.49 -29.41 -49.78
CA ASN A 536 -9.35 -30.45 -49.25
C ASN A 536 -10.75 -29.91 -48.94
N LYS A 537 -10.86 -28.98 -48.01
CA LYS A 537 -12.15 -28.49 -47.55
C LYS A 537 -12.80 -27.52 -48.53
N LYS A 538 -12.27 -27.42 -49.75
CA LYS A 538 -12.89 -26.66 -50.84
C LYS A 538 -13.12 -25.21 -50.42
N LEU A 539 -12.01 -24.51 -50.20
CA LEU A 539 -12.02 -23.12 -49.81
C LEU A 539 -12.21 -22.22 -51.02
N LYS A 540 -12.42 -20.93 -50.75
CA LYS A 540 -12.32 -19.86 -51.75
C LYS A 540 -11.04 -19.08 -51.45
N PHE A 541 -9.95 -19.43 -52.11
CA PHE A 541 -8.65 -18.81 -51.87
C PHE A 541 -8.47 -17.63 -52.83
N TYR A 542 -8.31 -16.43 -52.27
CA TYR A 542 -8.06 -15.21 -53.02
C TYR A 542 -6.69 -14.71 -52.60
N ASN A 543 -5.74 -14.69 -53.53
CA ASN A 543 -4.42 -14.11 -53.28
C ASN A 543 -4.35 -12.76 -53.96
N ILE A 544 -3.90 -11.74 -53.23
CA ILE A 544 -3.64 -10.44 -53.83
C ILE A 544 -2.33 -9.89 -53.29
N ASP A 545 -1.51 -9.33 -54.17
CA ASP A 545 -0.31 -8.59 -53.79
C ASP A 545 -0.72 -7.14 -53.61
N ALA A 546 -1.06 -6.78 -52.39
CA ALA A 546 -1.54 -5.44 -52.13
C ALA A 546 -0.41 -4.42 -52.04
N VAL A 547 0.83 -4.86 -51.84
CA VAL A 547 1.95 -3.92 -51.74
C VAL A 547 2.24 -3.29 -53.09
N LYS A 548 2.23 -4.09 -54.15
CA LYS A 548 2.40 -3.55 -55.50
C LYS A 548 1.28 -2.57 -55.84
N ILE A 549 0.05 -2.91 -55.46
CA ILE A 549 -1.08 -2.02 -55.72
C ILE A 549 -0.89 -0.69 -54.99
N ALA A 550 -0.49 -0.75 -53.72
CA ALA A 550 -0.30 0.49 -52.96
C ALA A 550 0.86 1.30 -53.54
N THR A 551 1.94 0.64 -53.95
CA THR A 551 3.08 1.35 -54.52
C THR A 551 2.72 2.02 -55.84
N ASP A 552 1.87 1.36 -56.64
CA ASP A 552 1.42 1.95 -57.89
C ASP A 552 0.65 3.24 -57.66
N VAL A 553 -0.27 3.23 -56.70
CA VAL A 553 -1.18 4.35 -56.48
C VAL A 553 -0.48 5.41 -55.62
N GLY A 554 0.81 5.24 -55.38
CA GLY A 554 1.63 6.23 -54.71
C GLY A 554 1.17 6.61 -53.31
N ARG A 558 1.24 1.53 -47.42
CA ARG A 558 0.07 1.26 -46.59
C ARG A 558 -0.94 0.40 -47.33
N ILE A 559 -1.11 -0.83 -46.88
CA ILE A 559 -2.05 -1.77 -47.48
C ILE A 559 -3.40 -1.73 -46.76
N ASN A 560 -3.67 -0.68 -45.99
CA ASN A 560 -4.90 -0.64 -45.18
C ASN A 560 -6.13 -0.67 -46.08
N MET A 561 -6.14 0.15 -47.13
CA MET A 561 -7.37 0.32 -47.90
C MET A 561 -7.65 -0.89 -48.77
N ILE A 562 -6.61 -1.52 -49.32
CA ILE A 562 -6.84 -2.73 -50.12
C ILE A 562 -7.41 -3.84 -49.25
N MET A 563 -6.88 -4.01 -48.04
CA MET A 563 -7.39 -5.04 -47.13
C MET A 563 -8.81 -4.73 -46.69
N GLN A 564 -9.11 -3.47 -46.39
CA GLN A 564 -10.47 -3.12 -46.00
C GLN A 564 -11.43 -3.34 -47.17
N THR A 565 -10.99 -3.06 -48.39
CA THR A 565 -11.80 -3.33 -49.57
C THR A 565 -12.03 -4.82 -49.75
N ALA A 566 -11.00 -5.63 -49.52
CA ALA A 566 -11.17 -7.08 -49.61
C ALA A 566 -12.20 -7.56 -48.61
N PHE A 567 -12.13 -7.04 -47.39
CA PHE A 567 -13.14 -7.36 -46.39
C PHE A 567 -14.54 -6.94 -46.84
N PHE A 568 -14.68 -5.70 -47.32
CA PHE A 568 -16.00 -5.16 -47.60
C PHE A 568 -16.60 -5.77 -48.86
N LYS A 569 -15.80 -6.43 -49.68
CA LYS A 569 -16.37 -7.11 -50.84
C LYS A 569 -16.44 -8.62 -50.69
N LEU A 570 -15.76 -9.19 -49.69
CA LEU A 570 -15.65 -10.63 -49.58
C LEU A 570 -16.16 -11.21 -48.26
N ALA A 571 -16.50 -10.38 -47.28
CA ALA A 571 -17.01 -10.90 -46.02
C ALA A 571 -18.46 -11.36 -46.12
N GLY A 572 -19.23 -10.78 -47.04
CA GLY A 572 -20.64 -11.07 -47.15
C GLY A 572 -21.54 -10.28 -46.21
N VAL A 573 -20.98 -9.39 -45.39
CA VAL A 573 -21.80 -8.71 -44.39
C VAL A 573 -22.69 -7.66 -45.04
N LEU A 574 -22.28 -7.13 -46.19
CA LEU A 574 -23.04 -6.08 -46.86
C LEU A 574 -23.34 -6.49 -48.31
N ALA A 579 -21.29 -0.94 -48.71
CA ALA A 579 -19.94 -1.47 -48.61
C ALA A 579 -18.97 -0.63 -49.43
N VAL A 580 -19.03 -0.81 -50.76
CA VAL A 580 -18.21 -0.02 -51.66
C VAL A 580 -18.51 1.45 -51.47
N ASP A 581 -19.79 1.81 -51.50
CA ASP A 581 -20.19 3.19 -51.26
C ASP A 581 -19.82 3.63 -49.85
N LEU A 582 -20.01 2.74 -48.87
CA LEU A 582 -19.75 3.11 -47.47
C LEU A 582 -18.27 3.38 -47.25
N LEU A 583 -17.40 2.50 -47.75
CA LEU A 583 -15.96 2.71 -47.58
C LEU A 583 -15.50 3.93 -48.37
N LYS A 584 -16.05 4.15 -49.56
CA LYS A 584 -15.68 5.33 -50.34
C LYS A 584 -16.06 6.60 -49.59
N LYS A 585 -17.28 6.65 -49.06
CA LYS A 585 -17.71 7.84 -48.33
C LYS A 585 -16.91 8.04 -47.05
N SER A 586 -16.58 6.95 -46.36
CA SER A 586 -15.77 7.07 -45.15
C SER A 586 -14.38 7.60 -45.47
N ILE A 587 -13.80 7.18 -46.59
CA ILE A 587 -12.52 7.75 -47.02
C ILE A 587 -12.71 9.24 -47.30
N HIS A 588 -13.79 9.59 -47.98
CA HIS A 588 -14.07 11.00 -48.24
C HIS A 588 -14.13 11.82 -46.96
N LYS A 589 -14.72 11.25 -45.91
CA LYS A 589 -14.85 11.97 -44.64
C LYS A 589 -13.48 12.25 -44.03
N ALA A 590 -12.55 11.30 -44.14
CA ALA A 590 -11.21 11.47 -43.61
C ALA A 590 -10.45 12.54 -44.37
N ILE A 598 -4.81 13.22 -51.82
CA ILE A 598 -4.94 12.18 -50.80
C ILE A 598 -6.13 11.29 -51.08
N VAL A 599 -7.32 11.92 -51.11
CA VAL A 599 -8.56 11.17 -51.30
C VAL A 599 -8.52 10.35 -52.57
N LYS A 600 -8.05 10.95 -53.66
CA LYS A 600 -8.05 10.30 -54.96
C LYS A 600 -7.19 9.03 -54.94
N MET A 601 -6.02 9.10 -54.31
CA MET A 601 -5.16 7.93 -54.21
C MET A 601 -5.88 6.79 -53.47
N ASN A 602 -6.56 7.12 -52.39
CA ASN A 602 -7.25 6.10 -51.61
C ASN A 602 -8.36 5.45 -52.41
N THR A 603 -9.15 6.24 -53.13
CA THR A 603 -10.23 5.66 -53.92
C THR A 603 -9.69 4.86 -55.10
N ASP A 604 -8.55 5.28 -55.66
CA ASP A 604 -7.92 4.50 -56.70
C ASP A 604 -7.44 3.16 -56.18
N ALA A 605 -6.85 3.16 -54.97
CA ALA A 605 -6.47 1.90 -54.33
C ALA A 605 -7.70 1.01 -54.12
N VAL A 606 -8.81 1.62 -53.68
CA VAL A 606 -10.04 0.86 -53.49
C VAL A 606 -10.47 0.19 -54.79
N ASP A 607 -10.48 0.95 -55.88
CA ASP A 607 -10.98 0.40 -57.15
C ASP A 607 -10.02 -0.64 -57.73
N GLN A 608 -8.71 -0.40 -57.64
CA GLN A 608 -7.75 -1.36 -58.16
C GLN A 608 -7.80 -2.66 -57.36
N ALA A 609 -7.99 -2.57 -56.04
CA ALA A 609 -8.22 -3.76 -55.24
C ALA A 609 -9.51 -4.44 -55.66
N VAL A 610 -10.57 -3.67 -55.92
CA VAL A 610 -11.83 -4.24 -56.38
C VAL A 610 -11.60 -5.10 -57.62
N THR A 611 -10.86 -4.58 -58.58
CA THR A 611 -10.59 -5.34 -59.79
C THR A 611 -9.65 -6.52 -59.52
N SER A 612 -8.74 -6.39 -58.55
CA SER A 612 -7.67 -7.37 -58.40
C SER A 612 -8.15 -8.67 -57.75
N LEU A 613 -9.22 -8.61 -56.95
CA LEU A 613 -9.68 -9.80 -56.24
C LEU A 613 -10.30 -10.80 -57.20
N GLN A 614 -9.67 -11.97 -57.31
CA GLN A 614 -10.23 -13.08 -58.09
C GLN A 614 -9.80 -14.39 -57.44
N GLU A 615 -10.65 -15.40 -57.60
CA GLU A 615 -10.39 -16.72 -57.03
C GLU A 615 -9.19 -17.36 -57.72
N PHE A 616 -8.34 -18.00 -56.93
CA PHE A 616 -7.16 -18.68 -57.46
C PHE A 616 -7.51 -20.13 -57.77
N LYS A 617 -7.39 -20.51 -59.04
CA LYS A 617 -7.71 -21.88 -59.43
C LYS A 617 -6.61 -22.82 -58.97
N TYR A 618 -6.72 -23.29 -57.72
CA TYR A 618 -5.64 -24.04 -57.12
C TYR A 618 -5.50 -25.42 -57.76
N PRO A 619 -4.31 -26.00 -57.75
CA PRO A 619 -4.14 -27.36 -58.27
C PRO A 619 -4.94 -28.37 -57.45
N ASP A 620 -5.45 -29.37 -58.15
CA ASP A 620 -6.12 -30.48 -57.47
C ASP A 620 -5.13 -31.34 -56.71
N SER A 621 -3.91 -31.48 -57.24
CA SER A 621 -2.86 -32.22 -56.56
C SER A 621 -2.52 -31.62 -55.21
N TRP A 622 -2.92 -30.37 -54.97
CA TRP A 622 -2.75 -29.76 -53.65
C TRP A 622 -3.43 -30.59 -52.56
N LYS A 623 -4.48 -31.34 -52.92
CA LYS A 623 -5.10 -32.23 -51.95
C LYS A 623 -4.32 -33.52 -51.78
N ASP A 624 -3.32 -33.77 -52.62
CA ASP A 624 -2.46 -34.94 -52.51
C ASP A 624 -1.03 -34.61 -52.11
N ALA A 625 -0.70 -33.32 -51.96
CA ALA A 625 0.67 -32.91 -51.76
C ALA A 625 1.12 -33.12 -50.31
N ASN A 636 17.15 -24.27 -26.30
CA ASN A 636 17.61 -25.63 -26.11
C ASN A 636 16.47 -26.63 -26.26
N GLU A 637 16.51 -27.72 -25.50
CA GLU A 637 15.37 -28.62 -25.45
C GLU A 637 14.15 -27.93 -24.86
N PHE A 638 14.35 -27.11 -23.83
CA PHE A 638 13.29 -26.28 -23.30
C PHE A 638 12.65 -25.46 -24.41
N PHE A 639 13.47 -24.88 -25.30
CA PHE A 639 12.93 -24.09 -26.41
C PHE A 639 12.07 -24.95 -27.32
N LYS A 640 12.56 -26.12 -27.70
CA LYS A 640 11.81 -26.99 -28.60
C LYS A 640 10.50 -27.48 -28.01
N ASN A 641 10.45 -27.67 -26.69
CA ASN A 641 9.25 -28.19 -26.05
C ASN A 641 8.23 -27.11 -25.72
N VAL A 642 8.65 -26.01 -25.10
CA VAL A 642 7.72 -25.02 -24.56
C VAL A 642 7.79 -23.69 -25.32
N VAL A 643 9.00 -23.19 -25.55
CA VAL A 643 9.13 -21.80 -26.01
C VAL A 643 8.67 -21.66 -27.45
N LYS A 644 9.07 -22.56 -28.34
CA LYS A 644 8.58 -22.51 -29.71
C LYS A 644 7.06 -22.66 -29.78
N PRO A 645 6.43 -23.60 -29.08
CA PRO A 645 4.96 -23.62 -29.07
C PRO A 645 4.32 -22.37 -28.48
N ILE A 646 4.92 -21.75 -27.45
CA ILE A 646 4.32 -20.53 -26.91
C ILE A 646 4.43 -19.39 -27.92
N LEU A 647 5.58 -19.29 -28.61
CA LEU A 647 5.78 -18.21 -29.57
C LEU A 647 4.82 -18.32 -30.75
N THR A 648 4.50 -19.54 -31.17
CA THR A 648 3.56 -19.74 -32.27
C THR A 648 2.11 -19.64 -31.81
N GLN A 649 1.86 -19.04 -30.65
CA GLN A 649 0.51 -18.83 -30.13
C GLN A 649 -0.25 -20.14 -30.00
N GLN A 650 0.44 -21.20 -29.57
CA GLN A 650 -0.19 -22.50 -29.36
C GLN A 650 0.19 -23.10 -28.01
N GLY A 651 0.54 -22.27 -27.04
CA GLY A 651 0.84 -22.78 -25.72
C GLY A 651 -0.36 -23.17 -24.89
N ASP A 652 -1.57 -22.92 -25.41
CA ASP A 652 -2.79 -23.39 -24.76
C ASP A 652 -2.81 -24.90 -24.64
N LYS A 653 -2.05 -25.60 -25.47
CA LYS A 653 -1.91 -27.05 -25.39
C LYS A 653 -0.84 -27.49 -24.41
N LEU A 654 -0.11 -26.54 -23.82
CA LEU A 654 0.92 -26.89 -22.85
C LEU A 654 0.29 -27.34 -21.54
N PRO A 655 0.59 -28.54 -21.04
CA PRO A 655 0.05 -28.97 -19.75
C PRO A 655 0.71 -28.21 -18.60
N VAL A 656 0.28 -28.58 -17.39
CA VAL A 656 0.78 -27.92 -16.18
C VAL A 656 2.11 -28.51 -15.75
N SER A 657 2.48 -29.67 -16.29
CA SER A 657 3.78 -30.27 -15.97
C SER A 657 4.94 -29.49 -16.57
N ALA A 658 4.69 -28.61 -17.52
CA ALA A 658 5.74 -27.88 -18.23
C ALA A 658 6.24 -26.68 -17.45
N PHE A 659 5.50 -26.22 -16.45
CA PHE A 659 5.74 -24.96 -15.80
C PHE A 659 6.24 -25.19 -14.38
N GLU A 660 7.26 -24.43 -14.00
CA GLU A 660 7.76 -24.50 -12.65
C GLU A 660 6.70 -24.04 -11.66
N ALA A 661 6.67 -24.69 -10.50
CA ALA A 661 5.66 -24.38 -9.51
C ALA A 661 5.75 -22.94 -9.04
N ASP A 662 6.98 -22.45 -8.84
CA ASP A 662 7.19 -21.08 -8.39
C ASP A 662 7.28 -20.07 -9.53
N GLY A 663 7.00 -20.51 -10.76
CA GLY A 663 6.92 -19.59 -11.88
C GLY A 663 8.23 -19.08 -12.41
N ARG A 664 9.36 -19.67 -12.03
CA ARG A 664 10.64 -19.22 -12.54
C ARG A 664 10.81 -19.67 -13.97
N PHE A 665 11.63 -18.91 -14.71
CA PHE A 665 11.93 -19.18 -16.09
C PHE A 665 13.45 -19.19 -16.28
N PRO A 666 13.96 -20.00 -17.20
CA PRO A 666 15.40 -20.04 -17.43
C PRO A 666 15.87 -18.88 -18.33
N LEU A 667 17.15 -18.58 -18.22
CA LEU A 667 17.77 -17.50 -18.98
C LEU A 667 18.05 -17.92 -20.42
N GLY A 668 18.42 -16.94 -21.23
CA GLY A 668 18.90 -17.21 -22.58
C GLY A 668 17.89 -17.84 -23.51
N THR A 669 16.65 -17.37 -23.47
CA THR A 669 15.62 -17.93 -24.33
C THR A 669 15.45 -17.10 -25.61
N SER A 670 15.77 -15.81 -25.55
CA SER A 670 15.74 -14.94 -26.72
C SER A 670 16.73 -15.35 -27.80
N GLN A 671 17.78 -16.10 -27.44
CA GLN A 671 18.83 -16.42 -28.39
C GLN A 671 18.31 -17.23 -29.57
N PHE A 672 17.31 -18.08 -29.35
CA PHE A 672 16.78 -18.93 -30.42
C PHE A 672 15.53 -18.34 -31.04
N GLU A 673 15.19 -17.09 -30.72
CA GLU A 673 14.01 -16.46 -31.33
C GLU A 673 14.14 -16.41 -32.84
N LYS A 674 15.13 -15.68 -33.33
CA LYS A 674 15.41 -15.54 -34.77
C LYS A 674 14.19 -15.00 -35.52
N ARG A 675 13.85 -13.76 -35.22
CA ARG A 675 12.70 -13.09 -35.82
C ARG A 675 13.21 -11.97 -36.71
N GLY A 676 13.24 -12.21 -38.01
CA GLY A 676 13.66 -11.16 -38.91
C GLY A 676 12.50 -10.30 -39.33
N VAL A 677 12.29 -9.20 -38.60
CA VAL A 677 11.14 -8.34 -38.81
C VAL A 677 11.52 -6.95 -39.30
N ALA A 678 12.79 -6.57 -39.17
CA ALA A 678 13.24 -5.30 -39.73
C ALA A 678 13.17 -5.33 -41.25
N ILE A 679 12.76 -4.21 -41.83
CA ILE A 679 12.79 -4.08 -43.29
C ILE A 679 14.21 -3.79 -43.77
N ASN A 680 14.92 -2.93 -43.06
CA ASN A 680 16.29 -2.56 -43.42
C ASN A 680 17.24 -2.95 -42.30
N VAL A 681 18.30 -3.66 -42.66
CA VAL A 681 19.34 -4.07 -41.73
C VAL A 681 20.64 -3.42 -42.15
N PRO A 682 21.53 -3.07 -41.24
CA PRO A 682 22.78 -2.42 -41.65
C PRO A 682 23.77 -3.40 -42.25
N GLN A 683 24.67 -2.85 -43.05
CA GLN A 683 25.77 -3.59 -43.67
C GLN A 683 27.07 -2.94 -43.25
N TRP A 684 28.05 -3.77 -42.93
CA TRP A 684 29.38 -3.28 -42.57
C TRP A 684 30.21 -3.10 -43.84
N VAL A 685 30.72 -1.89 -44.02
CA VAL A 685 31.71 -1.60 -45.04
C VAL A 685 33.06 -1.64 -44.35
N PRO A 686 33.81 -2.73 -44.47
CA PRO A 686 35.03 -2.90 -43.67
C PRO A 686 36.07 -1.83 -43.91
N GLU A 687 36.14 -1.27 -45.12
CA GLU A 687 37.21 -0.35 -45.46
C GLU A 687 37.13 0.96 -44.68
N ASN A 688 35.91 1.46 -44.42
CA ASN A 688 35.77 2.72 -43.71
C ASN A 688 35.90 2.57 -42.19
N CYS A 689 35.75 1.36 -41.65
CA CYS A 689 35.65 1.17 -40.21
C CYS A 689 36.92 1.63 -39.50
N ILE A 690 36.75 2.39 -38.43
CA ILE A 690 37.86 2.82 -37.58
C ILE A 690 37.96 1.99 -36.33
N GLN A 691 37.15 0.93 -36.19
CA GLN A 691 37.20 0.02 -35.04
C GLN A 691 37.07 0.78 -33.73
N CYS A 692 35.96 1.49 -33.57
N CYS A 692 35.96 1.49 -33.60
CA CYS A 692 35.73 2.28 -32.37
CA CYS A 692 35.67 2.31 -32.42
C CYS A 692 34.80 1.61 -31.37
C CYS A 692 34.81 1.60 -31.39
N ASN A 693 34.08 0.57 -31.79
CA ASN A 693 33.17 -0.18 -30.91
C ASN A 693 32.06 0.69 -30.34
N GLN A 694 31.56 1.67 -31.09
CA GLN A 694 30.44 2.47 -30.62
C GLN A 694 29.11 1.95 -31.15
N CYS A 695 29.11 1.34 -32.33
CA CYS A 695 27.88 0.75 -32.85
C CYS A 695 27.42 -0.42 -32.00
N ALA A 696 28.37 -1.12 -31.36
CA ALA A 696 28.00 -2.16 -30.40
C ALA A 696 27.56 -1.54 -29.08
N PHE A 697 28.28 -0.53 -28.61
CA PHE A 697 27.94 0.15 -27.37
C PHE A 697 26.57 0.81 -27.45
N VAL A 698 26.03 0.99 -28.66
CA VAL A 698 24.83 1.79 -28.85
C VAL A 698 23.60 0.92 -29.15
N CYS A 699 23.81 -0.25 -29.72
CA CYS A 699 22.69 -1.02 -30.26
C CYS A 699 21.73 -1.45 -29.16
N PRO A 700 20.42 -1.25 -29.33
CA PRO A 700 19.49 -1.63 -28.26
C PRO A 700 19.20 -3.12 -28.18
N HIS A 701 19.23 -3.86 -29.30
CA HIS A 701 18.93 -5.28 -29.29
C HIS A 701 20.15 -6.16 -29.43
N SER A 702 21.35 -5.60 -29.29
CA SER A 702 22.60 -6.36 -29.32
C SER A 702 22.73 -7.20 -30.59
N ALA A 703 22.44 -6.60 -31.74
CA ALA A 703 22.62 -7.28 -33.01
C ALA A 703 24.00 -7.02 -33.63
N ILE A 704 24.86 -6.29 -32.93
CA ILE A 704 26.21 -5.99 -33.39
C ILE A 704 27.19 -6.76 -32.53
N LEU A 705 27.93 -7.69 -33.15
CA LEU A 705 28.91 -8.48 -32.43
C LEU A 705 30.32 -8.10 -32.88
N PRO A 706 31.12 -7.44 -32.04
CA PRO A 706 32.54 -7.25 -32.37
C PRO A 706 33.32 -8.54 -32.17
N VAL A 707 33.70 -9.16 -33.28
CA VAL A 707 34.42 -10.44 -33.26
C VAL A 707 35.90 -10.16 -33.37
N LEU A 708 36.63 -10.45 -32.31
CA LEU A 708 38.08 -10.26 -32.25
C LEU A 708 38.71 -11.63 -32.16
N ALA A 709 39.40 -12.03 -33.22
CA ALA A 709 39.83 -13.42 -33.38
C ALA A 709 41.33 -13.50 -33.65
N LYS A 710 41.82 -14.73 -33.74
CA LYS A 710 43.17 -14.98 -34.20
C LYS A 710 43.13 -15.48 -35.64
N GLU A 711 44.27 -15.31 -36.33
CA GLU A 711 44.34 -15.66 -37.74
C GLU A 711 44.17 -17.17 -37.95
N GLU A 712 44.63 -17.97 -37.00
CA GLU A 712 44.42 -19.41 -37.11
C GLU A 712 42.97 -19.79 -36.81
N GLU A 713 42.25 -18.95 -36.08
CA GLU A 713 40.86 -19.24 -35.74
C GLU A 713 39.97 -19.19 -36.98
N LEU A 714 40.18 -18.21 -37.85
CA LEU A 714 39.33 -18.01 -39.02
C LEU A 714 39.73 -18.91 -40.17
N ASN A 720 33.80 -15.08 -47.13
CA ASN A 720 32.71 -14.12 -46.95
C ASN A 720 32.87 -13.36 -45.64
N PHE A 721 33.60 -13.99 -44.71
CA PHE A 721 33.78 -13.46 -43.36
C PHE A 721 34.97 -12.49 -43.35
N THR A 722 34.76 -11.33 -43.96
CA THR A 722 35.80 -10.32 -44.10
C THR A 722 36.14 -9.72 -42.74
N ALA A 723 37.38 -9.91 -42.30
CA ALA A 723 37.86 -9.36 -41.05
C ALA A 723 39.03 -8.42 -41.31
N LEU A 724 39.21 -7.45 -40.41
CA LEU A 724 40.28 -6.47 -40.52
C LEU A 724 41.45 -6.86 -39.64
N GLU A 725 42.41 -5.95 -39.52
CA GLU A 725 43.53 -6.11 -38.58
C GLU A 725 43.28 -5.17 -37.41
N ALA A 726 43.06 -5.75 -36.23
CA ALA A 726 42.71 -4.96 -35.06
C ALA A 726 43.89 -4.08 -34.64
N LYS A 727 43.60 -2.85 -34.29
CA LYS A 727 44.62 -1.85 -34.02
C LYS A 727 44.84 -1.67 -32.53
N GLY A 728 46.05 -1.23 -32.19
CA GLY A 728 46.44 -1.01 -30.82
C GLY A 728 47.32 -2.13 -30.29
N LYS A 729 48.04 -1.81 -29.22
CA LYS A 729 48.99 -2.77 -28.66
C LYS A 729 48.28 -4.01 -28.14
N GLU A 730 47.16 -3.84 -27.44
CA GLU A 730 46.44 -4.98 -26.91
C GLU A 730 45.91 -5.85 -28.04
N LEU A 731 45.54 -5.24 -29.16
CA LEU A 731 45.04 -5.96 -30.33
C LEU A 731 46.18 -6.08 -31.35
N LYS A 732 47.12 -6.96 -31.05
CA LYS A 732 48.32 -7.06 -31.88
C LYS A 732 48.19 -8.12 -32.95
N GLY A 733 47.95 -9.37 -32.56
CA GLY A 733 47.83 -10.42 -33.54
C GLY A 733 46.39 -10.78 -33.88
N TYR A 734 45.46 -9.90 -33.53
CA TYR A 734 44.04 -10.18 -33.67
C TYR A 734 43.49 -9.61 -34.97
N LYS A 735 42.64 -10.40 -35.63
CA LYS A 735 41.75 -9.89 -36.65
C LYS A 735 40.52 -9.27 -35.99
N PHE A 736 40.05 -8.17 -36.54
CA PHE A 736 38.87 -7.46 -36.06
C PHE A 736 37.74 -7.59 -37.07
N ARG A 737 36.53 -7.72 -36.56
CA ARG A 737 35.37 -7.83 -37.42
C ARG A 737 34.16 -7.30 -36.67
N ILE A 738 33.20 -6.73 -37.41
CA ILE A 738 31.93 -6.29 -36.86
C ILE A 738 30.86 -7.10 -37.56
N GLN A 739 30.34 -8.13 -36.88
CA GLN A 739 29.32 -8.97 -37.46
C GLN A 739 27.95 -8.40 -37.14
N ILE A 740 27.09 -8.39 -38.15
CA ILE A 740 25.72 -7.89 -38.02
C ILE A 740 24.80 -9.08 -37.84
N ASN A 741 24.00 -9.05 -36.76
CA ASN A 741 22.99 -10.07 -36.55
C ASN A 741 21.78 -9.65 -37.38
N THR A 742 21.73 -10.17 -38.60
CA THR A 742 20.72 -9.73 -39.56
C THR A 742 19.32 -10.14 -39.11
N LEU A 743 19.17 -11.34 -38.54
CA LEU A 743 17.85 -11.79 -38.10
C LEU A 743 17.41 -11.13 -36.80
N ASP A 744 18.33 -10.91 -35.86
CA ASP A 744 18.02 -10.26 -34.59
C ASP A 744 18.20 -8.76 -34.65
N CYS A 745 18.05 -8.15 -35.81
CA CYS A 745 18.11 -6.70 -35.94
C CYS A 745 16.71 -6.13 -36.00
N MET A 746 16.52 -4.99 -35.36
CA MET A 746 15.24 -4.29 -35.40
C MET A 746 15.19 -3.21 -36.47
N GLY A 747 16.30 -2.91 -37.11
CA GLY A 747 16.31 -1.87 -38.14
C GLY A 747 16.06 -0.47 -37.64
N CYS A 748 16.66 -0.08 -36.51
CA CYS A 748 16.42 1.24 -35.98
C CYS A 748 17.40 2.27 -36.50
N GLY A 749 18.60 1.84 -36.90
CA GLY A 749 19.58 2.76 -37.45
C GLY A 749 20.34 3.59 -36.43
N ASN A 750 20.31 3.23 -35.15
CA ASN A 750 21.13 3.93 -34.18
C ASN A 750 22.61 3.75 -34.46
N CYS A 751 23.01 2.53 -34.83
CA CYS A 751 24.40 2.23 -35.09
C CYS A 751 24.93 3.02 -36.29
N ALA A 752 24.22 2.93 -37.41
CA ALA A 752 24.66 3.61 -38.62
C ALA A 752 24.67 5.13 -38.43
N ASP A 753 23.73 5.65 -37.64
CA ASP A 753 23.68 7.08 -37.37
C ASP A 753 24.78 7.51 -36.40
N ILE A 754 25.33 6.57 -35.63
CA ILE A 754 26.42 6.93 -34.73
C ILE A 754 27.79 6.60 -35.29
N CYS A 755 27.85 5.89 -36.42
CA CYS A 755 29.11 5.45 -37.00
C CYS A 755 29.98 6.64 -37.38
N PRO A 756 31.20 6.73 -36.88
CA PRO A 756 31.97 7.98 -36.98
C PRO A 756 32.34 8.36 -38.41
N PRO A 757 32.97 7.48 -39.21
CA PRO A 757 33.52 7.93 -40.48
C PRO A 757 32.46 8.55 -41.40
N LYS A 758 32.84 9.67 -42.03
CA LYS A 758 31.89 10.41 -42.86
C LYS A 758 31.41 9.58 -44.04
N GLU A 759 32.25 8.67 -44.53
CA GLU A 759 31.80 7.60 -45.40
C GLU A 759 31.44 6.40 -44.52
N LYS A 760 30.14 6.11 -44.42
CA LYS A 760 29.65 5.25 -43.36
C LYS A 760 30.17 3.82 -43.51
N ALA A 761 30.71 3.29 -42.42
CA ALA A 761 31.06 1.88 -42.34
C ALA A 761 29.84 1.00 -42.15
N LEU A 762 28.69 1.59 -41.88
CA LEU A 762 27.42 0.88 -41.71
C LEU A 762 26.37 1.59 -42.55
N VAL A 763 25.74 0.85 -43.45
CA VAL A 763 24.76 1.40 -44.38
C VAL A 763 23.52 0.52 -44.36
N MET A 764 22.35 1.13 -44.19
CA MET A 764 21.11 0.37 -44.09
C MET A 764 20.70 -0.14 -45.47
N GLN A 765 20.53 -1.44 -45.60
CA GLN A 765 20.25 -2.15 -46.83
C GLN A 765 19.05 -3.07 -46.60
N PRO A 766 18.29 -3.38 -47.65
CA PRO A 766 17.14 -4.28 -47.47
C PRO A 766 17.56 -5.62 -46.87
N LEU A 767 16.68 -6.17 -46.03
CA LEU A 767 16.96 -7.44 -45.37
C LEU A 767 17.11 -8.57 -46.38
N ASP A 768 16.23 -8.63 -47.39
CA ASP A 768 16.26 -9.74 -48.32
C ASP A 768 17.56 -9.81 -49.09
N THR A 769 18.24 -8.68 -49.27
CA THR A 769 19.50 -8.64 -49.98
C THR A 769 20.72 -8.76 -49.07
N GLN A 770 20.52 -8.95 -47.76
CA GLN A 770 21.64 -9.09 -46.85
C GLN A 770 21.51 -10.23 -45.85
N ARG A 771 20.38 -10.94 -45.80
CA ARG A 771 20.25 -12.02 -44.83
C ARG A 771 20.96 -13.29 -45.28
N ASP A 772 20.88 -13.60 -46.59
CA ASP A 772 21.36 -14.89 -47.08
C ASP A 772 22.87 -15.03 -46.93
N ALA A 773 23.61 -13.92 -46.97
CA ALA A 773 25.04 -13.97 -46.82
C ALA A 773 25.52 -13.63 -45.41
N GLN A 774 24.62 -13.23 -44.52
CA GLN A 774 25.01 -12.83 -43.17
C GLN A 774 24.53 -13.76 -42.08
N VAL A 775 23.48 -14.55 -42.32
CA VAL A 775 23.07 -15.55 -41.33
C VAL A 775 24.17 -16.58 -41.09
N PRO A 776 24.74 -17.22 -42.11
CA PRO A 776 25.87 -18.13 -41.86
C PRO A 776 27.06 -17.45 -41.24
N ASN A 777 27.32 -16.18 -41.57
CA ASN A 777 28.45 -15.48 -40.98
C ASN A 777 28.28 -15.36 -39.47
N LEU A 778 27.09 -14.99 -39.01
CA LEU A 778 26.84 -14.90 -37.57
C LEU A 778 26.85 -16.27 -36.92
N GLU A 779 26.27 -17.27 -37.58
CA GLU A 779 26.30 -18.62 -37.02
C GLU A 779 27.74 -19.08 -36.82
N TYR A 780 28.64 -18.74 -37.75
CA TYR A 780 30.04 -19.03 -37.55
C TYR A 780 30.64 -18.19 -36.44
N ALA A 781 30.35 -16.89 -36.41
CA ALA A 781 30.97 -15.96 -35.47
C ALA A 781 30.55 -16.23 -34.03
N ALA A 782 29.43 -16.92 -33.83
CA ALA A 782 28.96 -17.16 -32.47
C ALA A 782 29.92 -18.05 -31.68
N ARG A 783 30.87 -18.70 -32.35
CA ARG A 783 31.77 -19.66 -31.71
C ARG A 783 33.17 -19.11 -31.47
N ILE A 784 33.46 -17.90 -31.93
CA ILE A 784 34.77 -17.31 -31.60
C ILE A 784 34.78 -16.95 -30.12
N PRO A 785 35.79 -17.35 -29.36
CA PRO A 785 35.86 -16.96 -27.95
C PRO A 785 35.88 -15.44 -27.83
N VAL A 786 35.23 -14.93 -26.79
CA VAL A 786 35.18 -13.50 -26.52
C VAL A 786 36.42 -13.12 -25.74
N LYS A 787 37.13 -12.10 -26.21
CA LYS A 787 38.39 -11.68 -25.60
C LYS A 787 38.08 -10.59 -24.58
N SER A 788 38.01 -10.98 -23.30
CA SER A 788 37.60 -10.06 -22.25
C SER A 788 38.74 -9.61 -21.35
N GLU A 789 39.95 -10.17 -21.50
CA GLU A 789 41.08 -9.79 -20.68
C GLU A 789 42.09 -8.91 -21.39
N VAL A 790 41.94 -8.68 -22.69
CA VAL A 790 42.91 -7.85 -23.41
C VAL A 790 42.84 -6.41 -22.94
N LEU A 791 41.64 -5.90 -22.72
CA LEU A 791 41.38 -4.51 -22.39
C LEU A 791 40.48 -4.43 -21.17
N PRO A 792 40.60 -3.36 -20.38
CA PRO A 792 39.73 -3.21 -19.21
C PRO A 792 38.28 -3.09 -19.62
N ARG A 793 37.38 -3.52 -18.72
CA ARG A 793 35.95 -3.40 -18.94
C ARG A 793 35.43 -2.00 -18.64
N ASP A 794 36.20 -1.17 -17.96
CA ASP A 794 35.78 0.20 -17.73
C ASP A 794 35.83 1.04 -19.00
N SER A 795 36.67 0.67 -19.96
CA SER A 795 36.84 1.41 -21.20
C SER A 795 35.77 1.02 -22.21
N LEU A 796 35.50 1.93 -23.14
CA LEU A 796 34.43 1.74 -24.12
C LEU A 796 34.67 0.51 -24.98
N LYS A 797 35.80 0.49 -25.68
CA LYS A 797 36.14 -0.62 -26.57
C LYS A 797 36.29 -1.93 -25.79
N GLY A 798 36.98 -1.87 -24.65
CA GLY A 798 37.15 -3.06 -23.85
C GLY A 798 35.85 -3.59 -23.28
N SER A 799 34.97 -2.67 -22.83
CA SER A 799 33.65 -3.08 -22.35
C SER A 799 32.88 -3.78 -23.45
N GLN A 800 32.97 -3.27 -24.68
CA GLN A 800 32.28 -3.95 -25.77
C GLN A 800 32.96 -5.23 -26.17
N PHE A 801 34.19 -5.46 -25.74
CA PHE A 801 34.85 -6.74 -25.94
C PHE A 801 34.47 -7.77 -24.89
N GLN A 802 33.36 -7.56 -24.19
CA GLN A 802 32.85 -8.51 -23.21
C GLN A 802 31.45 -8.92 -23.60
N GLU A 803 31.11 -10.15 -23.24
CA GLU A 803 29.85 -10.75 -23.66
C GLU A 803 28.68 -9.97 -23.06
N PRO A 804 27.66 -9.64 -23.84
CA PRO A 804 26.47 -8.96 -23.28
C PRO A 804 25.50 -10.00 -22.74
N LEU A 805 25.06 -9.80 -21.51
CA LEU A 805 24.18 -10.76 -20.86
C LEU A 805 22.72 -10.40 -20.97
N MET A 806 22.37 -9.31 -21.65
CA MET A 806 21.00 -8.93 -21.94
C MET A 806 20.88 -8.71 -23.44
N GLU A 807 20.41 -9.72 -24.16
CA GLU A 807 20.43 -9.74 -25.61
C GLU A 807 19.05 -10.04 -26.17
N PHE A 808 18.69 -9.28 -27.21
CA PHE A 808 17.48 -9.51 -28.00
C PHE A 808 16.20 -9.29 -27.17
N SER A 809 16.08 -8.11 -26.56
CA SER A 809 14.88 -7.80 -25.81
C SER A 809 13.65 -7.79 -26.72
N GLY A 810 12.49 -7.63 -26.10
CA GLY A 810 11.25 -7.35 -26.78
C GLY A 810 10.95 -5.87 -26.86
N ALA A 811 11.94 -5.03 -26.58
CA ALA A 811 11.76 -3.58 -26.55
C ALA A 811 11.38 -3.06 -27.93
N CYS A 812 10.91 -1.81 -27.95
CA CYS A 812 10.62 -1.15 -29.21
C CYS A 812 11.91 -0.89 -29.97
N SER A 813 11.83 -0.99 -31.30
CA SER A 813 12.98 -0.73 -32.15
C SER A 813 13.57 0.64 -31.85
N GLY A 814 14.78 0.68 -31.32
CA GLY A 814 15.38 1.92 -30.93
C GLY A 814 15.12 2.36 -29.50
N CYS A 815 14.69 1.44 -28.64
CA CYS A 815 14.39 1.79 -27.26
C CYS A 815 15.61 2.35 -26.56
N GLY A 816 15.43 3.44 -25.84
CA GLY A 816 16.54 4.09 -25.18
C GLY A 816 16.89 3.51 -23.84
N GLU A 817 16.29 2.38 -23.46
CA GLU A 817 16.53 1.75 -22.17
C GLU A 817 17.44 0.53 -22.25
N THR A 818 17.26 -0.29 -23.28
CA THR A 818 18.03 -1.53 -23.41
C THR A 818 19.54 -1.34 -23.54
N PRO A 819 20.08 -0.37 -24.28
CA PRO A 819 21.55 -0.26 -24.33
C PRO A 819 22.20 -0.02 -22.98
N TYR A 820 21.56 0.77 -22.12
CA TYR A 820 22.10 1.03 -20.78
C TYR A 820 22.20 -0.24 -19.95
N VAL A 821 21.10 -1.01 -19.91
CA VAL A 821 21.12 -2.23 -19.11
C VAL A 821 22.07 -3.25 -19.72
N ARG A 822 22.19 -3.28 -21.06
CA ARG A 822 23.15 -4.17 -21.68
C ARG A 822 24.58 -3.81 -21.29
N VAL A 823 24.91 -2.52 -21.26
CA VAL A 823 26.26 -2.12 -20.84
C VAL A 823 26.47 -2.45 -19.37
N ILE A 824 25.45 -2.27 -18.54
CA ILE A 824 25.58 -2.60 -17.12
C ILE A 824 25.87 -4.09 -16.96
N THR A 825 25.17 -4.94 -17.70
CA THR A 825 25.43 -6.37 -17.61
C THR A 825 26.78 -6.73 -18.23
N GLN A 826 27.23 -5.97 -19.23
CA GLN A 826 28.56 -6.21 -19.78
C GLN A 826 29.65 -5.88 -18.78
N LEU A 827 29.37 -4.97 -17.85
CA LEU A 827 30.35 -4.69 -16.81
C LEU A 827 30.19 -5.61 -15.58
N PHE A 828 28.97 -6.02 -15.22
CA PHE A 828 28.73 -6.66 -13.92
C PHE A 828 27.89 -7.93 -14.02
N GLY A 829 27.57 -8.39 -15.22
CA GLY A 829 26.55 -9.41 -15.35
C GLY A 829 26.88 -10.71 -14.63
N GLU A 830 28.17 -10.94 -14.34
CA GLU A 830 28.57 -12.20 -13.73
C GLU A 830 28.12 -12.32 -12.27
N ARG A 831 28.25 -11.25 -11.49
CA ARG A 831 27.83 -11.24 -10.09
C ARG A 831 26.85 -10.09 -9.88
N MET A 832 25.58 -10.34 -10.19
CA MET A 832 24.57 -9.29 -10.18
C MET A 832 23.23 -9.84 -9.71
N PHE A 833 22.59 -9.07 -8.84
CA PHE A 833 21.18 -9.23 -8.51
C PHE A 833 20.44 -8.06 -9.13
N ILE A 834 19.35 -8.32 -9.82
CA ILE A 834 18.52 -7.26 -10.38
C ILE A 834 17.16 -7.30 -9.70
N ALA A 835 16.79 -6.18 -9.10
CA ALA A 835 15.43 -5.94 -8.62
C ALA A 835 14.80 -5.02 -9.65
N ASN A 836 13.94 -5.58 -10.49
CA ASN A 836 13.35 -4.83 -11.59
C ASN A 836 11.95 -4.38 -11.22
N ALA A 837 11.75 -3.07 -11.17
CA ALA A 837 10.42 -2.54 -10.92
C ALA A 837 9.50 -2.86 -12.09
N THR A 838 8.25 -2.43 -11.98
CA THR A 838 7.33 -2.65 -13.08
C THR A 838 7.33 -1.45 -14.00
N GLY A 839 7.32 -1.72 -15.30
CA GLY A 839 7.55 -0.73 -16.31
C GLY A 839 7.86 -1.45 -17.61
N CYS A 840 8.52 -0.73 -18.51
CA CYS A 840 8.98 -1.39 -19.72
C CYS A 840 10.13 -2.32 -19.43
N SER A 841 10.97 -1.97 -18.45
CA SER A 841 12.11 -2.80 -18.08
C SER A 841 11.68 -4.24 -17.84
N SER A 842 10.57 -4.43 -17.14
CA SER A 842 10.11 -5.79 -16.84
C SER A 842 9.34 -6.40 -18.00
N ILE A 843 8.72 -5.59 -18.85
CA ILE A 843 7.95 -6.15 -19.96
C ILE A 843 8.89 -6.70 -21.03
N TRP A 844 9.97 -6.00 -21.36
CA TRP A 844 10.95 -6.56 -22.28
C TRP A 844 11.97 -7.45 -21.58
N GLY A 845 12.25 -7.22 -20.30
CA GLY A 845 13.21 -8.06 -19.59
C GLY A 845 12.70 -9.44 -19.28
N ALA A 846 11.39 -9.62 -19.18
CA ALA A 846 10.80 -10.95 -19.06
C ALA A 846 9.33 -10.87 -19.47
N SER A 847 9.05 -11.28 -20.69
CA SER A 847 7.69 -11.58 -21.12
C SER A 847 7.71 -13.01 -21.62
N ALA A 848 6.98 -13.88 -20.95
CA ALA A 848 7.07 -15.29 -21.25
C ALA A 848 6.74 -15.53 -22.72
N PRO A 849 7.46 -16.43 -23.40
CA PRO A 849 8.51 -17.27 -22.86
C PRO A 849 9.91 -16.73 -23.12
N SER A 850 9.99 -15.48 -23.57
CA SER A 850 11.23 -14.91 -24.09
C SER A 850 11.96 -14.17 -22.98
N MET A 851 13.19 -14.60 -22.69
CA MET A 851 13.99 -13.97 -21.64
C MET A 851 15.27 -13.44 -22.26
N PRO A 852 15.39 -12.12 -22.45
CA PRO A 852 16.63 -11.59 -23.04
C PRO A 852 17.88 -11.92 -22.25
N TYR A 853 17.78 -11.95 -20.92
CA TYR A 853 18.94 -12.22 -20.08
C TYR A 853 19.44 -13.64 -20.33
N LYS A 854 20.76 -13.80 -20.29
CA LYS A 854 21.40 -15.06 -20.66
C LYS A 854 22.60 -15.28 -19.76
N THR A 855 23.10 -16.52 -19.76
CA THR A 855 24.23 -16.91 -18.96
C THR A 855 25.52 -16.87 -19.78
N ASN A 856 26.61 -16.49 -19.14
CA ASN A 856 27.87 -16.40 -19.85
C ASN A 856 28.46 -17.79 -20.02
N ARG A 857 29.72 -17.86 -20.46
CA ARG A 857 30.34 -19.17 -20.71
C ARG A 857 30.48 -19.97 -19.42
N LEU A 858 30.83 -19.31 -18.32
CA LEU A 858 30.86 -19.97 -17.03
C LEU A 858 29.47 -20.22 -16.47
N GLY A 859 28.43 -19.65 -17.09
CA GLY A 859 27.07 -19.84 -16.63
C GLY A 859 26.59 -18.89 -15.57
N GLN A 860 27.32 -17.80 -15.32
CA GLN A 860 27.01 -16.87 -14.25
C GLN A 860 26.29 -15.66 -14.84
N GLY A 861 24.98 -15.80 -15.07
CA GLY A 861 24.20 -14.71 -15.60
C GLY A 861 23.71 -13.78 -14.50
N PRO A 862 22.89 -12.81 -14.86
CA PRO A 862 22.29 -11.92 -13.85
C PRO A 862 21.10 -12.58 -13.15
N ALA A 863 21.05 -12.42 -11.83
CA ALA A 863 19.98 -12.98 -11.01
C ALA A 863 18.84 -11.99 -10.99
N TRP A 864 17.89 -12.16 -11.91
CA TRP A 864 16.88 -11.15 -12.20
C TRP A 864 15.56 -11.50 -11.52
N GLY A 865 14.96 -10.49 -10.89
CA GLY A 865 13.65 -10.68 -10.29
C GLY A 865 12.81 -9.42 -10.25
N ASN A 866 11.52 -9.55 -10.55
CA ASN A 866 10.56 -8.46 -10.49
C ASN A 866 9.57 -8.72 -9.36
N SER A 867 9.47 -7.80 -8.41
CA SER A 867 8.57 -8.00 -7.29
C SER A 867 7.20 -7.36 -7.51
N LEU A 868 7.17 -6.03 -7.60
CA LEU A 868 5.96 -5.28 -7.85
C LEU A 868 6.39 -3.95 -8.43
N PHE A 869 5.42 -3.07 -8.68
CA PHE A 869 5.77 -1.73 -9.14
C PHE A 869 6.34 -0.87 -8.01
N GLU A 870 5.74 -0.91 -6.82
CA GLU A 870 6.08 0.01 -5.74
C GLU A 870 7.18 -0.48 -4.82
N ASP A 871 7.58 -1.76 -4.91
CA ASP A 871 8.48 -2.33 -3.92
C ASP A 871 9.74 -2.95 -4.51
N ALA A 872 10.15 -2.56 -5.72
CA ALA A 872 11.41 -3.04 -6.25
C ALA A 872 12.57 -2.66 -5.33
N ALA A 873 12.51 -1.45 -4.77
CA ALA A 873 13.61 -0.99 -3.94
C ALA A 873 13.73 -1.82 -2.68
N GLU A 874 12.62 -2.13 -2.03
CA GLU A 874 12.66 -2.93 -0.81
C GLU A 874 13.06 -4.36 -1.12
N TYR A 875 12.69 -4.85 -2.29
CA TYR A 875 13.11 -6.17 -2.75
C TYR A 875 14.63 -6.22 -2.90
N GLY A 876 15.22 -5.23 -3.56
CA GLY A 876 16.67 -5.19 -3.69
C GLY A 876 17.37 -5.01 -2.35
N PHE A 877 16.80 -4.18 -1.47
CA PHE A 877 17.36 -4.02 -0.13
C PHE A 877 17.32 -5.33 0.65
N GLY A 878 16.23 -6.08 0.53
CA GLY A 878 16.16 -7.37 1.17
C GLY A 878 17.19 -8.33 0.62
N MET A 879 17.41 -8.31 -0.69
CA MET A 879 18.52 -9.05 -1.26
C MET A 879 19.82 -8.68 -0.59
N ASN A 880 20.04 -7.37 -0.41
CA ASN A 880 21.27 -6.91 0.23
C ASN A 880 21.39 -7.48 1.63
N MET A 881 20.30 -7.46 2.39
CA MET A 881 20.33 -7.99 3.76
C MET A 881 20.61 -9.50 3.78
N SER A 882 19.97 -10.25 2.89
CA SER A 882 20.19 -11.69 2.84
C SER A 882 21.65 -12.01 2.49
N MET A 883 22.20 -11.32 1.50
CA MET A 883 23.60 -11.52 1.14
C MET A 883 24.52 -11.13 2.29
N PHE A 884 24.24 -10.00 2.94
CA PHE A 884 25.05 -9.58 4.07
C PHE A 884 25.04 -10.63 5.17
N ALA A 885 23.86 -11.15 5.51
CA ALA A 885 23.76 -12.14 6.58
C ALA A 885 24.50 -13.42 6.23
N ARG A 886 24.28 -13.92 5.01
CA ARG A 886 24.90 -15.21 4.65
C ARG A 886 26.40 -15.09 4.51
N ARG A 887 26.91 -13.96 4.00
CA ARG A 887 28.36 -13.80 3.93
C ARG A 887 28.98 -13.53 5.30
N THR A 888 28.25 -12.89 6.22
CA THR A 888 28.77 -12.82 7.60
C THR A 888 28.81 -14.19 8.25
N HIS A 889 27.79 -15.02 8.01
CA HIS A 889 27.81 -16.39 8.50
C HIS A 889 28.99 -17.16 7.92
N LEU A 890 29.27 -16.94 6.63
CA LEU A 890 30.45 -17.53 6.00
C LEU A 890 31.75 -17.03 6.63
N ALA A 891 31.80 -15.73 6.96
CA ALA A 891 32.98 -15.19 7.60
C ALA A 891 33.19 -15.81 8.98
N ASP A 892 32.12 -16.01 9.72
CA ASP A 892 32.23 -16.64 11.03
C ASP A 892 32.66 -18.09 10.91
N LEU A 893 32.13 -18.82 9.93
CA LEU A 893 32.59 -20.18 9.68
C LEU A 893 34.07 -20.22 9.32
N ALA A 894 34.52 -19.30 8.45
CA ALA A 894 35.93 -19.28 8.06
C ALA A 894 36.82 -18.94 9.25
N ALA A 895 36.41 -17.98 10.08
CA ALA A 895 37.18 -17.66 11.28
C ALA A 895 37.24 -18.85 12.23
N LYS A 896 36.19 -19.67 12.26
CA LYS A 896 36.24 -20.88 13.06
C LYS A 896 37.14 -21.93 12.42
N ALA A 897 37.22 -21.93 11.09
CA ALA A 897 38.05 -22.90 10.39
C ALA A 897 39.53 -22.54 10.39
N LEU A 898 39.88 -21.31 10.75
CA LEU A 898 41.29 -20.95 10.82
C LEU A 898 42.02 -21.71 11.92
N GLU A 899 41.30 -22.19 12.92
CA GLU A 899 41.92 -22.84 14.06
C GLU A 899 41.89 -24.35 13.94
N SER A 903 44.65 -27.53 6.65
CA SER A 903 45.98 -27.44 6.08
C SER A 903 46.38 -25.98 5.85
N GLY A 904 47.69 -25.73 5.79
CA GLY A 904 48.16 -24.36 5.72
C GLY A 904 47.69 -23.62 4.47
N ASP A 905 47.60 -24.32 3.34
CA ASP A 905 47.09 -23.69 2.13
C ASP A 905 45.65 -23.24 2.29
N VAL A 906 44.82 -24.07 2.92
CA VAL A 906 43.44 -23.68 3.20
C VAL A 906 43.40 -22.49 4.15
N LYS A 907 44.29 -22.46 5.14
CA LYS A 907 44.35 -21.32 6.05
C LYS A 907 44.70 -20.05 5.30
N GLU A 908 45.67 -20.12 4.38
CA GLU A 908 46.04 -18.94 3.60
C GLU A 908 44.91 -18.49 2.70
N ALA A 909 44.24 -19.45 2.04
CA ALA A 909 43.10 -19.10 1.20
C ALA A 909 41.99 -18.44 2.02
N LEU A 910 41.69 -18.99 3.19
CA LEU A 910 40.60 -18.47 4.02
C LEU A 910 40.93 -17.09 4.56
N GLN A 911 42.17 -16.88 5.03
CA GLN A 911 42.56 -15.56 5.50
C GLN A 911 42.54 -14.54 4.37
N GLY A 912 43.02 -14.94 3.18
CA GLY A 912 43.01 -14.03 2.05
C GLY A 912 41.61 -13.64 1.63
N TRP A 913 40.68 -14.61 1.65
CA TRP A 913 39.30 -14.26 1.32
C TRP A 913 38.68 -13.39 2.41
N LEU A 914 38.93 -13.72 3.69
CA LEU A 914 38.31 -12.97 4.77
C LEU A 914 38.77 -11.52 4.76
N ALA A 915 40.07 -11.29 4.55
CA ALA A 915 40.56 -9.91 4.50
C ALA A 915 39.96 -9.15 3.32
N GLY A 916 39.87 -9.80 2.16
CA GLY A 916 39.45 -9.11 0.95
C GLY A 916 38.11 -9.53 0.40
N LYS A 917 37.17 -9.87 1.28
CA LYS A 917 35.83 -10.23 0.83
C LYS A 917 35.01 -9.02 0.40
N ASN A 918 35.44 -7.81 0.77
CA ASN A 918 34.77 -6.60 0.33
C ASN A 918 35.22 -6.15 -1.06
N ASP A 919 36.30 -6.73 -1.58
CA ASP A 919 36.74 -6.44 -2.94
C ASP A 919 36.26 -7.55 -3.87
N PRO A 920 35.50 -7.24 -4.92
CA PRO A 920 35.05 -8.31 -5.83
C PRO A 920 36.19 -9.07 -6.49
N ILE A 921 37.30 -8.39 -6.79
CA ILE A 921 38.41 -9.04 -7.49
C ILE A 921 39.13 -10.03 -6.57
N LYS A 922 39.52 -9.56 -5.37
CA LYS A 922 40.21 -10.44 -4.45
C LYS A 922 39.29 -11.55 -3.96
N SER A 923 38.02 -11.22 -3.72
CA SER A 923 37.07 -12.24 -3.29
C SER A 923 36.88 -13.27 -4.38
N LYS A 924 36.83 -12.86 -5.64
CA LYS A 924 36.72 -13.82 -6.72
C LYS A 924 37.95 -14.72 -6.78
N GLU A 925 39.14 -14.14 -6.63
CA GLU A 925 40.37 -14.93 -6.71
C GLU A 925 40.41 -15.98 -5.60
N TYR A 926 40.22 -15.55 -4.35
CA TYR A 926 40.30 -16.48 -3.24
C TYR A 926 39.08 -17.37 -3.12
N GLY A 927 37.94 -16.99 -3.69
CA GLY A 927 36.83 -17.91 -3.80
C GLY A 927 37.12 -19.03 -4.78
N ASP A 928 37.81 -18.70 -5.89
CA ASP A 928 38.27 -19.76 -6.79
C ASP A 928 39.28 -20.65 -6.10
N LYS A 929 40.20 -20.06 -5.33
CA LYS A 929 41.14 -20.86 -4.54
C LYS A 929 40.41 -21.82 -3.61
N LEU A 930 39.42 -21.30 -2.86
CA LEU A 930 38.68 -22.13 -1.91
C LEU A 930 37.87 -23.21 -2.61
N LYS A 931 37.27 -22.89 -3.75
CA LYS A 931 36.51 -23.88 -4.50
C LYS A 931 37.43 -24.94 -5.10
N LYS A 932 38.70 -24.61 -5.33
CA LYS A 932 39.65 -25.64 -5.73
C LYS A 932 40.04 -26.52 -4.54
N LEU A 933 40.34 -25.91 -3.40
CA LEU A 933 40.84 -26.66 -2.25
C LEU A 933 39.76 -27.53 -1.64
N LEU A 934 38.53 -27.03 -1.56
CA LEU A 934 37.44 -27.68 -0.82
C LEU A 934 36.50 -28.46 -1.74
N ALA A 935 37.04 -29.11 -2.77
CA ALA A 935 36.21 -29.92 -3.64
C ALA A 935 35.79 -31.20 -2.93
N GLY A 936 34.50 -31.49 -2.95
CA GLY A 936 33.98 -32.68 -2.31
C GLY A 936 33.99 -32.66 -0.80
N GLN A 937 34.38 -31.55 -0.19
CA GLN A 937 34.46 -31.45 1.26
C GLN A 937 33.04 -31.31 1.80
N LYS A 938 32.55 -32.35 2.48
CA LYS A 938 31.17 -32.37 2.92
C LYS A 938 31.07 -32.69 4.42
N ASP A 939 32.15 -32.46 5.16
CA ASP A 939 32.20 -32.77 6.59
C ASP A 939 32.77 -31.61 7.38
N GLY A 940 32.16 -31.34 8.53
CA GLY A 940 32.68 -30.37 9.49
C GLY A 940 32.50 -28.92 9.07
N LEU A 941 33.30 -28.06 9.69
CA LEU A 941 33.35 -26.66 9.28
C LEU A 941 33.78 -26.52 7.84
N LEU A 942 34.72 -27.36 7.39
CA LEU A 942 35.16 -27.31 6.00
C LEU A 942 34.05 -27.71 5.04
N GLY A 943 33.30 -28.75 5.38
CA GLY A 943 32.15 -29.12 4.56
C GLY A 943 31.10 -28.02 4.51
N GLN A 944 30.86 -27.37 5.65
CA GLN A 944 29.92 -26.27 5.68
C GLN A 944 30.40 -25.10 4.83
N ILE A 945 31.68 -24.76 4.92
CA ILE A 945 32.24 -23.66 4.14
C ILE A 945 32.17 -23.97 2.65
N ALA A 946 32.47 -25.21 2.28
CA ALA A 946 32.37 -25.60 0.87
C ALA A 946 30.93 -25.68 0.40
N ALA A 947 29.98 -25.82 1.33
CA ALA A 947 28.58 -25.95 0.95
C ALA A 947 28.08 -24.69 0.23
N MET A 948 28.37 -23.53 0.80
CA MET A 948 27.94 -22.26 0.20
C MET A 948 29.08 -21.65 -0.60
N SER A 949 29.35 -22.29 -1.75
CA SER A 949 30.37 -21.79 -2.66
C SER A 949 29.87 -20.65 -3.52
N ASP A 950 28.57 -20.37 -3.50
CA ASP A 950 28.02 -19.26 -4.27
C ASP A 950 28.09 -17.92 -3.53
N LEU A 951 28.60 -17.91 -2.31
CA LEU A 951 28.74 -16.68 -1.54
C LEU A 951 30.17 -16.18 -1.48
N TYR A 952 31.07 -16.74 -2.29
CA TYR A 952 32.47 -16.35 -2.18
C TYR A 952 32.70 -14.95 -2.75
N THR A 953 32.45 -14.77 -4.04
CA THR A 953 32.68 -13.48 -4.67
C THR A 953 31.59 -12.50 -4.28
N LYS A 954 31.99 -11.28 -3.95
CA LYS A 954 31.04 -10.26 -3.53
C LYS A 954 30.07 -9.97 -4.66
N LYS A 955 28.79 -9.83 -4.31
CA LYS A 955 27.73 -9.69 -5.28
C LYS A 955 27.29 -8.23 -5.38
N SER A 956 26.75 -7.88 -6.55
CA SER A 956 26.28 -6.53 -6.85
C SER A 956 24.78 -6.59 -7.05
N VAL A 957 24.02 -6.14 -6.06
CA VAL A 957 22.57 -6.06 -6.18
C VAL A 957 22.21 -4.74 -6.85
N TRP A 958 21.44 -4.83 -7.93
CA TRP A 958 21.04 -3.66 -8.70
C TRP A 958 19.53 -3.53 -8.70
N ILE A 959 19.04 -2.31 -8.75
CA ILE A 959 17.63 -2.00 -8.81
C ILE A 959 17.36 -1.24 -10.10
N PHE A 960 16.58 -1.86 -10.99
CA PHE A 960 16.27 -1.30 -12.30
C PHE A 960 14.80 -0.92 -12.37
N GLY A 961 14.53 0.35 -12.64
CA GLY A 961 13.16 0.77 -12.84
C GLY A 961 13.12 2.10 -13.54
N GLY A 962 11.92 2.48 -13.93
CA GLY A 962 11.74 3.65 -14.77
C GLY A 962 11.53 4.92 -13.98
N ASP A 963 10.91 5.88 -14.68
CA ASP A 963 10.55 7.16 -14.08
C ASP A 963 9.38 7.02 -13.12
N GLY A 964 8.39 6.20 -13.48
CA GLY A 964 7.25 6.04 -12.60
C GLY A 964 7.62 5.44 -11.25
N TRP A 965 8.43 4.38 -11.27
CA TRP A 965 8.82 3.74 -10.03
C TRP A 965 9.69 4.66 -9.19
N ALA A 966 10.75 5.20 -9.77
CA ALA A 966 11.68 6.01 -9.01
C ALA A 966 11.05 7.33 -8.59
N TYR A 967 10.02 7.77 -9.29
CA TYR A 967 9.50 9.12 -9.18
C TYR A 967 8.16 9.19 -8.48
N ASP A 968 7.26 8.23 -8.72
CA ASP A 968 5.89 8.36 -8.24
C ASP A 968 5.54 7.35 -7.16
N ILE A 969 5.59 6.06 -7.45
CA ILE A 969 4.93 5.09 -6.59
C ILE A 969 5.93 4.34 -5.71
N GLY A 970 7.03 3.86 -6.27
CA GLY A 970 8.02 3.17 -5.47
C GLY A 970 8.99 4.15 -4.87
N TYR A 971 8.61 5.43 -4.86
CA TYR A 971 9.52 6.48 -4.44
C TYR A 971 9.90 6.36 -2.97
N GLY A 972 8.94 6.07 -2.10
CA GLY A 972 9.25 6.00 -0.67
C GLY A 972 10.19 4.86 -0.33
N GLY A 973 9.97 3.68 -0.92
CA GLY A 973 10.88 2.58 -0.72
C GLY A 973 12.26 2.86 -1.28
N LEU A 974 12.32 3.49 -2.45
CA LEU A 974 13.61 3.87 -3.01
C LEU A 974 14.33 4.84 -2.09
N ASP A 975 13.62 5.84 -1.57
CA ASP A 975 14.24 6.81 -0.69
C ASP A 975 14.74 6.17 0.58
N HIS A 976 13.96 5.22 1.13
CA HIS A 976 14.41 4.59 2.36
C HIS A 976 15.63 3.72 2.13
N VAL A 977 15.60 2.88 1.09
CA VAL A 977 16.74 2.00 0.85
C VAL A 977 17.96 2.82 0.48
N LEU A 978 17.76 3.98 -0.13
CA LEU A 978 18.83 4.85 -0.59
C LEU A 978 19.24 5.87 0.47
N ALA A 979 18.61 5.86 1.63
CA ALA A 979 19.06 6.61 2.78
C ALA A 979 19.51 5.71 3.92
N SER A 980 19.34 4.38 3.78
CA SER A 980 19.70 3.46 4.84
C SER A 980 21.21 3.39 5.04
N GLY A 981 21.98 3.54 3.97
CA GLY A 981 23.43 3.43 4.05
C GLY A 981 24.00 2.10 3.64
N GLU A 982 23.18 1.17 3.16
CA GLU A 982 23.70 -0.12 2.73
C GLU A 982 24.04 -0.10 1.25
N ASP A 983 25.00 -0.93 0.88
CA ASP A 983 25.63 -0.91 -0.45
C ASP A 983 24.64 -1.44 -1.47
N VAL A 984 23.77 -0.57 -1.95
CA VAL A 984 22.82 -0.88 -3.01
C VAL A 984 22.93 0.19 -4.08
N ASN A 985 22.69 -0.20 -5.32
CA ASN A 985 22.84 0.69 -6.47
C ASN A 985 21.55 0.66 -7.28
N VAL A 986 21.00 1.84 -7.55
CA VAL A 986 19.73 1.97 -8.25
C VAL A 986 19.97 2.74 -9.54
N PHE A 987 19.49 2.19 -10.64
CA PHE A 987 19.66 2.76 -11.98
C PHE A 987 18.29 3.16 -12.51
N VAL A 988 18.13 4.44 -12.82
CA VAL A 988 16.84 4.98 -13.25
C VAL A 988 16.86 5.14 -14.76
N MET A 989 15.92 4.49 -15.42
CA MET A 989 15.70 4.63 -16.86
C MET A 989 14.60 5.68 -17.04
N ASP A 990 14.98 6.94 -16.85
CA ASP A 990 14.03 8.05 -16.84
C ASP A 990 13.59 8.37 -18.27
N THR A 991 12.46 7.80 -18.69
CA THR A 991 11.86 8.12 -19.97
C THR A 991 10.91 9.31 -19.90
N GLU A 992 10.85 9.99 -18.74
CA GLU A 992 10.01 11.15 -18.49
C GLU A 992 8.52 10.86 -18.66
N VAL A 993 8.10 9.60 -18.66
CA VAL A 993 6.72 9.25 -18.90
C VAL A 993 6.50 7.82 -18.43
N TYR A 994 5.24 7.46 -18.19
CA TYR A 994 4.87 6.06 -17.93
C TYR A 994 4.85 5.34 -19.27
N SER A 995 6.05 5.01 -19.76
CA SER A 995 6.16 4.47 -21.11
C SER A 995 5.38 3.18 -21.25
N ASN A 996 5.48 2.30 -20.26
CA ASN A 996 4.86 0.99 -20.36
C ASN A 996 3.35 1.09 -20.51
N THR A 997 2.71 1.90 -19.66
CA THR A 997 1.26 2.06 -19.66
C THR A 997 0.94 3.32 -20.45
N GLY A 998 0.76 3.15 -21.76
CA GLY A 998 0.18 4.19 -22.60
C GLY A 998 0.77 5.59 -22.56
N GLY A 999 1.89 5.77 -21.86
CA GLY A 999 2.49 7.09 -21.78
C GLY A 999 1.69 8.12 -21.01
N GLN A 1000 1.44 7.88 -19.74
CA GLN A 1000 0.73 8.86 -18.94
C GLN A 1000 1.71 9.78 -18.22
N SER A 1001 1.19 10.90 -17.73
CA SER A 1001 2.06 11.87 -17.08
C SER A 1001 2.72 11.24 -15.87
N SER A 1002 3.98 11.59 -15.67
CA SER A 1002 4.75 11.22 -14.50
C SER A 1002 5.04 12.50 -13.73
N LYS A 1003 5.92 12.38 -12.73
CA LYS A 1003 6.52 13.59 -12.20
C LYS A 1003 7.83 13.90 -12.90
N ALA A 1004 8.38 12.90 -13.62
CA ALA A 1004 9.51 13.15 -14.49
C ALA A 1004 9.09 13.88 -15.75
N THR A 1005 7.84 13.71 -16.17
CA THR A 1005 7.26 14.48 -17.27
C THR A 1005 7.51 15.97 -17.03
N PRO A 1006 8.26 16.63 -17.90
CA PRO A 1006 8.72 17.99 -17.61
C PRO A 1006 7.67 19.03 -17.97
N THR A 1007 7.98 20.28 -17.62
CA THR A 1007 7.09 21.39 -17.88
C THR A 1007 6.75 21.48 -19.36
N GLY A 1008 5.49 21.79 -19.65
CA GLY A 1008 5.09 22.00 -21.02
C GLY A 1008 5.09 20.78 -21.89
N ALA A 1009 5.03 19.59 -21.30
CA ALA A 1009 4.98 18.34 -22.05
C ALA A 1009 3.54 17.87 -22.17
N VAL A 1010 3.19 17.35 -23.33
CA VAL A 1010 1.88 16.76 -23.55
C VAL A 1010 1.97 15.25 -23.34
N ALA A 1011 1.12 14.74 -22.47
CA ALA A 1011 1.02 13.31 -22.20
C ALA A 1011 -0.44 13.01 -21.93
N LYS A 1012 -0.71 11.85 -21.35
CA LYS A 1012 -2.03 11.59 -20.80
C LYS A 1012 -2.13 12.24 -19.42
N PHE A 1013 -3.28 12.85 -19.14
CA PHE A 1013 -3.51 13.68 -17.96
C PHE A 1013 -2.64 14.93 -17.98
N ALA A 1014 -2.09 15.28 -19.14
CA ALA A 1014 -1.47 16.59 -19.38
C ALA A 1014 -1.83 17.09 -20.77
N ALA A 1015 -3.09 16.94 -21.17
CA ALA A 1015 -3.48 17.17 -22.56
C ALA A 1015 -3.25 18.62 -22.98
N ALA A 1016 -3.24 19.55 -22.03
CA ALA A 1016 -2.96 20.94 -22.35
C ALA A 1016 -1.51 21.33 -22.15
N GLY A 1017 -0.64 20.37 -21.81
CA GLY A 1017 0.73 20.67 -21.46
C GLY A 1017 0.93 20.68 -19.97
N LYS A 1018 1.84 19.85 -19.48
CA LYS A 1018 2.04 19.72 -18.04
C LYS A 1018 2.58 21.02 -17.47
N ARG A 1019 2.03 21.42 -16.32
CA ARG A 1019 2.38 22.70 -15.72
C ARG A 1019 3.36 22.59 -14.57
N THR A 1020 3.55 21.41 -13.99
CA THR A 1020 4.55 21.21 -12.96
C THR A 1020 5.80 20.61 -13.58
N GLY A 1021 6.96 20.97 -13.02
CA GLY A 1021 8.23 20.61 -13.58
C GLY A 1021 8.63 19.17 -13.30
N LYS A 1022 9.78 18.81 -13.85
CA LYS A 1022 10.35 17.50 -13.60
C LYS A 1022 10.63 17.32 -12.12
N LYS A 1023 10.35 16.11 -11.61
CA LYS A 1023 10.61 15.81 -10.22
C LYS A 1023 12.11 15.70 -9.99
N ASP A 1024 12.67 16.63 -9.23
CA ASP A 1024 14.12 16.75 -9.07
C ASP A 1024 14.64 15.61 -8.18
N LEU A 1025 14.52 14.39 -8.69
CA LEU A 1025 14.85 13.21 -7.91
C LEU A 1025 16.33 13.17 -7.54
N ALA A 1026 17.21 13.50 -8.48
CA ALA A 1026 18.65 13.52 -8.22
C ALA A 1026 18.98 14.54 -7.13
N ARG A 1027 18.44 15.74 -7.25
CA ARG A 1027 18.72 16.76 -6.26
C ARG A 1027 18.06 16.44 -4.92
N MET A 1028 16.95 15.70 -4.93
CA MET A 1028 16.37 15.23 -3.68
C MET A 1028 17.32 14.29 -2.97
N VAL A 1029 17.84 13.29 -3.68
CA VAL A 1029 18.70 12.30 -3.06
C VAL A 1029 20.03 12.91 -2.65
N MET A 1030 20.54 13.87 -3.43
CA MET A 1030 21.84 14.48 -3.13
C MET A 1030 21.87 15.21 -1.80
N THR A 1031 20.71 15.57 -1.25
CA THR A 1031 20.66 16.23 0.05
C THR A 1031 21.12 15.33 1.18
N TYR A 1032 21.20 14.01 0.95
CA TYR A 1032 21.64 13.12 2.01
C TYR A 1032 23.13 13.28 2.30
N GLY A 1033 23.96 13.30 1.25
CA GLY A 1033 25.37 13.51 1.42
C GLY A 1033 26.19 12.25 1.61
N TYR A 1034 25.56 11.10 1.82
CA TYR A 1034 26.26 9.83 1.84
C TYR A 1034 25.83 8.92 0.71
N VAL A 1035 25.31 9.51 -0.38
CA VAL A 1035 24.84 8.75 -1.53
C VAL A 1035 25.57 9.26 -2.76
N TYR A 1036 26.14 8.33 -3.53
CA TYR A 1036 26.70 8.66 -4.83
C TYR A 1036 25.56 8.94 -5.80
N VAL A 1037 25.55 10.13 -6.38
CA VAL A 1037 24.53 10.50 -7.35
C VAL A 1037 25.24 11.00 -8.60
N ALA A 1038 24.80 10.51 -9.75
CA ALA A 1038 25.39 10.88 -11.02
C ALA A 1038 24.35 10.70 -12.11
N THR A 1039 24.28 11.66 -13.02
CA THR A 1039 23.35 11.62 -14.12
C THR A 1039 24.12 11.32 -15.40
N VAL A 1040 23.58 10.44 -16.23
CA VAL A 1040 24.29 9.97 -17.41
C VAL A 1040 23.40 10.13 -18.63
N SER A 1041 24.05 10.22 -19.79
CA SER A 1041 23.36 10.12 -21.07
C SER A 1041 24.35 9.45 -22.02
N MET A 1042 23.93 8.37 -22.67
CA MET A 1042 24.86 7.61 -23.49
C MET A 1042 25.09 8.27 -24.84
N GLY A 1043 24.04 8.84 -25.43
CA GLY A 1043 24.21 9.51 -26.70
C GLY A 1043 25.16 10.69 -26.62
N TYR A 1044 25.22 11.34 -25.46
CA TYR A 1044 26.14 12.45 -25.29
C TYR A 1044 27.58 11.97 -25.19
N SER A 1045 27.90 11.22 -24.14
CA SER A 1045 29.24 10.70 -23.94
C SER A 1045 29.14 9.32 -23.35
N LYS A 1046 29.89 8.38 -23.94
CA LYS A 1046 29.90 7.01 -23.46
C LYS A 1046 30.92 6.78 -22.35
N GLN A 1047 31.92 7.64 -22.24
CA GLN A 1047 32.95 7.45 -21.23
C GLN A 1047 32.45 7.86 -19.85
N GLN A 1048 31.65 8.93 -19.77
CA GLN A 1048 31.08 9.32 -18.48
C GLN A 1048 30.17 8.25 -17.93
N PHE A 1049 29.36 7.63 -18.80
CA PHE A 1049 28.49 6.53 -18.38
C PHE A 1049 29.30 5.39 -17.79
N LEU A 1050 30.41 5.03 -18.43
CA LEU A 1050 31.23 3.91 -17.98
C LEU A 1050 31.92 4.24 -16.66
N LYS A 1051 32.50 5.44 -16.56
CA LYS A 1051 33.10 5.85 -15.31
C LYS A 1051 32.08 5.86 -14.20
N VAL A 1052 30.86 6.34 -14.49
CA VAL A 1052 29.81 6.41 -13.49
C VAL A 1052 29.44 5.01 -13.01
N LEU A 1053 29.27 4.06 -13.93
CA LEU A 1053 28.95 2.70 -13.51
C LEU A 1053 30.03 2.14 -12.60
N LYS A 1054 31.30 2.28 -13.01
CA LYS A 1054 32.37 1.66 -12.23
C LYS A 1054 32.45 2.28 -10.83
N GLU A 1055 32.46 3.60 -10.75
CA GLU A 1055 32.56 4.25 -9.44
C GLU A 1055 31.24 4.26 -8.68
N ALA A 1056 30.15 3.80 -9.31
CA ALA A 1056 28.91 3.63 -8.56
C ALA A 1056 28.89 2.28 -7.86
N GLU A 1057 29.22 1.22 -8.59
CA GLU A 1057 29.34 -0.08 -7.92
C GLU A 1057 30.53 -0.10 -6.96
N SER A 1058 31.51 0.78 -7.15
CA SER A 1058 32.64 0.80 -6.22
C SER A 1058 32.36 1.55 -4.93
N PHE A 1059 31.32 2.38 -4.88
CA PHE A 1059 31.09 3.19 -3.70
C PHE A 1059 30.53 2.34 -2.57
N PRO A 1060 31.17 2.30 -1.41
CA PRO A 1060 30.64 1.53 -0.26
C PRO A 1060 29.48 2.25 0.42
N GLY A 1061 28.34 2.27 -0.27
CA GLY A 1061 27.17 2.95 0.24
C GLY A 1061 26.07 3.04 -0.79
N PRO A 1062 25.06 3.85 -0.51
CA PRO A 1062 23.97 4.04 -1.49
C PRO A 1062 24.46 4.76 -2.73
N SER A 1063 23.91 4.38 -3.88
CA SER A 1063 24.30 4.96 -5.16
C SER A 1063 23.09 5.03 -6.08
N LEU A 1064 22.87 6.20 -6.67
CA LEU A 1064 21.75 6.44 -7.56
C LEU A 1064 22.25 7.04 -8.86
N VAL A 1065 21.80 6.50 -9.98
CA VAL A 1065 22.22 6.92 -11.31
C VAL A 1065 20.97 7.06 -12.17
N ILE A 1066 20.77 8.23 -12.77
CA ILE A 1066 19.59 8.50 -13.58
C ILE A 1066 20.05 8.69 -15.03
N ALA A 1067 19.54 7.85 -15.93
CA ALA A 1067 19.95 7.83 -17.32
C ALA A 1067 18.81 8.36 -18.20
N TYR A 1068 19.09 9.45 -18.92
CA TYR A 1068 18.15 9.92 -19.93
C TYR A 1068 17.93 8.81 -20.95
N ALA A 1069 16.67 8.45 -21.14
CA ALA A 1069 16.32 7.42 -22.11
C ALA A 1069 15.21 7.92 -23.02
N THR A 1070 15.21 7.42 -24.24
CA THR A 1070 14.24 7.81 -25.26
C THR A 1070 13.22 6.70 -25.44
N CYS A 1071 11.97 7.09 -25.62
CA CYS A 1071 10.87 6.16 -25.82
C CYS A 1071 10.12 6.57 -27.07
N ILE A 1072 9.50 5.59 -27.74
CA ILE A 1072 8.73 5.92 -28.93
C ILE A 1072 7.58 6.85 -28.61
N ASN A 1073 7.20 6.95 -27.33
CA ASN A 1073 6.16 7.89 -26.94
C ASN A 1073 6.62 9.33 -27.06
N GLN A 1074 7.93 9.57 -26.95
CA GLN A 1074 8.46 10.91 -27.14
C GLN A 1074 8.30 11.38 -28.58
N GLY A 1075 7.97 10.49 -29.50
CA GLY A 1075 7.59 10.85 -30.85
C GLY A 1075 8.68 11.53 -31.63
N LEU A 1076 9.90 10.98 -31.58
CA LEU A 1076 11.01 11.50 -32.35
C LEU A 1076 10.60 11.59 -33.81
N ARG A 1077 10.63 12.81 -34.36
CA ARG A 1077 10.05 13.05 -35.68
C ARG A 1077 10.94 12.53 -36.79
N LYS A 1078 12.24 12.42 -36.54
CA LYS A 1078 13.11 11.79 -37.52
C LYS A 1078 13.23 10.29 -37.29
N GLY A 1079 12.99 9.82 -36.08
CA GLY A 1079 12.94 8.40 -35.80
C GLY A 1079 13.69 8.04 -34.53
N MET A 1080 13.57 6.76 -34.18
CA MET A 1080 14.30 6.24 -33.03
C MET A 1080 15.79 6.09 -33.31
N GLY A 1081 16.18 6.03 -34.58
CA GLY A 1081 17.59 5.98 -34.91
C GLY A 1081 18.36 7.19 -34.44
N LYS A 1082 17.69 8.31 -34.23
CA LYS A 1082 18.31 9.51 -33.71
C LYS A 1082 18.39 9.52 -32.20
N SER A 1083 18.02 8.41 -31.55
CA SER A 1083 17.99 8.36 -30.08
C SER A 1083 19.27 8.92 -29.50
N GLN A 1084 20.41 8.30 -29.84
CA GLN A 1084 21.69 8.79 -29.37
C GLN A 1084 21.87 10.27 -29.68
N ASP A 1085 21.61 10.66 -30.93
CA ASP A 1085 21.70 12.06 -31.29
C ASP A 1085 20.78 12.89 -30.40
N VAL A 1086 19.53 12.46 -30.25
CA VAL A 1086 18.62 13.15 -29.34
C VAL A 1086 19.21 13.16 -27.94
N MET A 1087 19.67 11.99 -27.47
CA MET A 1087 20.34 11.95 -26.18
C MET A 1087 21.45 12.98 -26.14
N ASN A 1088 22.29 13.00 -27.19
CA ASN A 1088 23.37 13.98 -27.27
C ASN A 1088 22.82 15.39 -27.13
N THR A 1089 21.82 15.73 -27.94
CA THR A 1089 21.30 17.08 -27.91
C THR A 1089 20.75 17.42 -26.53
N ALA A 1090 20.13 16.43 -25.87
CA ALA A 1090 19.53 16.68 -24.57
C ALA A 1090 20.55 17.21 -23.57
N VAL A 1091 21.81 16.84 -23.74
CA VAL A 1091 22.82 17.31 -22.80
C VAL A 1091 23.51 18.57 -23.30
N LYS A 1092 23.53 18.79 -24.62
CA LYS A 1092 24.16 20.01 -25.11
C LYS A 1092 23.33 21.24 -24.76
N SER A 1093 22.00 21.14 -24.91
CA SER A 1093 21.12 22.27 -24.68
C SER A 1093 20.90 22.57 -23.20
N GLY A 1094 21.36 21.71 -22.30
CA GLY A 1094 21.16 21.90 -20.87
C GLY A 1094 19.86 21.34 -20.32
N TYR A 1095 19.04 20.68 -21.15
CA TYR A 1095 17.83 20.04 -20.67
C TYR A 1095 18.15 18.92 -19.68
N TRP A 1096 19.17 18.12 -19.98
CA TRP A 1096 19.54 16.96 -19.17
C TRP A 1096 21.02 17.07 -18.81
N PRO A 1097 21.37 17.86 -17.82
CA PRO A 1097 22.78 17.98 -17.44
C PRO A 1097 23.37 16.66 -16.96
N LEU A 1098 24.70 16.60 -16.97
CA LEU A 1098 25.45 15.50 -16.40
C LEU A 1098 26.30 16.03 -15.26
N PHE A 1099 26.40 15.24 -14.20
CA PHE A 1099 27.15 15.65 -13.01
C PHE A 1099 27.34 14.43 -12.12
N ARG A 1100 28.25 14.57 -11.16
CA ARG A 1100 28.50 13.50 -10.20
C ARG A 1100 28.66 14.10 -8.82
N TYR A 1101 27.90 13.58 -7.86
CA TYR A 1101 28.09 13.89 -6.45
C TYR A 1101 28.79 12.71 -5.81
N ASP A 1102 30.03 12.91 -5.37
CA ASP A 1102 30.86 11.85 -4.79
C ASP A 1102 31.15 12.19 -3.34
N PRO A 1103 30.51 11.52 -2.38
CA PRO A 1103 30.78 11.81 -0.97
C PRO A 1103 32.22 11.57 -0.58
N ARG A 1104 32.90 10.61 -1.20
CA ARG A 1104 34.30 10.34 -0.91
C ARG A 1104 35.19 11.54 -1.24
N ASN A 1111 35.33 19.36 -2.45
CA ASN A 1111 34.11 19.50 -3.24
C ASN A 1111 33.59 18.13 -3.70
N PRO A 1112 32.70 17.55 -2.91
CA PRO A 1112 32.11 16.26 -3.31
C PRO A 1112 31.29 16.32 -4.58
N PHE A 1113 30.84 17.50 -5.00
CA PHE A 1113 30.05 17.65 -6.21
C PHE A 1113 30.92 18.10 -7.37
N GLN A 1114 30.51 17.74 -8.58
CA GLN A 1114 31.25 18.14 -9.77
C GLN A 1114 30.35 18.06 -10.99
N LEU A 1115 30.58 18.96 -11.94
CA LEU A 1115 29.81 18.98 -13.18
C LEU A 1115 30.63 18.43 -14.32
N ASP A 1116 30.16 17.33 -14.91
CA ASP A 1116 30.78 16.78 -16.10
C ASP A 1116 30.22 17.35 -17.39
N SER A 1117 29.20 18.19 -17.29
CA SER A 1117 28.51 18.69 -18.47
C SER A 1117 28.79 20.17 -18.68
N LYS A 1118 28.79 20.58 -19.94
CA LYS A 1118 29.07 21.96 -20.29
C LYS A 1118 27.82 22.81 -20.10
N ALA A 1119 27.98 24.12 -20.23
CA ALA A 1119 26.87 25.05 -20.07
C ALA A 1119 25.86 24.85 -21.18
N PRO A 1120 24.60 25.27 -20.97
CA PRO A 1120 23.58 25.08 -22.00
C PRO A 1120 23.93 25.81 -23.29
N ASP A 1121 23.58 25.20 -24.41
CA ASP A 1121 23.88 25.78 -25.71
C ASP A 1121 22.83 26.78 -26.18
N GLY A 1122 21.68 26.86 -25.51
CA GLY A 1122 20.60 27.67 -26.00
C GLY A 1122 19.79 27.03 -27.10
N SER A 1123 20.08 25.79 -27.46
CA SER A 1123 19.33 25.06 -28.48
C SER A 1123 18.17 24.26 -27.90
N VAL A 1124 17.65 24.69 -26.75
CA VAL A 1124 16.56 23.95 -26.12
C VAL A 1124 15.32 23.95 -27.00
N GLU A 1125 15.04 25.05 -27.70
CA GLU A 1125 13.83 25.09 -28.53
C GLU A 1125 13.92 24.09 -29.67
N GLU A 1126 15.09 23.95 -30.29
CA GLU A 1126 15.26 22.94 -31.33
C GLU A 1126 15.03 21.55 -30.78
N PHE A 1127 15.60 21.26 -29.61
CA PHE A 1127 15.44 19.94 -29.01
C PHE A 1127 13.99 19.64 -28.69
N LEU A 1128 13.27 20.62 -28.13
CA LEU A 1128 11.87 20.41 -27.80
C LEU A 1128 11.04 20.21 -29.06
N MET A 1129 11.22 21.07 -30.06
CA MET A 1129 10.47 20.93 -31.32
C MET A 1129 10.81 19.63 -32.03
N ALA A 1130 11.96 19.02 -31.71
CA ALA A 1130 12.32 17.77 -32.36
C ALA A 1130 11.39 16.63 -31.97
N GLN A 1131 10.73 16.76 -30.81
CA GLN A 1131 9.92 15.68 -30.26
C GLN A 1131 8.43 15.98 -30.43
N ASN A 1132 7.68 14.94 -30.76
CA ASN A 1132 6.29 15.12 -31.17
C ASN A 1132 5.41 15.68 -30.05
N ARG A 1133 5.79 15.52 -28.79
CA ARG A 1133 4.94 16.05 -27.74
C ARG A 1133 4.87 17.57 -27.80
N PHE A 1134 6.02 18.23 -27.96
CA PHE A 1134 6.03 19.69 -28.09
C PHE A 1134 5.47 20.13 -29.44
N ALA A 1135 5.69 19.34 -30.48
CA ALA A 1135 5.12 19.67 -31.78
C ALA A 1135 3.59 19.68 -31.72
N VAL A 1136 3.00 18.68 -31.07
CA VAL A 1136 1.54 18.68 -30.89
C VAL A 1136 1.11 19.83 -30.00
N LEU A 1137 1.84 20.08 -28.90
CA LEU A 1137 1.48 21.20 -28.02
C LEU A 1137 1.44 22.51 -28.79
N ASP A 1138 2.34 22.68 -29.75
CA ASP A 1138 2.30 23.86 -30.61
C ASP A 1138 1.11 23.83 -31.55
N ARG A 1139 0.89 22.70 -32.23
CA ARG A 1139 -0.23 22.60 -33.17
C ARG A 1139 -1.56 22.89 -32.51
N SER A 1140 -1.68 22.62 -31.21
CA SER A 1140 -2.93 22.89 -30.50
C SER A 1140 -3.01 24.33 -30.01
N PHE A 1141 -2.10 24.72 -29.12
CA PHE A 1141 -2.16 26.03 -28.46
C PHE A 1141 -0.81 26.72 -28.58
N PRO A 1142 -0.63 27.58 -29.58
CA PRO A 1142 0.69 28.21 -29.78
C PRO A 1142 1.13 29.13 -28.65
N GLU A 1143 0.26 30.02 -28.16
CA GLU A 1143 0.69 30.93 -27.11
C GLU A 1143 1.01 30.17 -25.83
N ASP A 1144 0.16 29.20 -25.47
CA ASP A 1144 0.48 28.34 -24.34
C ASP A 1144 1.80 27.62 -24.56
N ALA A 1145 2.01 27.06 -25.75
CA ALA A 1145 3.23 26.31 -26.03
C ALA A 1145 4.47 27.18 -25.91
N LYS A 1146 4.42 28.40 -26.44
CA LYS A 1146 5.60 29.26 -26.39
C LYS A 1146 5.87 29.75 -24.97
N ARG A 1147 4.82 30.04 -24.20
CA ARG A 1147 5.02 30.39 -22.81
C ARG A 1147 5.62 29.24 -22.03
N LEU A 1148 5.13 28.02 -22.26
CA LEU A 1148 5.66 26.85 -21.58
C LEU A 1148 7.11 26.60 -21.95
N ARG A 1149 7.45 26.73 -23.23
CA ARG A 1149 8.84 26.51 -23.64
C ARG A 1149 9.76 27.58 -23.10
N ALA A 1150 9.27 28.82 -23.01
CA ALA A 1150 10.04 29.85 -22.34
C ALA A 1150 10.30 29.48 -20.89
N GLN A 1151 9.28 28.98 -20.20
CA GLN A 1151 9.48 28.61 -18.80
C GLN A 1151 10.39 27.41 -18.66
N VAL A 1152 10.32 26.46 -19.60
CA VAL A 1152 11.23 25.32 -19.60
C VAL A 1152 12.67 25.79 -19.75
N ALA A 1153 12.92 26.64 -20.76
CA ALA A 1153 14.27 27.16 -20.96
C ALA A 1153 14.76 27.93 -19.75
N HIS A 1154 13.91 28.78 -19.18
CA HIS A 1154 14.30 29.55 -18.02
C HIS A 1154 14.61 28.67 -16.82
N GLU A 1155 13.78 27.64 -16.60
CA GLU A 1155 13.95 26.80 -15.42
C GLU A 1155 15.17 25.90 -15.57
N LEU A 1156 15.46 25.42 -16.78
CA LEU A 1156 16.69 24.65 -16.94
C LEU A 1156 17.91 25.56 -16.85
N ASP A 1157 17.79 26.81 -17.29
CA ASP A 1157 18.88 27.77 -17.09
C ASP A 1157 19.16 27.97 -15.62
N VAL A 1158 18.12 28.19 -14.80
CA VAL A 1158 18.36 28.43 -13.37
C VAL A 1158 18.72 27.14 -12.63
N ARG A 1159 18.24 25.99 -13.10
CA ARG A 1159 18.63 24.72 -12.49
C ARG A 1159 20.11 24.44 -12.72
N PHE A 1160 20.57 24.63 -13.95
CA PHE A 1160 22.01 24.51 -14.20
C PHE A 1160 22.78 25.63 -13.51
N LYS A 1161 22.17 26.79 -13.32
CA LYS A 1161 22.81 27.85 -12.56
C LYS A 1161 23.04 27.42 -11.12
N GLU A 1162 22.08 26.72 -10.53
CA GLU A 1162 22.27 26.16 -9.20
C GLU A 1162 23.35 25.08 -9.19
N LEU A 1163 23.37 24.24 -10.23
CA LEU A 1163 24.41 23.22 -10.33
C LEU A 1163 25.80 23.85 -10.39
N GLU A 1164 25.95 24.92 -11.17
CA GLU A 1164 27.23 25.64 -11.23
C GLU A 1164 27.54 26.39 -9.94
N HIS A 1165 26.51 26.91 -9.28
CA HIS A 1165 26.71 27.60 -8.02
C HIS A 1165 27.28 26.67 -6.97
N MET A 1166 26.79 25.42 -6.94
CA MET A 1166 27.27 24.46 -5.97
C MET A 1166 28.41 23.59 -6.47
N ALA A 1167 28.78 23.68 -7.74
CA ALA A 1167 29.92 22.94 -8.24
C ALA A 1167 31.22 23.72 -8.17
N ALA A 1168 31.14 25.06 -8.08
CA ALA A 1168 32.34 25.89 -8.15
C ALA A 1168 33.29 25.59 -6.99
N THR A 1169 32.76 25.48 -5.79
CA THR A 1169 33.61 25.29 -4.61
C THR A 1169 34.21 23.90 -4.59
N GLY A 1184 26.03 -2.39 20.17
CA GLY A 1184 25.61 -2.51 21.54
C GLY A 1184 24.19 -2.02 21.77
N SER A 1185 23.62 -2.37 22.92
CA SER A 1185 22.23 -2.08 23.22
C SER A 1185 22.12 -1.17 24.43
N VAL A 1186 21.30 -0.12 24.31
CA VAL A 1186 20.87 0.68 25.45
C VAL A 1186 19.66 1.49 25.02
N ASP A 1187 18.76 1.74 25.96
CA ASP A 1187 17.50 2.43 25.69
C ASP A 1187 17.58 3.89 26.11
N PHE A 1188 17.00 4.77 25.30
CA PHE A 1188 17.01 6.21 25.56
C PHE A 1188 16.12 6.62 26.72
N GLY A 1189 15.62 5.67 27.51
CA GLY A 1189 14.78 5.99 28.64
C GLY A 1189 15.35 5.67 29.99
N GLU A 1190 16.58 5.18 30.07
CA GLU A 1190 17.16 4.71 31.31
C GLU A 1190 18.01 5.79 31.95
N GLY A 1191 17.78 6.01 33.25
CA GLY A 1191 18.56 6.99 33.98
C GLY A 1191 18.21 8.43 33.72
N ALA A 1192 17.00 8.71 33.23
CA ALA A 1192 16.53 10.07 33.04
C ALA A 1192 15.63 10.45 34.20
N GLU A 1193 15.70 11.73 34.60
CA GLU A 1193 14.89 12.18 35.74
C GLU A 1193 13.40 12.17 35.41
N PHE A 1194 13.03 12.45 34.16
CA PHE A 1194 11.65 12.51 33.73
C PHE A 1194 11.29 11.28 32.90
N CYS A 1195 9.98 11.04 32.76
CA CYS A 1195 9.51 9.91 31.99
C CYS A 1195 9.68 10.16 30.50
N THR A 1196 10.21 9.16 29.79
CA THR A 1196 10.27 9.16 28.34
C THR A 1196 9.14 8.36 27.71
N ARG A 1197 8.19 7.87 28.50
CA ARG A 1197 7.09 7.04 28.04
C ARG A 1197 5.79 7.50 28.68
N ASP A 1198 4.71 7.45 27.90
CA ASP A 1198 3.38 7.69 28.43
C ASP A 1198 2.88 6.44 29.16
N ASP A 1199 1.59 6.45 29.48
CA ASP A 1199 0.91 5.27 30.00
C ASP A 1199 -0.14 4.74 29.05
N THR A 1200 -0.15 5.20 27.80
CA THR A 1200 -1.05 4.66 26.80
C THR A 1200 -0.63 3.25 26.40
N PRO A 1201 -1.57 2.42 25.93
CA PRO A 1201 -1.21 1.08 25.47
C PRO A 1201 -0.26 1.08 24.28
N MET A 1202 -0.23 2.14 23.49
CA MET A 1202 0.70 2.22 22.37
C MET A 1202 2.15 2.32 22.81
N MET A 1203 2.40 2.54 24.10
CA MET A 1203 3.75 2.69 24.65
C MET A 1203 3.95 1.77 25.86
N ALA A 1204 3.57 0.52 25.75
CA ALA A 1204 3.68 -0.44 26.83
C ALA A 1204 4.69 -1.53 26.48
N ARG A 1205 5.59 -1.82 27.41
CA ARG A 1205 6.59 -2.86 27.28
C ARG A 1205 6.80 -3.53 28.62
N PRO A 1206 7.32 -4.76 28.65
CA PRO A 1206 7.55 -5.41 29.95
C PRO A 1206 8.52 -4.66 30.85
N ASP A 1207 9.52 -3.99 30.27
CA ASP A 1207 10.45 -3.23 31.10
C ASP A 1207 9.80 -1.99 31.69
N SER A 1208 8.88 -1.38 30.95
CA SER A 1208 8.29 -0.12 31.35
C SER A 1208 7.43 -0.30 32.60
N GLY A 1209 7.04 0.83 33.19
CA GLY A 1209 6.21 0.83 34.37
C GLY A 1209 6.89 1.27 35.65
N GLU A 1210 8.16 1.66 35.61
CA GLU A 1210 8.83 2.13 36.81
C GLU A 1210 8.40 3.56 37.12
N ALA A 1211 8.20 3.82 38.42
CA ALA A 1211 7.69 5.12 38.86
C ALA A 1211 8.64 6.22 38.47
N CYS A 1212 8.09 7.32 37.95
CA CYS A 1212 8.89 8.42 37.43
C CYS A 1212 8.06 9.69 37.45
N ASP A 1213 8.73 10.84 37.37
CA ASP A 1213 8.03 12.12 37.40
C ASP A 1213 7.49 12.48 36.02
N GLN A 1214 6.21 12.84 35.98
CA GLN A 1214 5.45 12.96 34.76
C GLN A 1214 5.34 14.38 34.22
N ASN A 1215 6.23 15.29 34.62
CA ASN A 1215 6.15 16.70 34.26
C ASN A 1215 4.83 17.33 34.68
N ARG A 1216 4.26 16.90 35.80
CA ARG A 1216 2.99 17.45 36.26
C ARG A 1216 3.13 18.37 37.48
N ALA A 1217 4.27 18.36 38.15
CA ALA A 1217 4.55 19.26 39.25
C ALA A 1217 5.47 20.40 38.85
N GLY A 1218 5.76 20.55 37.56
CA GLY A 1218 6.59 21.63 37.05
C GLY A 1218 8.00 21.17 36.77
N THR A 1219 8.78 22.12 36.29
CA THR A 1219 10.18 21.87 35.94
C THR A 1219 11.01 21.60 37.20
N SER A 1220 12.20 21.03 37.01
CA SER A 1220 13.08 20.73 38.13
C SER A 1220 13.50 22.01 38.85
N GLU A 1221 13.84 23.05 38.09
CA GLU A 1221 14.18 24.33 38.71
C GLU A 1221 12.99 24.92 39.48
N GLN A 1222 11.81 24.90 38.86
CA GLN A 1222 10.63 25.43 39.52
C GLN A 1222 10.26 24.59 40.75
N GLN A 1223 10.51 23.28 40.68
CA GLN A 1223 10.30 22.44 41.86
C GLN A 1223 11.25 22.81 42.99
N GLY A 1224 12.52 23.07 42.65
CA GLY A 1224 13.46 23.49 43.67
C GLY A 1224 13.06 24.81 44.30
N ASP A 1225 12.59 25.75 43.47
CA ASP A 1225 12.12 27.03 44.01
C ASP A 1225 10.91 26.83 44.93
N LEU A 1226 9.95 26.00 44.52
CA LEU A 1226 8.78 25.76 45.36
C LEU A 1226 9.15 25.10 46.68
N SER A 1227 10.11 24.17 46.64
CA SER A 1227 10.59 23.55 47.87
C SER A 1227 11.29 24.57 48.76
N LYS A 1228 12.10 25.44 48.17
CA LYS A 1228 12.82 26.44 48.96
C LYS A 1228 11.88 27.42 49.63
N ARG A 1229 10.90 27.94 48.88
CA ARG A 1229 9.99 28.93 49.45
C ARG A 1229 9.15 28.34 50.58
N THR A 1230 8.70 27.10 50.42
CA THR A 1230 7.92 26.44 51.46
C THR A 1230 8.81 25.60 52.37
N GLY B 2 15.03 -28.77 26.66
CA GLY B 2 15.76 -27.58 27.04
C GLY B 2 14.87 -26.59 27.76
N LYS B 3 13.81 -27.12 28.36
CA LYS B 3 12.73 -26.30 28.89
C LYS B 3 13.22 -25.48 30.08
N LYS B 4 13.08 -24.16 29.98
CA LYS B 4 13.39 -23.21 31.03
C LYS B 4 12.19 -22.28 31.22
N MET B 5 11.87 -21.96 32.47
CA MET B 5 10.68 -21.18 32.77
C MET B 5 11.01 -19.70 32.81
N MET B 6 10.21 -18.90 32.10
CA MET B 6 10.31 -17.45 32.15
C MET B 6 8.91 -16.88 32.16
N THR B 7 8.75 -15.70 32.74
CA THR B 7 7.46 -15.03 32.86
C THR B 7 7.43 -13.87 31.87
N THR B 8 6.66 -14.04 30.80
CA THR B 8 6.64 -13.08 29.71
C THR B 8 5.26 -13.06 29.07
N ASP B 9 5.07 -12.15 28.14
CA ASP B 9 3.84 -12.02 27.38
C ASP B 9 4.00 -12.68 26.00
N GLY B 10 3.01 -12.50 25.14
CA GLY B 10 3.05 -13.12 23.83
C GLY B 10 4.13 -12.56 22.93
N ASN B 11 4.40 -11.26 23.01
CA ASN B 11 5.45 -10.67 22.19
C ASN B 11 6.79 -11.30 22.49
N THR B 12 7.12 -11.44 23.78
CA THR B 12 8.41 -12.02 24.15
C THR B 12 8.47 -13.49 23.77
N ALA B 13 7.40 -14.24 24.05
CA ALA B 13 7.39 -15.66 23.74
C ALA B 13 7.57 -15.90 22.25
N THR B 14 6.89 -15.11 21.42
CA THR B 14 6.99 -15.27 19.99
C THR B 14 8.35 -14.80 19.46
N ALA B 15 8.83 -13.65 19.94
CA ALA B 15 10.10 -13.13 19.45
C ALA B 15 11.28 -14.01 19.85
N HIS B 16 11.17 -14.72 20.97
CA HIS B 16 12.19 -15.70 21.36
C HIS B 16 12.39 -16.75 20.27
N VAL B 17 11.29 -17.39 19.86
CA VAL B 17 11.36 -18.45 18.88
C VAL B 17 11.70 -17.90 17.50
N ALA B 18 11.14 -16.74 17.15
CA ALA B 18 11.44 -16.17 15.84
C ALA B 18 12.89 -15.78 15.73
N TYR B 19 13.47 -15.26 16.81
CA TYR B 19 14.90 -14.99 16.82
C TYR B 19 15.71 -16.26 16.64
N ALA B 20 15.30 -17.33 17.32
CA ALA B 20 16.01 -18.59 17.13
C ALA B 20 15.98 -19.04 15.68
N MET B 21 14.81 -18.93 15.04
CA MET B 21 14.57 -19.62 13.78
C MET B 21 14.83 -18.76 12.54
N SER B 22 15.27 -17.53 12.70
CA SER B 22 15.44 -16.63 11.56
C SER B 22 16.85 -16.10 11.54
N GLU B 23 17.23 -15.55 10.38
CA GLU B 23 18.47 -14.81 10.26
C GLU B 23 18.27 -13.40 9.75
N VAL B 24 17.19 -13.14 9.01
CA VAL B 24 16.86 -11.82 8.52
C VAL B 24 15.47 -11.46 9.04
N ALA B 25 15.30 -10.22 9.47
CA ALA B 25 13.99 -9.72 9.86
C ALA B 25 13.88 -8.27 9.45
N ALA B 26 12.89 -7.94 8.63
CA ALA B 26 12.58 -6.57 8.30
C ALA B 26 11.26 -6.19 8.95
N ILE B 27 11.27 -5.11 9.73
CA ILE B 27 10.17 -4.81 10.62
C ILE B 27 9.79 -3.34 10.51
N TYR B 28 8.50 -3.09 10.44
CA TYR B 28 7.98 -1.76 10.66
C TYR B 28 7.27 -1.73 11.99
N PRO B 29 7.34 -0.61 12.71
CA PRO B 29 6.62 -0.52 13.99
C PRO B 29 5.11 -0.37 13.78
N ILE B 30 4.35 -1.21 14.45
CA ILE B 30 2.92 -1.00 14.60
C ILE B 30 2.48 -1.65 15.91
N THR B 31 1.68 -0.94 16.69
CA THR B 31 1.07 -1.55 17.86
C THR B 31 0.11 -2.64 17.40
N PRO B 32 -0.02 -3.74 18.15
CA PRO B 32 0.71 -4.15 19.35
C PRO B 32 1.93 -5.01 19.04
N SER B 33 2.41 -4.97 17.80
CA SER B 33 3.48 -5.85 17.34
C SER B 33 4.85 -5.22 17.43
N SER B 34 4.96 -3.97 17.86
CA SER B 34 6.25 -3.30 17.87
C SER B 34 7.19 -3.89 18.91
N THR B 35 6.64 -4.52 19.95
CA THR B 35 7.47 -5.11 20.99
C THR B 35 8.37 -6.21 20.46
N MET B 36 7.83 -7.09 19.61
CA MET B 36 8.62 -8.20 19.08
C MET B 36 9.82 -7.70 18.29
N GLY B 37 9.60 -6.73 17.42
CA GLY B 37 10.71 -6.17 16.67
C GLY B 37 11.69 -5.43 17.54
N GLU B 38 11.19 -4.67 18.53
CA GLU B 38 12.06 -3.91 19.41
C GLU B 38 12.95 -4.84 20.23
N GLU B 39 12.40 -5.92 20.77
CA GLU B 39 13.24 -6.82 21.56
C GLU B 39 14.13 -7.68 20.69
N ALA B 40 13.72 -7.95 19.45
CA ALA B 40 14.64 -8.62 18.52
C ALA B 40 15.84 -7.74 18.22
N ASP B 41 15.60 -6.45 17.99
CA ASP B 41 16.72 -5.52 17.77
C ASP B 41 17.56 -5.37 19.03
N ASP B 42 16.91 -5.42 20.20
CA ASP B 42 17.62 -5.41 21.47
C ASP B 42 18.58 -6.59 21.57
N TRP B 43 18.07 -7.80 21.34
CA TRP B 43 18.91 -8.99 21.42
C TRP B 43 20.00 -8.99 20.35
N ALA B 44 19.69 -8.48 19.16
CA ALA B 44 20.72 -8.37 18.13
C ALA B 44 21.84 -7.44 18.57
N ALA B 45 21.47 -6.30 19.17
CA ALA B 45 22.49 -5.38 19.65
C ALA B 45 23.31 -6.02 20.77
N GLN B 46 22.67 -6.76 21.67
CA GLN B 46 23.40 -7.44 22.72
C GLN B 46 24.30 -8.54 22.16
N GLY B 47 23.78 -9.34 21.23
CA GLY B 47 24.59 -10.36 20.60
C GLY B 47 24.02 -11.76 20.68
N ARG B 48 22.71 -11.88 20.94
CA ARG B 48 22.07 -13.18 21.01
C ARG B 48 22.20 -13.88 19.67
N LYS B 49 22.34 -15.20 19.72
CA LYS B 49 22.58 -16.00 18.53
C LYS B 49 21.36 -16.84 18.19
N ASN B 50 21.09 -16.97 16.90
CA ASN B 50 19.99 -17.80 16.43
C ASN B 50 20.43 -19.27 16.51
N ILE B 51 19.65 -20.17 15.92
CA ILE B 51 20.03 -21.59 15.94
C ILE B 51 21.29 -21.83 15.11
N PHE B 52 21.54 -20.96 14.13
CA PHE B 52 22.74 -21.08 13.30
C PHE B 52 23.96 -20.40 13.90
N GLY B 53 23.85 -19.84 15.11
CA GLY B 53 24.99 -19.23 15.75
C GLY B 53 25.37 -17.85 15.26
N GLN B 54 24.41 -17.09 14.73
CA GLN B 54 24.66 -15.73 14.31
C GLN B 54 23.62 -14.79 14.93
N THR B 55 23.99 -13.53 15.08
CA THR B 55 23.03 -12.53 15.51
C THR B 55 22.04 -12.28 14.39
N LEU B 56 20.76 -12.20 14.73
CA LEU B 56 19.74 -11.97 13.71
C LEU B 56 19.86 -10.55 13.16
N THR B 57 19.88 -10.45 11.83
CA THR B 57 19.99 -9.17 11.14
C THR B 57 18.61 -8.54 11.08
N ILE B 58 18.43 -7.42 11.78
CA ILE B 58 17.16 -6.73 11.86
C ILE B 58 17.28 -5.40 11.16
N ARG B 59 16.33 -5.08 10.29
CA ARG B 59 16.26 -3.78 9.66
C ARG B 59 14.86 -3.22 9.77
N GLU B 60 14.77 -1.90 9.69
CA GLU B 60 13.51 -1.17 9.79
C GLU B 60 13.21 -0.54 8.44
N MET B 61 11.98 -0.68 7.98
CA MET B 61 11.58 -0.18 6.67
C MET B 61 10.76 1.10 6.83
N GLN B 62 10.51 1.75 5.70
CA GLN B 62 9.68 2.96 5.71
C GLN B 62 8.21 2.63 5.94
N SER B 63 7.79 1.40 5.70
CA SER B 63 6.39 1.03 5.81
C SER B 63 6.32 -0.47 6.04
N GLU B 64 5.09 -0.97 6.19
CA GLU B 64 4.92 -2.41 6.21
C GLU B 64 4.87 -3.00 4.81
N ALA B 65 4.50 -2.20 3.81
CA ALA B 65 4.73 -2.63 2.44
C ALA B 65 6.21 -2.83 2.20
N GLY B 66 7.03 -1.92 2.72
CA GLY B 66 8.47 -2.09 2.63
C GLY B 66 8.97 -3.28 3.41
N ALA B 67 8.37 -3.55 4.57
CA ALA B 67 8.75 -4.73 5.34
C ALA B 67 8.42 -6.01 4.56
N ALA B 68 7.25 -6.08 3.94
CA ALA B 68 6.90 -7.27 3.17
C ALA B 68 7.77 -7.40 1.92
N GLY B 69 8.10 -6.28 1.28
CA GLY B 69 9.01 -6.34 0.14
C GLY B 69 10.41 -6.78 0.51
N ALA B 70 10.94 -6.25 1.62
CA ALA B 70 12.24 -6.68 2.09
C ALA B 70 12.22 -8.16 2.48
N VAL B 71 11.12 -8.62 3.06
CA VAL B 71 10.96 -10.03 3.37
C VAL B 71 11.00 -10.85 2.11
N HIS B 72 10.34 -10.37 1.05
CA HIS B 72 10.37 -11.06 -0.23
C HIS B 72 11.79 -11.15 -0.77
N GLY B 73 12.54 -10.05 -0.71
CA GLY B 73 13.90 -10.06 -1.22
C GLY B 73 14.81 -10.99 -0.45
N ALA B 74 14.68 -11.00 0.88
CA ALA B 74 15.51 -11.87 1.70
C ALA B 74 15.14 -13.34 1.51
N LEU B 75 13.86 -13.66 1.33
CA LEU B 75 13.48 -15.03 1.05
C LEU B 75 13.95 -15.46 -0.33
N ALA B 76 13.85 -14.57 -1.32
CA ALA B 76 14.27 -14.89 -2.67
C ALA B 76 15.77 -15.08 -2.75
N ALA B 77 16.54 -14.30 -1.99
CA ALA B 77 17.98 -14.44 -2.00
C ALA B 77 18.48 -15.58 -1.13
N GLY B 78 17.60 -16.25 -0.39
CA GLY B 78 17.96 -17.48 0.29
C GLY B 78 18.21 -17.38 1.77
N ALA B 79 17.63 -16.38 2.43
CA ALA B 79 17.78 -16.20 3.86
C ALA B 79 16.46 -16.50 4.56
N LEU B 80 16.54 -17.12 5.73
CA LEU B 80 15.37 -17.35 6.55
C LEU B 80 14.88 -16.02 7.12
N THR B 81 13.64 -15.67 6.82
CA THR B 81 13.13 -14.33 7.07
C THR B 81 11.82 -14.41 7.85
N THR B 82 11.66 -13.48 8.78
CA THR B 82 10.43 -13.34 9.52
C THR B 82 10.10 -11.85 9.63
N THR B 83 8.82 -11.55 9.87
CA THR B 83 8.43 -10.19 10.16
C THR B 83 7.29 -10.22 11.16
N PHE B 84 7.05 -9.08 11.79
CA PHE B 84 6.00 -8.93 12.79
C PHE B 84 5.02 -7.89 12.29
N THR B 85 3.74 -8.17 12.45
CA THR B 85 2.71 -7.38 11.79
C THR B 85 1.52 -7.21 12.72
N ALA B 86 0.75 -6.15 12.46
CA ALA B 86 -0.59 -5.99 12.97
C ALA B 86 -1.44 -5.44 11.84
N SER B 87 -2.65 -4.98 12.18
CA SER B 87 -3.75 -4.81 11.24
C SER B 87 -3.46 -3.96 10.02
N GLN B 88 -3.22 -2.66 10.21
CA GLN B 88 -2.93 -1.81 9.06
C GLN B 88 -1.67 -2.30 8.36
N GLY B 89 -0.71 -2.80 9.14
CA GLY B 89 0.46 -3.41 8.54
C GLY B 89 0.11 -4.59 7.65
N LEU B 90 -0.78 -5.47 8.12
CA LEU B 90 -1.14 -6.65 7.34
C LEU B 90 -1.88 -6.25 6.07
N LEU B 91 -2.75 -5.24 6.16
CA LEU B 91 -3.42 -4.77 4.97
C LEU B 91 -2.43 -4.23 3.95
N LEU B 92 -1.42 -3.49 4.41
CA LEU B 92 -0.39 -3.03 3.49
C LEU B 92 0.49 -4.17 3.01
N MET B 93 0.50 -5.30 3.71
CA MET B 93 1.37 -6.42 3.36
C MET B 93 0.75 -7.39 2.37
N ILE B 94 -0.58 -7.45 2.29
CA ILE B 94 -1.24 -8.49 1.49
C ILE B 94 -0.71 -8.63 0.06
N PRO B 95 -0.60 -7.55 -0.74
CA PRO B 95 -0.20 -7.74 -2.15
C PRO B 95 1.15 -8.38 -2.34
N ASN B 96 2.11 -8.14 -1.45
CA ASN B 96 3.37 -8.87 -1.49
C ASN B 96 3.26 -10.27 -0.93
N MET B 97 2.35 -10.50 0.00
CA MET B 97 2.10 -11.86 0.46
C MET B 97 1.61 -12.73 -0.68
N TYR B 98 0.88 -12.14 -1.62
CA TYR B 98 0.51 -12.88 -2.83
C TYR B 98 1.74 -13.34 -3.60
N LYS B 99 2.73 -12.47 -3.75
CA LYS B 99 3.97 -12.84 -4.43
C LYS B 99 4.76 -13.87 -3.63
N ILE B 100 4.78 -13.72 -2.31
CA ILE B 100 5.56 -14.63 -1.47
C ILE B 100 4.99 -16.04 -1.52
N SER B 101 3.67 -16.18 -1.48
CA SER B 101 3.09 -17.51 -1.61
C SER B 101 3.09 -17.98 -3.05
N GLY B 102 3.09 -17.05 -4.01
CA GLY B 102 3.12 -17.45 -5.42
C GLY B 102 4.42 -18.11 -5.82
N GLU B 103 5.53 -17.63 -5.28
CA GLU B 103 6.84 -18.18 -5.55
C GLU B 103 7.22 -19.28 -4.58
N LEU B 104 6.33 -19.63 -3.66
CA LEU B 104 6.56 -20.71 -2.70
C LEU B 104 7.83 -20.47 -1.89
N LEU B 105 7.90 -19.30 -1.30
CA LEU B 105 9.00 -18.87 -0.47
C LEU B 105 8.65 -19.04 0.99
N PRO B 106 9.52 -19.63 1.79
CA PRO B 106 9.16 -20.07 3.15
C PRO B 106 9.38 -19.04 4.25
N GLY B 107 8.59 -17.98 4.24
CA GLY B 107 8.64 -16.97 5.27
C GLY B 107 7.64 -17.23 6.39
N VAL B 108 7.90 -16.62 7.55
CA VAL B 108 6.95 -16.67 8.66
C VAL B 108 6.66 -15.24 9.09
N PHE B 109 5.39 -14.86 9.02
CA PHE B 109 4.91 -13.59 9.56
C PHE B 109 4.30 -13.89 10.93
N HIS B 110 4.66 -13.10 11.92
CA HIS B 110 4.02 -13.19 13.24
C HIS B 110 3.10 -11.99 13.38
N VAL B 111 1.81 -12.25 13.31
CA VAL B 111 0.81 -11.18 13.30
C VAL B 111 0.11 -11.14 14.65
N THR B 112 0.02 -9.95 15.22
CA THR B 112 -0.78 -9.72 16.42
C THR B 112 -2.12 -9.18 15.98
N ALA B 113 -3.19 -9.87 16.34
CA ALA B 113 -4.52 -9.53 15.82
C ALA B 113 -4.99 -8.17 16.36
N ARG B 114 -5.27 -7.25 15.44
CA ARG B 114 -5.65 -5.89 15.77
C ARG B 114 -6.75 -5.45 14.82
N ALA B 115 -7.61 -4.56 15.28
CA ALA B 115 -8.76 -4.13 14.50
C ALA B 115 -8.33 -3.38 13.25
N ILE B 116 -9.15 -3.47 12.23
CA ILE B 116 -9.00 -2.65 11.04
C ILE B 116 -9.81 -1.37 11.24
N ALA B 117 -9.20 -0.24 10.92
CA ALA B 117 -9.88 1.05 11.06
C ALA B 117 -11.00 1.14 10.05
N ALA B 118 -12.25 1.06 10.50
CA ALA B 118 -13.40 1.23 9.63
C ALA B 118 -14.18 2.50 9.96
N HIS B 119 -14.77 2.58 11.15
CA HIS B 119 -15.43 3.80 11.59
C HIS B 119 -14.55 4.63 12.50
N ALA B 120 -13.40 4.08 12.89
CA ALA B 120 -12.49 4.68 13.83
C ALA B 120 -11.24 3.82 13.86
N LEU B 121 -10.08 4.46 14.00
CA LEU B 121 -8.85 3.73 14.24
C LEU B 121 -8.94 2.99 15.57
N SER B 122 -8.31 1.83 15.64
CA SER B 122 -8.26 1.07 16.89
C SER B 122 -7.00 0.23 16.92
N ILE B 123 -6.38 0.15 18.10
CA ILE B 123 -5.18 -0.66 18.29
C ILE B 123 -5.46 -2.00 18.95
N PHE B 124 -6.70 -2.31 19.28
CA PHE B 124 -6.97 -3.48 20.08
C PHE B 124 -7.42 -4.66 19.22
N GLY B 125 -7.67 -5.79 19.88
CA GLY B 125 -7.66 -7.08 19.21
C GLY B 125 -8.97 -7.54 18.60
N ASP B 126 -8.87 -7.97 17.34
CA ASP B 126 -9.87 -8.83 16.69
C ASP B 126 -9.21 -9.41 15.44
N HIS B 127 -9.92 -10.29 14.76
CA HIS B 127 -9.34 -11.08 13.68
C HIS B 127 -9.62 -10.49 12.30
N GLN B 128 -9.94 -9.20 12.22
CA GLN B 128 -10.27 -8.62 10.92
C GLN B 128 -9.08 -8.64 9.97
N ASP B 129 -7.90 -8.26 10.47
CA ASP B 129 -6.72 -8.25 9.62
C ASP B 129 -6.33 -9.64 9.16
N ILE B 130 -6.40 -10.64 10.05
CA ILE B 130 -5.97 -11.99 9.65
C ILE B 130 -6.96 -12.57 8.66
N TYR B 131 -8.25 -12.32 8.84
CA TYR B 131 -9.24 -12.76 7.87
C TYR B 131 -9.13 -12.03 6.55
N ALA B 132 -8.57 -10.82 6.54
CA ALA B 132 -8.40 -10.11 5.28
C ALA B 132 -7.33 -10.74 4.41
N ALA B 133 -6.58 -11.70 4.94
CA ALA B 133 -5.44 -12.27 4.24
C ALA B 133 -5.58 -13.77 3.99
N ARG B 134 -6.79 -14.31 3.98
CA ARG B 134 -6.96 -15.73 3.67
C ARG B 134 -6.50 -16.04 2.26
N GLN B 135 -6.83 -15.16 1.31
CA GLN B 135 -6.65 -15.43 -0.11
C GLN B 135 -5.18 -15.45 -0.53
N THR B 136 -4.29 -14.85 0.27
CA THR B 136 -2.92 -14.65 -0.17
C THR B 136 -2.19 -15.98 -0.40
N GLY B 137 -2.69 -17.07 0.14
CA GLY B 137 -2.04 -18.35 0.02
C GLY B 137 -1.05 -18.67 1.13
N PHE B 138 -0.97 -17.85 2.16
CA PHE B 138 -0.21 -18.20 3.34
C PHE B 138 -0.90 -19.33 4.10
N ALA B 139 -0.10 -20.13 4.79
CA ALA B 139 -0.63 -20.99 5.83
C ALA B 139 -0.81 -20.17 7.09
N MET B 140 -1.91 -20.39 7.80
CA MET B 140 -2.30 -19.55 8.93
C MET B 140 -2.47 -20.36 10.19
N LEU B 141 -1.65 -20.07 11.20
CA LEU B 141 -1.62 -20.79 12.46
C LEU B 141 -2.01 -19.85 13.57
N ALA B 142 -2.79 -20.34 14.53
CA ALA B 142 -3.36 -19.53 15.61
C ALA B 142 -2.95 -20.07 16.97
N SER B 143 -2.74 -19.15 17.92
CA SER B 143 -2.29 -19.50 19.27
C SER B 143 -3.19 -18.87 20.30
N SER B 144 -3.68 -19.70 21.23
CA SER B 144 -4.65 -19.31 22.25
C SER B 144 -4.04 -18.61 23.46
N SER B 145 -2.84 -19.01 23.88
CA SER B 145 -2.23 -18.47 25.08
C SER B 145 -0.77 -18.15 24.81
N VAL B 146 -0.06 -17.78 25.87
CA VAL B 146 1.36 -17.43 25.74
C VAL B 146 2.19 -18.67 25.46
N GLN B 147 1.92 -19.75 26.19
CA GLN B 147 2.61 -21.01 25.94
C GLN B 147 2.33 -21.49 24.53
N GLU B 148 1.08 -21.41 24.09
CA GLU B 148 0.73 -21.80 22.73
C GLU B 148 1.35 -20.86 21.71
N ALA B 149 1.53 -19.59 22.05
CA ALA B 149 2.22 -18.69 21.14
C ALA B 149 3.65 -19.15 20.91
N HIS B 150 4.35 -19.52 21.99
CA HIS B 150 5.71 -20.04 21.85
C HIS B 150 5.73 -21.30 20.99
N ASP B 151 4.90 -22.29 21.35
CA ASP B 151 4.88 -23.55 20.63
C ASP B 151 4.51 -23.37 19.17
N MET B 152 3.49 -22.56 18.89
CA MET B 152 3.01 -22.40 17.52
C MET B 152 3.97 -21.58 16.67
N ALA B 153 4.68 -20.61 17.26
CA ALA B 153 5.73 -19.93 16.51
C ALA B 153 6.82 -20.92 16.09
N LEU B 154 7.21 -21.81 17.01
CA LEU B 154 8.18 -22.82 16.66
C LEU B 154 7.67 -23.72 15.53
N VAL B 155 6.43 -24.19 15.64
CA VAL B 155 5.85 -25.05 14.62
C VAL B 155 5.80 -24.32 13.28
N ALA B 156 5.44 -23.04 13.30
CA ALA B 156 5.34 -22.28 12.06
C ALA B 156 6.68 -22.17 11.36
N HIS B 157 7.74 -21.89 12.11
CA HIS B 157 9.05 -21.80 11.49
C HIS B 157 9.51 -23.13 10.91
N LEU B 158 9.34 -24.22 11.67
CA LEU B 158 9.77 -25.52 11.16
C LEU B 158 8.99 -25.92 9.92
N ALA B 159 7.66 -25.74 9.95
CA ALA B 159 6.85 -26.15 8.82
C ALA B 159 7.03 -25.23 7.62
N ALA B 160 7.37 -23.96 7.86
CA ALA B 160 7.69 -23.09 6.74
C ALA B 160 8.99 -23.52 6.07
N ILE B 161 10.01 -23.87 6.86
CA ILE B 161 11.24 -24.39 6.27
C ILE B 161 10.96 -25.62 5.44
N GLU B 162 10.18 -26.56 5.99
CA GLU B 162 10.06 -27.84 5.29
C GLU B 162 9.11 -27.77 4.11
N SER B 163 8.03 -27.00 4.20
CA SER B 163 6.94 -27.11 3.24
C SER B 163 7.07 -26.18 2.05
N ASN B 164 7.98 -25.21 2.10
CA ASN B 164 8.13 -24.18 1.08
C ASN B 164 6.86 -23.36 0.88
N VAL B 165 6.01 -23.33 1.89
CA VAL B 165 4.82 -22.49 1.92
C VAL B 165 5.00 -21.49 3.06
N PRO B 166 4.88 -20.19 2.80
CA PRO B 166 5.03 -19.21 3.87
C PRO B 166 3.93 -19.36 4.90
N PHE B 167 4.24 -19.01 6.14
CA PHE B 167 3.31 -19.14 7.25
C PHE B 167 3.01 -17.78 7.88
N MET B 168 1.76 -17.63 8.29
CA MET B 168 1.34 -16.55 9.15
C MET B 168 1.00 -17.14 10.50
N HIS B 169 1.70 -16.70 11.54
CA HIS B 169 1.38 -17.08 12.91
C HIS B 169 0.68 -15.88 13.55
N PHE B 170 -0.52 -16.09 14.08
CA PHE B 170 -1.22 -15.01 14.74
C PHE B 170 -1.70 -15.41 16.12
N PHE B 171 -1.54 -14.46 17.04
CA PHE B 171 -2.03 -14.54 18.40
C PHE B 171 -2.78 -13.24 18.66
N ASP B 172 -3.71 -13.27 19.62
CA ASP B 172 -4.58 -12.11 19.84
C ASP B 172 -3.80 -10.93 20.39
N GLY B 173 -4.10 -9.74 19.87
CA GLY B 173 -3.42 -8.52 20.27
C GLY B 173 -4.03 -7.93 21.53
N PHE B 174 -3.14 -7.47 22.42
CA PHE B 174 -3.49 -6.91 23.72
C PHE B 174 -4.33 -7.86 24.56
N ARG B 175 -4.33 -9.12 24.24
CA ARG B 175 -4.93 -10.15 25.07
C ARG B 175 -3.99 -11.32 25.26
N THR B 176 -3.11 -11.57 24.30
CA THR B 176 -1.97 -12.45 24.41
C THR B 176 -0.66 -11.73 24.21
N SER B 177 -0.65 -10.67 23.40
CA SER B 177 0.59 -9.92 23.14
C SER B 177 1.16 -9.30 24.41
N HIS B 178 0.30 -8.95 25.36
CA HIS B 178 0.72 -8.14 26.51
C HIS B 178 0.27 -8.73 27.85
N GLU B 179 -0.20 -9.97 27.88
CA GLU B 179 -0.63 -10.60 29.12
C GLU B 179 0.53 -11.42 29.66
N ILE B 180 1.11 -10.98 30.77
CA ILE B 180 2.24 -11.68 31.37
C ILE B 180 1.78 -13.02 31.92
N GLN B 181 2.54 -14.06 31.62
CA GLN B 181 2.24 -15.40 32.08
C GLN B 181 3.55 -16.16 32.24
N LYS B 182 3.54 -17.15 33.11
CA LYS B 182 4.72 -17.97 33.39
C LYS B 182 4.70 -19.19 32.47
N ILE B 183 5.64 -19.25 31.53
CA ILE B 183 5.65 -20.30 30.54
C ILE B 183 7.05 -20.89 30.45
N GLU B 184 7.11 -22.17 30.07
CA GLU B 184 8.38 -22.82 29.80
C GLU B 184 8.67 -22.74 28.30
N VAL B 185 9.89 -22.31 27.98
CA VAL B 185 10.37 -22.19 26.61
C VAL B 185 11.46 -23.22 26.38
N LEU B 186 11.76 -23.48 25.12
CA LEU B 186 12.83 -24.42 24.79
C LEU B 186 14.15 -23.70 24.61
N ASP B 187 15.22 -24.37 25.00
CA ASP B 187 16.57 -23.89 24.72
C ASP B 187 16.80 -23.88 23.22
N TYR B 188 17.62 -22.93 22.75
CA TYR B 188 17.86 -22.82 21.32
C TYR B 188 18.49 -24.08 20.75
N ALA B 189 19.25 -24.80 21.57
CA ALA B 189 19.83 -26.06 21.12
C ALA B 189 18.76 -27.09 20.83
N ASP B 190 17.69 -27.11 21.61
CA ASP B 190 16.62 -28.06 21.39
C ASP B 190 15.82 -27.73 20.14
N MET B 191 15.50 -26.45 19.93
CA MET B 191 14.76 -26.11 18.73
C MET B 191 15.63 -26.14 17.48
N ALA B 192 16.96 -26.12 17.63
CA ALA B 192 17.83 -26.23 16.45
C ALA B 192 17.78 -27.62 15.85
N SER B 193 17.64 -28.65 16.68
CA SER B 193 17.63 -30.03 16.22
C SER B 193 16.34 -30.39 15.50
N LEU B 194 15.31 -29.56 15.59
CA LEU B 194 14.03 -29.83 14.95
C LEU B 194 14.02 -29.44 13.47
N VAL B 195 15.01 -28.69 13.01
CA VAL B 195 15.04 -28.21 11.63
C VAL B 195 15.27 -29.37 10.67
N ASN B 196 14.60 -29.33 9.52
CA ASN B 196 14.84 -30.26 8.42
C ASN B 196 16.01 -29.73 7.61
N GLN B 197 17.20 -30.28 7.84
CA GLN B 197 18.42 -29.77 7.22
C GLN B 197 18.38 -29.94 5.71
N LYS B 198 17.82 -31.05 5.23
CA LYS B 198 17.74 -31.26 3.78
C LYS B 198 16.90 -30.17 3.12
N ALA B 199 15.75 -29.85 3.72
CA ALA B 199 14.91 -28.79 3.18
C ALA B 199 15.58 -27.44 3.28
N LEU B 200 16.34 -27.19 4.35
CA LEU B 200 17.02 -25.90 4.46
C LEU B 200 18.09 -25.75 3.39
N ALA B 201 18.87 -26.80 3.15
CA ALA B 201 19.87 -26.77 2.08
C ALA B 201 19.22 -26.61 0.72
N GLU B 202 18.10 -27.29 0.49
CA GLU B 202 17.38 -27.14 -0.77
C GLU B 202 16.86 -25.72 -0.94
N PHE B 203 16.34 -25.13 0.14
CA PHE B 203 15.84 -23.75 0.06
C PHE B 203 16.95 -22.79 -0.29
N ARG B 204 18.13 -22.96 0.30
CA ARG B 204 19.25 -22.10 -0.08
C ARG B 204 19.69 -22.36 -1.52
N ALA B 205 19.50 -23.58 -2.03
CA ALA B 205 19.97 -23.89 -3.37
C ALA B 205 19.10 -23.24 -4.45
N LYS B 206 17.78 -23.25 -4.29
CA LYS B 206 16.89 -22.77 -5.34
C LYS B 206 16.73 -21.25 -5.35
N SER B 207 17.44 -20.55 -4.48
CA SER B 207 17.24 -19.12 -4.33
C SER B 207 17.96 -18.33 -5.43
N MET B 208 17.63 -17.05 -5.53
CA MET B 208 18.20 -16.18 -6.53
C MET B 208 19.69 -15.98 -6.27
N ASN B 209 20.50 -16.30 -7.28
CA ASN B 209 21.95 -16.22 -7.17
C ASN B 209 22.53 -16.19 -8.57
N PRO B 210 23.44 -15.26 -8.86
CA PRO B 210 24.01 -15.21 -10.22
C PRO B 210 24.75 -16.47 -10.65
N GLU B 211 25.31 -17.24 -9.71
CA GLU B 211 26.02 -18.46 -10.10
C GLU B 211 25.10 -19.47 -10.79
N HIS B 212 23.84 -19.52 -10.40
CA HIS B 212 22.85 -20.41 -10.99
C HIS B 212 21.58 -19.61 -11.28
N PRO B 213 21.63 -18.71 -12.25
CA PRO B 213 20.58 -17.70 -12.37
C PRO B 213 19.30 -18.24 -13.00
N HIS B 214 18.20 -17.58 -12.63
CA HIS B 214 16.87 -17.87 -13.15
C HIS B 214 16.11 -16.56 -13.18
N VAL B 215 15.03 -16.54 -13.96
CA VAL B 215 14.17 -15.35 -14.10
C VAL B 215 12.93 -15.59 -13.25
N ARG B 216 12.72 -14.76 -12.23
CA ARG B 216 11.54 -14.85 -11.39
C ARG B 216 10.77 -13.53 -11.42
N GLY B 217 9.46 -13.62 -11.59
CA GLY B 217 8.63 -12.44 -11.72
C GLY B 217 8.27 -12.06 -13.13
N THR B 218 8.05 -13.03 -14.01
CA THR B 218 7.82 -12.74 -15.42
C THR B 218 6.45 -12.08 -15.60
N ALA B 219 6.11 -11.81 -16.86
CA ALA B 219 4.81 -11.30 -17.25
C ALA B 219 4.21 -12.33 -18.22
N GLN B 220 3.05 -12.86 -17.88
CA GLN B 220 2.49 -13.91 -18.71
C GLN B 220 1.17 -13.46 -19.33
N ASN B 221 0.77 -14.17 -20.36
CA ASN B 221 -0.35 -13.83 -21.22
C ASN B 221 -1.41 -14.94 -21.13
N PRO B 222 -2.65 -14.70 -21.66
CA PRO B 222 -3.74 -15.67 -21.49
C PRO B 222 -3.36 -17.12 -21.73
N ASP B 223 -2.24 -17.32 -22.40
CA ASP B 223 -1.85 -18.62 -22.89
C ASP B 223 -1.31 -19.55 -21.81
N ILE B 224 -0.54 -19.04 -20.85
CA ILE B 224 0.16 -19.92 -19.91
C ILE B 224 -0.01 -19.50 -18.46
N TYR B 225 -0.76 -18.44 -18.14
CA TYR B 225 -0.89 -18.01 -16.75
C TYR B 225 -1.65 -19.03 -15.91
N PHE B 226 -2.70 -19.63 -16.49
CA PHE B 226 -3.51 -20.60 -15.76
C PHE B 226 -2.66 -21.78 -15.28
N GLN B 227 -1.78 -22.29 -16.15
CA GLN B 227 -0.93 -23.42 -15.77
C GLN B 227 0.07 -23.03 -14.70
N GLY B 228 0.67 -21.85 -14.81
CA GLY B 228 1.60 -21.41 -13.79
C GLY B 228 0.92 -21.18 -12.46
N ARG B 229 -0.38 -20.88 -12.48
CA ARG B 229 -1.15 -20.81 -11.25
C ARG B 229 -1.38 -22.20 -10.68
N GLU B 230 -1.81 -23.14 -11.52
CA GLU B 230 -2.19 -24.47 -11.08
C GLU B 230 -1.01 -25.40 -10.86
N ALA B 231 0.21 -24.95 -11.09
CA ALA B 231 1.37 -25.82 -10.89
C ALA B 231 1.92 -25.80 -9.46
N ALA B 232 1.32 -25.05 -8.55
CA ALA B 232 1.80 -24.99 -7.17
C ALA B 232 0.92 -25.77 -6.20
N ASN B 233 0.00 -26.58 -6.70
CA ASN B 233 -0.89 -27.35 -5.84
C ASN B 233 -0.21 -28.38 -4.94
N PRO B 234 0.80 -29.15 -5.39
CA PRO B 234 1.36 -30.18 -4.51
C PRO B 234 1.90 -29.67 -3.19
N TYR B 235 2.53 -28.49 -3.18
CA TYR B 235 3.10 -27.97 -1.95
C TYR B 235 2.01 -27.71 -0.92
N TYR B 236 0.86 -27.22 -1.38
CA TYR B 236 -0.27 -27.01 -0.46
C TYR B 236 -0.93 -28.32 -0.07
N LEU B 237 -0.95 -29.30 -0.95
CA LEU B 237 -1.45 -30.61 -0.53
C LEU B 237 -0.52 -31.28 0.47
N LYS B 238 0.72 -30.83 0.55
CA LYS B 238 1.66 -31.44 1.50
C LYS B 238 1.81 -30.68 2.80
N VAL B 239 1.52 -29.38 2.84
CA VAL B 239 1.78 -28.59 4.06
C VAL B 239 1.03 -29.07 5.30
N PRO B 240 -0.26 -29.48 5.24
CA PRO B 240 -0.93 -29.86 6.51
C PRO B 240 -0.33 -31.07 7.20
N GLY B 241 0.09 -32.09 6.44
CA GLY B 241 0.77 -33.21 7.06
C GLY B 241 2.09 -32.81 7.69
N ILE B 242 2.78 -31.86 7.07
CA ILE B 242 4.00 -31.31 7.66
C ILE B 242 3.69 -30.64 8.99
N VAL B 243 2.63 -29.84 9.04
CA VAL B 243 2.27 -29.15 10.28
C VAL B 243 1.93 -30.16 11.37
N ALA B 244 1.17 -31.20 11.02
CA ALA B 244 0.83 -32.23 12.01
C ALA B 244 2.09 -32.93 12.50
N GLU B 245 3.00 -33.31 11.59
CA GLU B 245 4.20 -34.02 12.02
C GLU B 245 5.08 -33.15 12.90
N TYR B 246 5.14 -31.85 12.62
CA TYR B 246 5.96 -30.98 13.44
C TYR B 246 5.30 -30.67 14.77
N MET B 247 3.97 -30.68 14.82
CA MET B 247 3.29 -30.65 16.10
C MET B 247 3.70 -31.85 16.95
N GLN B 248 3.75 -33.03 16.34
CA GLN B 248 4.21 -34.21 17.06
C GLN B 248 5.66 -34.06 17.53
N LYS B 249 6.53 -33.58 16.64
CA LYS B 249 7.95 -33.48 17.00
C LYS B 249 8.17 -32.46 18.11
N VAL B 250 7.44 -31.35 18.10
CA VAL B 250 7.56 -30.37 19.17
C VAL B 250 6.95 -30.89 20.47
N ALA B 251 5.81 -31.59 20.38
CA ALA B 251 5.19 -32.13 21.59
C ALA B 251 6.08 -33.17 22.25
N SER B 252 6.85 -33.93 21.47
CA SER B 252 7.80 -34.86 22.08
C SER B 252 8.79 -34.14 22.98
N LEU B 253 9.19 -32.92 22.61
CA LEU B 253 10.11 -32.12 23.40
C LEU B 253 9.44 -31.47 24.60
N THR B 254 8.41 -30.66 24.36
CA THR B 254 7.80 -29.90 25.44
C THR B 254 6.84 -30.73 26.27
N GLY B 255 6.14 -31.69 25.66
CA GLY B 255 5.17 -32.48 26.38
C GLY B 255 3.74 -32.00 26.28
N ARG B 256 3.49 -30.93 25.52
CA ARG B 256 2.14 -30.45 25.27
C ARG B 256 1.77 -30.80 23.83
N SER B 257 0.69 -31.53 23.66
CA SER B 257 0.30 -32.07 22.37
C SER B 257 -0.77 -31.21 21.72
N TYR B 258 -0.55 -30.81 20.47
CA TYR B 258 -1.51 -30.07 19.69
C TYR B 258 -1.87 -30.83 18.42
N LYS B 259 -3.01 -30.46 17.86
CA LYS B 259 -3.46 -30.94 16.56
C LYS B 259 -3.93 -29.75 15.75
N LEU B 260 -4.24 -29.99 14.47
CA LEU B 260 -4.76 -28.92 13.62
C LEU B 260 -6.08 -28.38 14.16
N PHE B 261 -6.92 -29.27 14.68
CA PHE B 261 -8.12 -28.90 15.44
C PHE B 261 -8.12 -29.71 16.71
N ASP B 262 -8.29 -29.04 17.84
CA ASP B 262 -8.31 -29.70 19.13
C ASP B 262 -9.71 -29.69 19.70
N TYR B 263 -10.06 -30.72 20.45
CA TYR B 263 -11.35 -30.79 21.11
C TYR B 263 -11.15 -30.80 22.61
N VAL B 264 -11.96 -30.01 23.31
CA VAL B 264 -11.92 -29.92 24.76
C VAL B 264 -13.35 -30.00 25.27
N GLY B 265 -13.60 -30.93 26.18
CA GLY B 265 -14.93 -31.02 26.75
C GLY B 265 -15.55 -32.40 26.64
N ALA B 266 -16.84 -32.48 26.91
CA ALA B 266 -17.54 -33.75 26.95
C ALA B 266 -17.44 -34.47 25.60
N PRO B 267 -16.95 -35.71 25.58
CA PRO B 267 -16.93 -36.44 24.31
C PRO B 267 -18.31 -36.66 23.72
N ASP B 268 -19.31 -36.86 24.57
CA ASP B 268 -20.70 -36.97 24.15
C ASP B 268 -21.42 -35.64 24.32
N ALA B 269 -20.90 -34.61 23.67
CA ALA B 269 -21.44 -33.26 23.81
C ALA B 269 -22.33 -32.91 22.62
N GLU B 270 -23.39 -32.16 22.90
CA GLU B 270 -24.34 -31.76 21.87
C GLU B 270 -24.18 -30.31 21.44
N ARG B 271 -23.66 -29.44 22.30
CA ARG B 271 -23.49 -28.03 22.00
C ARG B 271 -22.01 -27.73 21.95
N VAL B 272 -21.49 -27.47 20.75
CA VAL B 272 -20.06 -27.30 20.52
C VAL B 272 -19.83 -25.92 19.95
N ILE B 273 -18.96 -25.16 20.57
CA ILE B 273 -18.47 -23.90 20.03
C ILE B 273 -17.22 -24.19 19.21
N VAL B 274 -17.13 -23.57 18.05
CA VAL B 274 -15.92 -23.57 17.23
C VAL B 274 -15.33 -22.18 17.30
N SER B 275 -14.10 -22.06 17.78
CA SER B 275 -13.51 -20.76 18.02
C SER B 275 -12.10 -20.73 17.46
N MET B 276 -11.48 -19.56 17.54
CA MET B 276 -10.09 -19.38 17.18
C MET B 276 -9.53 -18.27 18.06
N GLY B 277 -8.38 -18.50 18.65
CA GLY B 277 -7.67 -17.47 19.38
C GLY B 277 -7.90 -17.53 20.88
N SER B 278 -7.56 -16.42 21.54
CA SER B 278 -7.49 -16.38 23.00
C SER B 278 -8.81 -16.74 23.66
N SER B 279 -9.93 -16.47 22.99
CA SER B 279 -11.22 -16.87 23.54
C SER B 279 -11.29 -18.35 23.79
N CYS B 280 -10.59 -19.15 22.98
CA CYS B 280 -10.58 -20.59 23.19
C CYS B 280 -10.12 -20.95 24.60
N GLU B 281 -9.27 -20.12 25.20
CA GLU B 281 -8.91 -20.36 26.59
C GLU B 281 -10.11 -20.12 27.51
N THR B 282 -10.74 -18.95 27.40
CA THR B 282 -11.82 -18.60 28.32
C THR B 282 -12.95 -19.62 28.25
N ILE B 283 -13.37 -19.96 27.04
CA ILE B 283 -14.41 -20.97 26.86
C ILE B 283 -14.01 -22.25 27.57
N GLU B 284 -12.76 -22.69 27.38
CA GLU B 284 -12.30 -23.90 28.05
C GLU B 284 -12.52 -23.81 29.55
N GLU B 285 -12.13 -22.69 30.14
CA GLU B 285 -12.33 -22.48 31.56
C GLU B 285 -13.81 -22.62 31.91
N VAL B 286 -14.67 -21.96 31.13
CA VAL B 286 -16.11 -22.06 31.36
C VAL B 286 -16.56 -23.51 31.28
N ILE B 287 -16.02 -24.25 30.32
CA ILE B 287 -16.38 -25.67 30.22
C ILE B 287 -16.02 -26.39 31.51
N ASN B 288 -14.80 -26.16 32.02
CA ASN B 288 -14.38 -26.83 33.23
C ASN B 288 -15.28 -26.50 34.41
N HIS B 289 -16.00 -25.38 34.34
CA HIS B 289 -17.03 -25.15 35.34
C HIS B 289 -18.26 -26.00 35.04
N LEU B 290 -18.83 -25.83 33.85
CA LEU B 290 -20.12 -26.43 33.55
C LEU B 290 -20.04 -27.95 33.50
N ALA B 291 -18.89 -28.51 33.12
CA ALA B 291 -18.76 -29.97 33.12
C ALA B 291 -18.91 -30.56 34.51
N ALA B 292 -18.58 -29.81 35.55
CA ALA B 292 -18.79 -30.30 36.91
C ALA B 292 -20.26 -30.30 37.30
N LYS B 293 -21.12 -29.72 36.49
CA LYS B 293 -22.57 -29.75 36.69
C LYS B 293 -23.28 -30.61 35.66
N GLY B 294 -22.57 -31.56 35.05
CA GLY B 294 -23.18 -32.46 34.09
C GLY B 294 -23.42 -31.90 32.71
N GLU B 295 -22.93 -30.71 32.41
CA GLU B 295 -23.19 -30.08 31.13
C GLU B 295 -22.51 -30.85 30.00
N LYS B 296 -23.28 -31.15 28.95
CA LYS B 296 -22.74 -31.81 27.76
C LYS B 296 -22.40 -30.76 26.71
N ILE B 297 -21.31 -30.04 26.99
CA ILE B 297 -20.84 -28.99 26.11
C ILE B 297 -19.34 -29.14 25.92
N GLY B 298 -18.85 -28.63 24.80
CA GLY B 298 -17.44 -28.74 24.46
C GLY B 298 -17.04 -27.64 23.52
N LEU B 299 -15.82 -27.76 22.99
CA LEU B 299 -15.23 -26.72 22.17
C LEU B 299 -14.24 -27.33 21.21
N ILE B 300 -14.24 -26.81 19.98
CA ILE B 300 -13.20 -27.09 19.00
C ILE B 300 -12.34 -25.84 18.88
N LYS B 301 -11.06 -25.99 19.18
CA LYS B 301 -10.08 -24.94 18.96
C LYS B 301 -9.43 -25.14 17.60
N VAL B 302 -9.40 -24.08 16.80
CA VAL B 302 -8.77 -24.12 15.50
C VAL B 302 -7.34 -23.65 15.65
N ARG B 303 -6.38 -24.48 15.21
CA ARG B 303 -4.98 -24.07 15.16
C ARG B 303 -4.56 -23.70 13.75
N LEU B 304 -4.71 -24.61 12.80
CA LEU B 304 -4.40 -24.34 11.41
C LEU B 304 -5.69 -23.85 10.74
N TYR B 305 -5.72 -22.56 10.43
CA TYR B 305 -6.87 -22.01 9.72
C TYR B 305 -6.74 -22.25 8.22
N ARG B 306 -5.58 -21.96 7.65
CA ARG B 306 -5.32 -22.18 6.24
C ARG B 306 -4.06 -23.03 6.12
N PRO B 307 -4.07 -24.10 5.30
CA PRO B 307 -5.24 -24.60 4.58
C PRO B 307 -6.20 -25.32 5.50
N PHE B 308 -7.49 -25.13 5.27
CA PHE B 308 -8.51 -25.73 6.12
C PHE B 308 -8.66 -27.22 5.78
N VAL B 309 -8.45 -28.09 6.77
CA VAL B 309 -8.43 -29.53 6.56
C VAL B 309 -9.67 -30.11 7.24
N SER B 310 -10.64 -30.54 6.43
CA SER B 310 -11.87 -31.06 7.01
C SER B 310 -11.65 -32.42 7.65
N GLU B 311 -10.62 -33.16 7.24
CA GLU B 311 -10.29 -34.42 7.89
C GLU B 311 -9.99 -34.19 9.37
N ALA B 312 -9.10 -33.25 9.68
CA ALA B 312 -8.79 -32.93 11.06
C ALA B 312 -10.00 -32.35 11.77
N PHE B 313 -10.75 -31.47 11.09
CA PHE B 313 -11.91 -30.85 11.73
C PHE B 313 -12.93 -31.89 12.16
N PHE B 314 -13.20 -32.86 11.30
CA PHE B 314 -14.18 -33.89 11.62
C PHE B 314 -13.62 -34.94 12.57
N ALA B 315 -12.31 -35.14 12.58
CA ALA B 315 -11.72 -35.99 13.61
C ALA B 315 -11.88 -35.36 14.99
N ALA B 316 -11.84 -34.03 15.05
CA ALA B 316 -12.07 -33.35 16.33
C ALA B 316 -13.55 -33.34 16.70
N LEU B 317 -14.41 -33.11 15.72
CA LEU B 317 -15.82 -32.90 16.01
C LEU B 317 -16.47 -34.18 16.53
N PRO B 318 -17.09 -34.17 17.70
CA PRO B 318 -17.84 -35.34 18.16
C PRO B 318 -19.08 -35.56 17.30
N ALA B 319 -19.34 -36.83 16.99
CA ALA B 319 -20.47 -37.16 16.14
C ALA B 319 -21.80 -36.99 16.86
N SER B 320 -21.78 -36.90 18.19
CA SER B 320 -23.00 -36.66 18.95
C SER B 320 -23.37 -35.18 19.00
N ALA B 321 -22.55 -34.31 18.43
CA ALA B 321 -22.83 -32.89 18.43
C ALA B 321 -23.97 -32.58 17.48
N LYS B 322 -24.97 -31.87 17.98
CA LYS B 322 -26.17 -31.55 17.21
C LYS B 322 -26.27 -30.08 16.81
N VAL B 323 -25.64 -29.18 17.57
CA VAL B 323 -25.71 -27.76 17.30
C VAL B 323 -24.32 -27.17 17.49
N ILE B 324 -23.87 -26.39 16.52
CA ILE B 324 -22.55 -25.78 16.53
C ILE B 324 -22.71 -24.28 16.38
N THR B 325 -22.03 -23.51 17.21
CA THR B 325 -21.86 -22.08 17.00
C THR B 325 -20.41 -21.83 16.61
N VAL B 326 -20.23 -21.10 15.52
CA VAL B 326 -18.90 -20.72 15.04
C VAL B 326 -18.70 -19.26 15.41
N LEU B 327 -17.87 -19.01 16.42
CA LEU B 327 -17.62 -17.66 16.91
C LEU B 327 -16.50 -17.02 16.11
N ASP B 328 -16.72 -15.80 15.64
CA ASP B 328 -15.77 -15.06 14.83
C ASP B 328 -15.58 -13.67 15.40
N ARG B 329 -14.32 -13.24 15.48
CA ARG B 329 -13.98 -11.88 15.91
C ARG B 329 -13.77 -10.96 14.71
N THR B 330 -14.79 -10.88 13.87
CA THR B 330 -14.70 -10.02 12.69
C THR B 330 -16.09 -9.61 12.28
N LYS B 331 -16.17 -8.52 11.53
CA LYS B 331 -17.41 -8.09 10.90
C LYS B 331 -17.15 -7.89 9.41
N GLU B 332 -17.90 -8.59 8.57
CA GLU B 332 -17.92 -8.29 7.15
C GLU B 332 -19.30 -7.79 6.78
N PRO B 333 -19.46 -6.52 6.40
CA PRO B 333 -20.78 -6.00 6.08
C PRO B 333 -21.34 -6.66 4.83
N GLY B 334 -22.49 -7.30 4.97
CA GLY B 334 -23.19 -7.87 3.85
C GLY B 334 -22.77 -9.26 3.44
N ALA B 335 -21.73 -9.80 4.06
CA ALA B 335 -21.34 -11.17 3.76
C ALA B 335 -22.41 -12.13 4.29
N PRO B 336 -22.62 -13.26 3.63
CA PRO B 336 -23.54 -14.26 4.20
C PRO B 336 -23.09 -14.80 5.54
N GLY B 337 -21.79 -14.73 5.84
CA GLY B 337 -21.30 -15.09 7.16
C GLY B 337 -19.84 -14.73 7.26
N ASP B 338 -19.34 -14.76 8.49
CA ASP B 338 -17.93 -14.49 8.73
C ASP B 338 -17.09 -15.69 8.26
N PRO B 339 -15.80 -15.48 7.99
CA PRO B 339 -15.02 -16.50 7.24
C PRO B 339 -14.98 -17.88 7.87
N LEU B 340 -14.85 -17.98 9.19
CA LEU B 340 -14.77 -19.28 9.85
C LEU B 340 -16.11 -20.01 9.75
N TYR B 341 -17.20 -19.28 9.86
CA TYR B 341 -18.52 -19.86 9.66
C TYR B 341 -18.66 -20.43 8.24
N LEU B 342 -18.18 -19.69 7.25
CA LEU B 342 -18.24 -20.18 5.87
C LEU B 342 -17.37 -21.42 5.69
N ASP B 343 -16.21 -21.46 6.33
CA ASP B 343 -15.36 -22.64 6.24
C ASP B 343 -16.03 -23.86 6.83
N VAL B 344 -16.62 -23.73 8.02
CA VAL B 344 -17.28 -24.86 8.66
C VAL B 344 -18.49 -25.29 7.84
N CYS B 345 -19.25 -24.33 7.32
CA CYS B 345 -20.40 -24.66 6.49
C CYS B 345 -19.97 -25.41 5.23
N SER B 346 -18.88 -24.98 4.60
CA SER B 346 -18.39 -25.68 3.42
C SER B 346 -17.93 -27.09 3.76
N ALA B 347 -17.28 -27.26 4.91
CA ALA B 347 -16.88 -28.60 5.34
C ALA B 347 -18.09 -29.51 5.47
N PHE B 348 -19.17 -29.00 6.07
CA PHE B 348 -20.35 -29.84 6.24
C PHE B 348 -21.10 -30.06 4.93
N VAL B 349 -21.04 -29.12 3.99
CA VAL B 349 -21.65 -29.33 2.69
C VAL B 349 -20.87 -30.38 1.91
N GLU B 350 -19.54 -30.31 1.94
CA GLU B 350 -18.73 -31.25 1.19
C GLU B 350 -18.78 -32.65 1.79
N ARG B 351 -18.97 -32.77 3.11
CA ARG B 351 -19.11 -34.11 3.69
C ARG B 351 -20.36 -34.79 3.16
N GLY B 352 -21.47 -34.06 3.08
CA GLY B 352 -22.70 -34.60 2.57
C GLY B 352 -23.49 -35.43 3.56
N GLU B 353 -22.94 -35.70 4.74
CA GLU B 353 -23.65 -36.47 5.75
C GLU B 353 -24.63 -35.57 6.50
N ALA B 354 -25.09 -36.04 7.65
CA ALA B 354 -26.01 -35.26 8.46
C ALA B 354 -25.41 -33.90 8.78
N MET B 355 -26.22 -32.86 8.62
CA MET B 355 -25.74 -31.51 8.86
C MET B 355 -26.36 -30.97 10.13
N PRO B 356 -25.59 -30.84 11.21
CA PRO B 356 -26.11 -30.23 12.42
C PRO B 356 -26.48 -28.77 12.20
N LYS B 357 -27.13 -28.19 13.20
CA LYS B 357 -27.39 -26.76 13.15
C LYS B 357 -26.09 -26.00 13.35
N ILE B 358 -25.84 -25.03 12.47
CA ILE B 358 -24.64 -24.21 12.53
C ILE B 358 -25.07 -22.77 12.75
N LEU B 359 -24.56 -22.16 13.81
CA LEU B 359 -24.86 -20.78 14.15
C LEU B 359 -23.59 -19.95 14.08
N ALA B 360 -23.75 -18.68 13.77
CA ALA B 360 -22.63 -17.75 13.69
C ALA B 360 -22.84 -16.63 14.70
N GLY B 361 -21.78 -16.26 15.40
CA GLY B 361 -21.83 -15.18 16.35
C GLY B 361 -20.58 -14.34 16.31
N ARG B 362 -20.76 -13.05 16.57
CA ARG B 362 -19.65 -12.11 16.69
C ARG B 362 -19.37 -11.86 18.16
N TYR B 363 -18.10 -11.68 18.47
CA TYR B 363 -17.70 -11.39 19.84
C TYR B 363 -16.38 -10.64 19.80
N GLY B 364 -16.11 -9.91 20.88
CA GLY B 364 -14.78 -9.38 21.13
C GLY B 364 -14.19 -8.52 20.05
N LEU B 365 -14.99 -7.69 19.41
CA LEU B 365 -14.47 -6.79 18.39
C LEU B 365 -13.78 -5.60 19.05
N GLY B 366 -12.57 -5.30 18.59
CA GLY B 366 -11.73 -4.29 19.24
C GLY B 366 -11.28 -4.66 20.64
N SER B 367 -10.85 -5.90 20.85
CA SER B 367 -10.50 -6.43 22.16
C SER B 367 -11.61 -6.17 23.18
N LYS B 368 -12.85 -6.18 22.70
CA LYS B 368 -14.00 -6.18 23.60
C LYS B 368 -13.95 -7.42 24.48
N GLU B 369 -14.39 -7.26 25.72
CA GLU B 369 -14.37 -8.36 26.67
C GLU B 369 -15.20 -9.54 26.18
N PHE B 370 -14.71 -10.75 26.44
CA PHE B 370 -15.46 -11.99 26.21
C PHE B 370 -15.30 -12.79 27.50
N SER B 371 -16.24 -12.59 28.43
CA SER B 371 -16.13 -13.12 29.78
C SER B 371 -16.85 -14.46 29.89
N PRO B 372 -16.65 -15.18 31.00
CA PRO B 372 -17.38 -16.44 31.18
C PRO B 372 -18.88 -16.32 31.07
N ALA B 373 -19.46 -15.20 31.50
CA ALA B 373 -20.91 -15.04 31.39
C ALA B 373 -21.36 -15.02 29.94
N MET B 374 -20.56 -14.44 29.05
CA MET B 374 -20.90 -14.43 27.63
C MET B 374 -20.81 -15.82 27.02
N VAL B 375 -19.80 -16.60 27.41
CA VAL B 375 -19.71 -17.98 26.96
C VAL B 375 -20.92 -18.77 27.42
N LYS B 376 -21.31 -18.57 28.68
CA LYS B 376 -22.50 -19.22 29.20
C LYS B 376 -23.73 -18.83 28.41
N SER B 377 -23.86 -17.53 28.07
CA SER B 377 -25.00 -17.10 27.29
C SER B 377 -25.01 -17.72 25.89
N VAL B 378 -23.83 -17.89 25.29
CA VAL B 378 -23.74 -18.55 23.98
C VAL B 378 -24.23 -20.00 24.08
N TYR B 379 -23.76 -20.72 25.10
CA TYR B 379 -24.23 -22.09 25.27
C TYR B 379 -25.72 -22.15 25.58
N ASP B 380 -26.24 -21.15 26.31
CA ASP B 380 -27.67 -21.12 26.60
C ASP B 380 -28.48 -20.86 25.33
N ASN B 381 -27.97 -19.97 24.47
CA ASN B 381 -28.59 -19.74 23.18
C ASN B 381 -28.66 -21.03 22.38
N MET B 382 -27.59 -21.81 22.41
CA MET B 382 -27.62 -23.12 21.77
C MET B 382 -28.66 -24.03 22.43
N SER B 383 -28.77 -23.96 23.75
CA SER B 383 -29.61 -24.90 24.49
C SER B 383 -31.09 -24.74 24.13
N GLY B 384 -31.55 -23.51 23.99
CA GLY B 384 -32.93 -23.26 23.62
C GLY B 384 -33.09 -21.87 23.07
N ALA B 385 -34.11 -21.70 22.23
CA ALA B 385 -34.38 -20.44 21.55
C ALA B 385 -33.14 -20.00 20.78
N LYS B 386 -32.72 -20.86 19.86
CA LYS B 386 -31.49 -20.65 19.11
C LYS B 386 -31.59 -19.44 18.19
N LYS B 387 -30.51 -18.68 18.11
CA LYS B 387 -30.46 -17.46 17.32
C LYS B 387 -29.24 -17.46 16.42
N ASN B 388 -29.44 -17.18 15.13
CA ASN B 388 -28.36 -17.19 14.16
C ASN B 388 -27.93 -15.76 13.85
N HIS B 389 -26.63 -15.58 13.64
CA HIS B 389 -26.03 -14.29 13.33
C HIS B 389 -26.27 -13.29 14.45
N PHE B 390 -25.79 -13.64 15.64
CA PHE B 390 -25.87 -12.77 16.79
C PHE B 390 -24.52 -12.08 17.04
N THR B 391 -24.56 -11.11 17.95
CA THR B 391 -23.37 -10.51 18.54
C THR B 391 -23.49 -10.75 20.03
N VAL B 392 -22.41 -11.14 20.68
CA VAL B 392 -22.43 -11.31 22.12
C VAL B 392 -21.41 -10.36 22.75
N GLY B 393 -21.85 -9.65 23.78
CA GLY B 393 -21.02 -8.72 24.49
C GLY B 393 -21.56 -7.30 24.53
N ILE B 394 -22.23 -6.85 23.49
CA ILE B 394 -22.78 -5.50 23.43
C ILE B 394 -24.29 -5.56 23.39
N GLU B 395 -24.91 -4.46 23.81
CA GLU B 395 -26.37 -4.32 23.81
C GLU B 395 -26.75 -3.68 22.47
N ASP B 396 -27.08 -4.54 21.51
CA ASP B 396 -27.48 -4.05 20.20
C ASP B 396 -28.95 -3.67 20.21
N ASP B 397 -29.25 -2.48 19.70
CA ASP B 397 -30.61 -1.99 19.58
C ASP B 397 -30.87 -1.32 18.24
N VAL B 398 -29.93 -1.40 17.29
CA VAL B 398 -30.14 -0.88 15.96
C VAL B 398 -30.50 -1.96 14.95
N THR B 399 -30.21 -3.22 15.24
CA THR B 399 -30.67 -4.33 14.42
C THR B 399 -31.07 -5.57 15.21
N GLY B 400 -31.08 -5.51 16.54
CA GLY B 400 -31.51 -6.63 17.36
C GLY B 400 -30.69 -7.89 17.18
N THR B 401 -29.37 -7.78 17.23
CA THR B 401 -28.47 -8.91 17.01
C THR B 401 -27.61 -9.20 18.23
N SER B 402 -28.20 -9.20 19.43
CA SER B 402 -27.44 -9.35 20.67
C SER B 402 -28.08 -10.38 21.57
N LEU B 403 -27.25 -11.27 22.13
CA LEU B 403 -27.75 -12.23 23.09
C LEU B 403 -27.86 -11.59 24.48
N PRO B 404 -28.84 -12.00 25.29
CA PRO B 404 -28.88 -11.53 26.68
C PRO B 404 -27.82 -12.23 27.51
N VAL B 405 -27.09 -11.45 28.30
CA VAL B 405 -26.00 -11.96 29.12
C VAL B 405 -26.33 -11.72 30.58
N ASP B 406 -26.25 -12.78 31.38
CA ASP B 406 -26.44 -12.68 32.82
C ASP B 406 -25.07 -12.44 33.45
N ASN B 407 -24.93 -11.31 34.12
CA ASN B 407 -23.65 -10.95 34.73
C ASN B 407 -23.55 -11.38 36.19
N ALA B 408 -24.22 -12.48 36.54
CA ALA B 408 -24.09 -13.09 37.85
C ALA B 408 -23.43 -14.46 37.79
N PHE B 409 -22.64 -14.73 36.75
CA PHE B 409 -21.93 -16.00 36.65
C PHE B 409 -20.86 -16.06 37.74
N ALA B 410 -20.91 -17.12 38.55
CA ALA B 410 -20.02 -17.25 39.69
C ALA B 410 -18.58 -17.48 39.23
N ASP B 411 -17.69 -17.57 40.20
CA ASP B 411 -16.26 -17.72 39.92
C ASP B 411 -16.00 -19.03 39.19
N THR B 412 -15.67 -18.91 37.90
CA THR B 412 -15.26 -20.04 37.08
C THR B 412 -13.77 -20.30 37.11
N THR B 413 -12.98 -19.34 37.57
CA THR B 413 -11.53 -19.55 37.69
C THR B 413 -11.28 -20.67 38.70
N PRO B 414 -10.39 -21.62 38.39
CA PRO B 414 -10.26 -22.81 39.25
C PRO B 414 -9.86 -22.47 40.67
N LYS B 415 -10.41 -23.23 41.62
CA LYS B 415 -10.13 -23.00 43.03
C LYS B 415 -8.64 -23.13 43.32
N GLY B 416 -8.15 -22.26 44.19
CA GLY B 416 -6.74 -22.16 44.48
C GLY B 416 -6.11 -20.89 43.98
N THR B 417 -6.89 -19.98 43.40
CA THR B 417 -6.38 -18.82 42.70
C THR B 417 -6.61 -17.56 43.53
N ILE B 418 -5.79 -16.55 43.29
CA ILE B 418 -5.87 -15.26 43.96
C ILE B 418 -6.00 -14.21 42.88
N GLN B 419 -7.07 -13.39 42.96
CA GLN B 419 -7.32 -12.31 42.03
C GLN B 419 -7.10 -10.96 42.70
N CYS B 420 -6.33 -10.10 42.05
CA CYS B 420 -5.92 -8.83 42.61
C CYS B 420 -6.19 -7.74 41.58
N GLN B 421 -6.82 -6.66 42.01
CA GLN B 421 -6.99 -5.48 41.18
C GLN B 421 -6.23 -4.33 41.80
N PHE B 422 -5.38 -3.69 40.99
CA PHE B 422 -4.57 -2.56 41.43
C PHE B 422 -4.93 -1.37 40.55
N TRP B 423 -5.67 -0.42 41.11
CA TRP B 423 -5.94 0.83 40.43
C TRP B 423 -4.81 1.79 40.76
N GLY B 424 -4.31 2.50 39.76
CA GLY B 424 -3.20 3.40 39.99
C GLY B 424 -3.26 4.59 39.07
N LEU B 425 -2.49 5.61 39.43
CA LEU B 425 -2.31 6.78 38.58
C LEU B 425 -1.06 6.57 37.73
N GLY B 426 -1.11 7.08 36.50
CA GLY B 426 -0.03 6.82 35.57
C GLY B 426 1.31 7.27 36.13
N ALA B 427 2.34 6.46 35.89
CA ALA B 427 3.73 6.68 36.28
C ALA B 427 3.92 6.77 37.79
N ASP B 428 2.99 6.26 38.60
CA ASP B 428 3.23 6.10 40.02
C ASP B 428 3.87 4.76 40.34
N GLY B 429 4.18 3.96 39.33
CA GLY B 429 4.93 2.73 39.51
C GLY B 429 4.12 1.50 39.86
N THR B 430 2.81 1.53 39.66
CA THR B 430 2.00 0.37 40.03
C THR B 430 2.22 -0.80 39.08
N VAL B 431 2.26 -0.54 37.78
CA VAL B 431 2.48 -1.64 36.83
C VAL B 431 3.90 -2.17 36.94
N GLY B 432 4.88 -1.29 37.17
CA GLY B 432 6.23 -1.77 37.38
C GLY B 432 6.35 -2.63 38.62
N ALA B 433 5.69 -2.21 39.71
CA ALA B 433 5.70 -3.00 40.93
C ALA B 433 4.99 -4.33 40.73
N ASN B 434 3.91 -4.34 39.96
CA ASN B 434 3.17 -5.58 39.73
C ASN B 434 3.94 -6.53 38.83
N LYS B 435 4.63 -6.01 37.82
CA LYS B 435 5.50 -6.86 37.01
C LYS B 435 6.62 -7.44 37.86
N GLN B 436 7.21 -6.62 38.74
CA GLN B 436 8.21 -7.16 39.66
C GLN B 436 7.61 -8.23 40.55
N ALA B 437 6.37 -8.05 41.00
CA ALA B 437 5.74 -9.04 41.87
C ALA B 437 5.50 -10.35 41.13
N ILE B 438 5.03 -10.28 39.89
CA ILE B 438 4.82 -11.47 39.09
C ILE B 438 6.14 -12.19 38.86
N LYS B 439 7.18 -11.43 38.53
CA LYS B 439 8.49 -12.05 38.29
C LYS B 439 9.04 -12.69 39.57
N ILE B 440 8.90 -12.01 40.70
CA ILE B 440 9.41 -12.52 41.96
C ILE B 440 8.69 -13.81 42.35
N ILE B 441 7.36 -13.79 42.30
CA ILE B 441 6.58 -14.98 42.66
C ILE B 441 6.84 -16.10 41.68
N GLY B 442 6.97 -15.79 40.39
CA GLY B 442 7.22 -16.82 39.40
C GLY B 442 8.58 -17.48 39.58
N ASP B 443 9.62 -16.67 39.79
CA ASP B 443 10.96 -17.22 39.96
C ASP B 443 11.15 -17.90 41.30
N ASN B 444 10.34 -17.57 42.30
CA ASN B 444 10.55 -18.11 43.63
C ASN B 444 9.51 -19.15 44.05
N THR B 445 8.48 -19.40 43.25
CA THR B 445 7.43 -20.33 43.65
C THR B 445 6.98 -21.18 42.48
N ASP B 446 6.14 -22.17 42.80
CA ASP B 446 5.53 -23.07 41.82
C ASP B 446 4.11 -22.65 41.49
N LEU B 447 3.87 -21.34 41.44
CA LEU B 447 2.56 -20.78 41.14
C LEU B 447 2.58 -20.14 39.76
N PHE B 448 1.51 -20.36 39.00
CA PHE B 448 1.35 -19.67 37.74
C PHE B 448 0.86 -18.25 37.98
N ALA B 449 1.48 -17.29 37.33
CA ALA B 449 1.21 -15.88 37.57
C ALA B 449 0.81 -15.23 36.27
N GLN B 450 -0.47 -14.89 36.15
CA GLN B 450 -0.99 -14.13 35.02
C GLN B 450 -1.15 -12.67 35.43
N GLY B 451 -0.81 -11.76 34.54
CA GLY B 451 -0.99 -10.35 34.81
C GLY B 451 -1.37 -9.56 33.58
N TYR B 452 -2.45 -8.79 33.67
CA TYR B 452 -2.89 -7.95 32.57
C TYR B 452 -2.97 -6.49 33.01
N PHE B 453 -2.72 -5.59 32.07
CA PHE B 453 -2.57 -4.16 32.36
C PHE B 453 -3.49 -3.35 31.44
N SER B 454 -4.63 -2.94 31.95
CA SER B 454 -5.49 -1.98 31.27
C SER B 454 -4.92 -0.58 31.44
N TYR B 455 -4.92 0.19 30.37
CA TYR B 455 -4.37 1.53 30.34
C TYR B 455 -5.46 2.54 30.02
N ASP B 456 -5.04 3.77 29.74
CA ASP B 456 -5.95 4.86 29.44
C ASP B 456 -5.47 5.61 28.20
N SER B 457 -6.40 6.27 27.53
CA SER B 457 -6.08 7.06 26.36
C SER B 457 -5.33 8.35 26.72
N LYS B 458 -5.50 8.84 27.94
CA LYS B 458 -4.84 10.06 28.36
C LYS B 458 -3.38 9.79 28.67
N LYS B 459 -2.49 10.55 28.05
CA LYS B 459 -1.06 10.29 28.20
C LYS B 459 -0.54 10.67 29.58
N SER B 460 -0.97 11.82 30.10
CA SER B 460 -0.54 12.32 31.40
C SER B 460 -1.70 12.28 32.37
N GLY B 461 -1.48 11.68 33.54
CA GLY B 461 -2.52 11.56 34.53
C GLY B 461 -3.54 10.49 34.27
N GLY B 462 -3.31 9.61 33.30
CA GLY B 462 -4.26 8.56 33.01
C GLY B 462 -4.33 7.51 34.11
N ILE B 463 -5.49 6.89 34.23
CA ILE B 463 -5.63 5.77 35.15
C ILE B 463 -4.99 4.53 34.54
N THR B 464 -4.46 3.67 35.39
CA THR B 464 -3.87 2.41 34.96
C THR B 464 -4.37 1.32 35.89
N ILE B 465 -5.10 0.36 35.34
CA ILE B 465 -5.67 -0.74 36.11
C ILE B 465 -4.86 -1.97 35.83
N SER B 466 -4.62 -2.77 36.85
CA SER B 466 -3.88 -4.01 36.70
C SER B 466 -4.65 -5.15 37.35
N HIS B 467 -4.78 -6.25 36.63
CA HIS B 467 -5.48 -7.44 37.10
C HIS B 467 -4.45 -8.56 37.18
N LEU B 468 -4.29 -9.13 38.36
CA LEU B 468 -3.31 -10.18 38.57
C LEU B 468 -4.00 -11.43 39.10
N ARG B 469 -3.61 -12.58 38.57
CA ARG B 469 -4.07 -13.86 39.07
C ARG B 469 -2.85 -14.68 39.42
N PHE B 470 -2.89 -15.36 40.56
CA PHE B 470 -1.84 -16.28 40.96
C PHE B 470 -2.51 -17.59 41.36
N GLY B 471 -2.19 -18.65 40.64
CA GLY B 471 -2.95 -19.88 40.77
C GLY B 471 -2.06 -21.10 40.85
N GLU B 472 -2.54 -22.07 41.64
CA GLU B 472 -1.89 -23.37 41.68
C GLU B 472 -2.01 -24.10 40.35
N LYS B 473 -3.20 -24.06 39.74
CA LYS B 473 -3.47 -24.60 38.42
C LYS B 473 -3.13 -23.57 37.35
N PRO B 474 -2.86 -24.02 36.12
CA PRO B 474 -2.55 -23.06 35.05
C PRO B 474 -3.69 -22.08 34.81
N ILE B 475 -3.33 -20.86 34.45
CA ILE B 475 -4.29 -19.75 34.39
C ILE B 475 -4.83 -19.65 32.97
N GLN B 476 -6.08 -20.04 32.78
CA GLN B 476 -6.75 -19.94 31.50
C GLN B 476 -7.72 -18.78 31.41
N SER B 477 -7.81 -17.94 32.44
CA SER B 477 -8.79 -16.86 32.49
C SER B 477 -8.28 -15.69 31.66
N THR B 478 -8.70 -15.65 30.41
CA THR B 478 -8.22 -14.66 29.45
C THR B 478 -9.24 -13.52 29.32
N TYR B 479 -9.40 -12.79 30.43
CA TYR B 479 -10.33 -11.67 30.51
C TYR B 479 -10.00 -10.86 31.75
N LEU B 480 -10.46 -9.60 31.76
CA LEU B 480 -10.21 -8.73 32.90
C LEU B 480 -10.90 -9.28 34.14
N VAL B 481 -10.25 -9.10 35.29
CA VAL B 481 -10.82 -9.55 36.56
C VAL B 481 -12.08 -8.76 36.86
N ASN B 482 -13.12 -9.45 37.33
CA ASN B 482 -14.36 -8.82 37.72
C ASN B 482 -14.84 -9.21 39.11
N ARG B 483 -14.23 -10.22 39.73
CA ARG B 483 -14.52 -10.59 41.12
C ARG B 483 -13.18 -10.82 41.80
N ALA B 484 -12.67 -9.78 42.45
CA ALA B 484 -11.31 -9.74 42.93
C ALA B 484 -11.21 -10.23 44.37
N ASP B 485 -10.15 -10.98 44.66
CA ASP B 485 -9.83 -11.31 46.04
C ASP B 485 -9.34 -10.08 46.81
N TYR B 486 -8.60 -9.21 46.15
CA TYR B 486 -7.88 -8.13 46.84
C TYR B 486 -7.84 -6.91 45.94
N VAL B 487 -8.47 -5.83 46.38
CA VAL B 487 -8.47 -4.56 45.65
C VAL B 487 -7.49 -3.62 46.33
N ALA B 488 -6.79 -2.81 45.52
CA ALA B 488 -5.83 -1.84 46.02
C ALA B 488 -5.95 -0.56 45.21
N CYS B 489 -6.39 0.49 45.87
CA CYS B 489 -6.45 1.82 45.26
C CYS B 489 -5.18 2.56 45.62
N HIS B 490 -4.41 2.93 44.61
CA HIS B 490 -3.15 3.64 44.78
C HIS B 490 -3.32 5.14 44.67
N ASN B 491 -4.53 5.63 44.51
CA ASN B 491 -4.81 7.05 44.38
C ASN B 491 -6.18 7.36 44.95
N PRO B 492 -6.25 8.02 46.10
CA PRO B 492 -7.57 8.30 46.70
C PRO B 492 -8.43 9.22 45.87
N ALA B 493 -7.83 9.98 44.94
CA ALA B 493 -8.61 10.80 44.03
C ALA B 493 -9.66 9.96 43.30
N TYR B 494 -9.32 8.71 42.97
CA TYR B 494 -10.23 7.83 42.27
C TYR B 494 -11.41 7.37 43.12
N VAL B 495 -11.30 7.46 44.45
CA VAL B 495 -12.34 6.89 45.30
C VAL B 495 -13.68 7.57 45.08
N GLY B 496 -13.65 8.79 44.56
CA GLY B 496 -14.88 9.42 44.11
C GLY B 496 -15.12 9.38 42.62
N ILE B 497 -14.05 9.28 41.82
CA ILE B 497 -14.16 9.42 40.38
C ILE B 497 -14.58 8.11 39.71
N TYR B 498 -14.12 6.98 40.24
CA TYR B 498 -14.45 5.67 39.70
C TYR B 498 -15.04 4.78 40.78
N ASP B 499 -15.53 3.61 40.34
CA ASP B 499 -16.04 2.59 41.25
C ASP B 499 -14.91 1.60 41.49
N ILE B 500 -14.23 1.76 42.62
CA ILE B 500 -13.06 0.94 42.91
C ILE B 500 -13.47 -0.46 43.35
N LEU B 501 -14.67 -0.58 43.93
CA LEU B 501 -15.12 -1.84 44.52
C LEU B 501 -16.18 -2.54 43.69
N GLU B 502 -16.23 -2.27 42.38
CA GLU B 502 -17.16 -2.99 41.52
C GLU B 502 -16.74 -4.44 41.33
N GLY B 503 -15.48 -4.77 41.58
CA GLY B 503 -14.97 -6.11 41.39
C GLY B 503 -14.59 -6.81 42.67
N ILE B 504 -14.99 -6.25 43.82
CA ILE B 504 -14.67 -6.84 45.10
C ILE B 504 -15.43 -8.16 45.26
N LYS B 505 -15.00 -8.97 46.23
CA LYS B 505 -15.75 -10.14 46.65
C LYS B 505 -16.06 -10.02 48.14
N ASP B 506 -16.74 -11.03 48.68
CA ASP B 506 -17.18 -11.00 50.06
C ASP B 506 -15.98 -11.19 50.99
N GLY B 507 -15.72 -10.20 51.83
CA GLY B 507 -14.55 -10.23 52.67
C GLY B 507 -13.25 -9.87 51.97
N GLY B 508 -13.31 -9.50 50.69
CA GLY B 508 -12.14 -9.18 49.92
C GLY B 508 -11.36 -7.99 50.47
N THR B 509 -10.07 -8.18 50.71
CA THR B 509 -9.24 -7.14 51.31
C THR B 509 -9.18 -5.92 50.40
N PHE B 510 -9.58 -4.76 50.93
CA PHE B 510 -9.51 -3.49 50.21
C PHE B 510 -8.45 -2.62 50.87
N VAL B 511 -7.36 -2.37 50.15
CA VAL B 511 -6.27 -1.54 50.64
C VAL B 511 -6.29 -0.20 49.92
N LEU B 512 -6.44 0.87 50.69
CA LEU B 512 -6.62 2.21 50.14
C LEU B 512 -5.46 3.10 50.55
N ASN B 513 -4.86 3.77 49.57
CA ASN B 513 -3.96 4.88 49.86
C ASN B 513 -4.78 6.12 50.14
N SER B 514 -4.58 6.72 51.30
CA SER B 514 -5.35 7.91 51.67
C SER B 514 -4.66 8.67 52.80
N PRO B 515 -4.39 9.96 52.62
CA PRO B 515 -3.81 10.74 53.72
C PRO B 515 -4.71 10.80 54.94
N TRP B 516 -6.02 10.84 54.75
CA TRP B 516 -6.93 10.97 55.89
C TRP B 516 -7.07 9.61 56.58
N SER B 517 -6.11 9.33 57.46
CA SER B 517 -6.08 8.10 58.24
C SER B 517 -6.66 8.37 59.62
N SER B 518 -7.99 8.49 59.66
CA SER B 518 -8.73 8.67 60.91
C SER B 518 -10.16 8.23 60.67
N LEU B 519 -10.87 7.97 61.77
CA LEU B 519 -12.29 7.62 61.67
C LEU B 519 -13.09 8.77 61.07
N GLU B 520 -12.95 9.96 61.64
CA GLU B 520 -13.76 11.10 61.22
C GLU B 520 -13.41 11.56 59.81
N ASP B 521 -12.13 11.59 59.46
CA ASP B 521 -11.75 12.06 58.13
C ASP B 521 -12.20 11.09 57.05
N MET B 522 -12.15 9.78 57.33
CA MET B 522 -12.73 8.81 56.41
C MET B 522 -14.25 8.96 56.33
N ASP B 523 -14.89 9.28 57.46
CA ASP B 523 -16.32 9.59 57.41
C ASP B 523 -16.59 10.78 56.49
N LYS B 524 -15.70 11.76 56.50
CA LYS B 524 -15.92 12.96 55.70
C LYS B 524 -15.60 12.75 54.22
N HIS B 525 -14.63 11.90 53.92
CA HIS B 525 -14.14 11.78 52.55
C HIS B 525 -14.68 10.57 51.80
N LEU B 526 -14.89 9.45 52.47
CA LEU B 526 -15.31 8.24 51.77
C LEU B 526 -16.76 8.39 51.29
N PRO B 527 -17.01 8.28 49.99
CA PRO B 527 -18.38 8.46 49.49
C PRO B 527 -19.32 7.41 50.08
N SER B 528 -20.58 7.80 50.22
CA SER B 528 -21.55 6.98 50.93
C SER B 528 -21.68 5.60 50.30
N GLY B 529 -21.60 5.51 48.97
CA GLY B 529 -21.71 4.20 48.33
C GLY B 529 -20.58 3.27 48.69
N ILE B 530 -19.34 3.77 48.68
CA ILE B 530 -18.20 2.94 49.01
C ILE B 530 -18.26 2.52 50.48
N LYS B 531 -18.67 3.43 51.36
CA LYS B 531 -18.80 3.08 52.77
C LYS B 531 -19.86 2.00 52.97
N ARG B 532 -21.01 2.12 52.29
CA ARG B 532 -22.05 1.12 52.43
C ARG B 532 -21.58 -0.23 51.92
N THR B 533 -20.82 -0.24 50.82
CA THR B 533 -20.25 -1.51 50.35
C THR B 533 -19.32 -2.11 51.38
N ILE B 534 -18.39 -1.31 51.91
CA ILE B 534 -17.39 -1.84 52.83
C ILE B 534 -18.07 -2.38 54.08
N ALA B 535 -19.12 -1.72 54.54
CA ALA B 535 -19.80 -2.19 55.75
C ALA B 535 -20.68 -3.41 55.47
N ASN B 536 -21.35 -3.45 54.32
CA ASN B 536 -22.35 -4.47 54.08
C ASN B 536 -21.72 -5.84 53.90
N LYS B 537 -20.91 -6.01 52.85
CA LYS B 537 -20.35 -7.32 52.51
C LYS B 537 -19.19 -7.72 53.41
N LYS B 538 -19.00 -7.02 54.53
CA LYS B 538 -18.03 -7.40 55.56
C LYS B 538 -16.63 -7.56 54.96
N LEU B 539 -16.10 -6.45 54.49
CA LEU B 539 -14.77 -6.39 53.90
C LEU B 539 -13.70 -6.32 54.98
N LYS B 540 -12.46 -6.46 54.55
CA LYS B 540 -11.28 -6.12 55.36
C LYS B 540 -10.68 -4.85 54.77
N PHE B 541 -11.04 -3.69 55.32
CA PHE B 541 -10.60 -2.40 54.80
C PHE B 541 -9.35 -1.96 55.55
N TYR B 542 -8.25 -1.78 54.82
CA TYR B 542 -6.98 -1.33 55.36
C TYR B 542 -6.67 0.00 54.67
N ASN B 543 -6.61 1.08 55.44
CA ASN B 543 -6.22 2.38 54.92
C ASN B 543 -4.80 2.68 55.38
N ILE B 544 -3.94 3.09 54.46
CA ILE B 544 -2.61 3.56 54.81
C ILE B 544 -2.29 4.81 54.02
N ASP B 545 -1.74 5.82 54.70
CA ASP B 545 -1.19 7.02 54.07
C ASP B 545 0.25 6.72 53.74
N ALA B 546 0.49 6.21 52.53
CA ALA B 546 1.83 5.80 52.15
C ALA B 546 2.71 6.98 51.74
N VAL B 547 2.12 8.14 51.44
CA VAL B 547 2.92 9.29 51.03
C VAL B 547 3.70 9.84 52.22
N LYS B 548 3.05 9.92 53.38
CA LYS B 548 3.76 10.35 54.59
C LYS B 548 4.88 9.37 54.94
N ILE B 549 4.63 8.07 54.79
CA ILE B 549 5.65 7.08 55.06
C ILE B 549 6.84 7.25 54.13
N ALA B 550 6.57 7.46 52.83
CA ALA B 550 7.66 7.64 51.88
C ALA B 550 8.42 8.93 52.16
N THR B 551 7.72 10.00 52.52
CA THR B 551 8.38 11.27 52.81
C THR B 551 9.25 11.17 54.05
N ASP B 552 8.80 10.41 55.05
CA ASP B 552 9.60 10.20 56.26
C ASP B 552 10.91 9.51 55.94
N VAL B 553 10.87 8.45 55.13
CA VAL B 553 12.03 7.61 54.87
C VAL B 553 12.90 8.25 53.78
N GLY B 554 12.56 9.48 53.41
CA GLY B 554 13.37 10.27 52.49
C GLY B 554 13.60 9.64 51.12
N ARG B 558 7.72 8.46 46.17
CA ARG B 558 7.49 7.17 45.52
C ARG B 558 6.87 6.18 46.50
N ILE B 559 5.62 5.81 46.25
CA ILE B 559 4.89 4.88 47.09
C ILE B 559 4.97 3.46 46.56
N ASN B 560 5.95 3.17 45.70
CA ASN B 560 6.03 1.85 45.07
C ASN B 560 6.22 0.76 46.12
N MET B 561 7.17 0.97 47.04
CA MET B 561 7.58 -0.10 47.94
C MET B 561 6.52 -0.36 49.01
N ILE B 562 5.86 0.70 49.49
CA ILE B 562 4.80 0.50 50.47
C ILE B 562 3.65 -0.29 49.86
N MET B 563 3.26 0.04 48.63
CA MET B 563 2.19 -0.69 47.96
C MET B 563 2.59 -2.14 47.68
N GLN B 564 3.82 -2.36 47.24
CA GLN B 564 4.25 -3.73 46.99
C GLN B 564 4.30 -4.53 48.29
N THR B 565 4.69 -3.88 49.39
CA THR B 565 4.67 -4.53 50.70
C THR B 565 3.25 -4.87 51.12
N ALA B 566 2.31 -3.95 50.88
CA ALA B 566 0.91 -4.20 51.21
C ALA B 566 0.41 -5.42 50.44
N PHE B 567 0.76 -5.50 49.15
CA PHE B 567 0.41 -6.66 48.36
C PHE B 567 1.03 -7.93 48.93
N PHE B 568 2.33 -7.89 49.23
CA PHE B 568 3.02 -9.12 49.62
C PHE B 568 2.65 -9.57 51.02
N LYS B 569 2.03 -8.71 51.81
CA LYS B 569 1.58 -9.16 53.13
C LYS B 569 0.07 -9.39 53.20
N LEU B 570 -0.70 -8.90 52.21
CA LEU B 570 -2.15 -8.94 52.31
C LEU B 570 -2.83 -9.68 51.16
N ALA B 571 -2.09 -10.08 50.12
CA ALA B 571 -2.72 -10.82 49.03
C ALA B 571 -2.99 -12.27 49.41
N GLY B 572 -2.22 -12.84 50.32
CA GLY B 572 -2.34 -14.23 50.68
C GLY B 572 -1.60 -15.19 49.77
N VAL B 573 -0.90 -14.70 48.75
CA VAL B 573 -0.28 -15.61 47.79
C VAL B 573 0.95 -16.28 48.39
N LEU B 574 1.56 -15.67 49.39
CA LEU B 574 2.77 -16.22 49.99
C LEU B 574 2.62 -16.31 51.51
N ALA B 579 7.93 -13.78 50.77
CA ALA B 579 7.24 -12.51 50.56
C ALA B 579 8.07 -11.37 51.12
N VAL B 580 8.06 -11.23 52.44
CA VAL B 580 8.88 -10.21 53.10
C VAL B 580 10.34 -10.41 52.75
N ASP B 581 10.83 -11.64 52.91
CA ASP B 581 12.20 -11.96 52.53
C ASP B 581 12.41 -11.78 51.03
N LEU B 582 11.42 -12.19 50.22
CA LEU B 582 11.57 -12.12 48.78
C LEU B 582 11.65 -10.67 48.30
N LEU B 583 10.76 -9.81 48.81
CA LEU B 583 10.79 -8.41 48.40
C LEU B 583 12.05 -7.73 48.93
N LYS B 584 12.48 -8.07 50.15
CA LYS B 584 13.71 -7.49 50.67
C LYS B 584 14.91 -7.86 49.81
N LYS B 585 15.02 -9.13 49.44
CA LYS B 585 16.14 -9.58 48.61
C LYS B 585 16.06 -8.96 47.22
N SER B 586 14.87 -8.83 46.65
CA SER B 586 14.72 -8.20 45.35
C SER B 586 15.15 -6.74 45.39
N ILE B 587 14.82 -6.04 46.49
CA ILE B 587 15.30 -4.67 46.64
C ILE B 587 16.83 -4.67 46.71
N HIS B 588 17.40 -5.61 47.47
CA HIS B 588 18.85 -5.72 47.56
C HIS B 588 19.48 -5.90 46.18
N LYS B 589 18.83 -6.70 45.32
CA LYS B 589 19.39 -6.95 43.99
C LYS B 589 19.44 -5.67 43.17
N ALA B 590 18.42 -4.81 43.29
CA ALA B 590 18.38 -3.55 42.56
C ALA B 590 19.47 -2.59 43.04
N ILE B 598 20.49 4.12 49.53
CA ILE B 598 19.36 3.76 48.69
C ILE B 598 18.65 2.52 49.26
N VAL B 599 19.40 1.42 49.37
CA VAL B 599 18.83 0.16 49.82
C VAL B 599 18.17 0.32 51.19
N LYS B 600 18.85 1.02 52.10
CA LYS B 600 18.38 1.15 53.47
C LYS B 600 17.05 1.87 53.52
N MET B 601 16.89 2.93 52.72
CA MET B 601 15.62 3.66 52.67
C MET B 601 14.49 2.75 52.22
N ASN B 602 14.75 1.93 51.20
CA ASN B 602 13.71 1.05 50.68
C ASN B 602 13.31 0.01 51.72
N THR B 603 14.27 -0.58 52.41
CA THR B 603 13.93 -1.59 53.42
C THR B 603 13.23 -0.95 54.61
N ASP B 604 13.58 0.30 54.93
CA ASP B 604 12.88 0.99 56.00
C ASP B 604 11.44 1.29 55.61
N ALA B 605 11.23 1.68 54.35
CA ALA B 605 9.86 1.83 53.86
C ALA B 605 9.10 0.53 53.95
N VAL B 606 9.75 -0.58 53.59
CA VAL B 606 9.13 -1.89 53.70
C VAL B 606 8.68 -2.17 55.13
N ASP B 607 9.57 -1.94 56.10
CA ASP B 607 9.25 -2.28 57.48
C ASP B 607 8.21 -1.34 58.07
N GLN B 608 8.29 -0.05 57.77
CA GLN B 608 7.31 0.89 58.29
C GLN B 608 5.93 0.61 57.71
N ALA B 609 5.87 0.25 56.42
CA ALA B 609 4.62 -0.21 55.84
C ALA B 609 4.12 -1.47 56.54
N VAL B 610 5.03 -2.40 56.82
CA VAL B 610 4.64 -3.63 57.53
C VAL B 610 3.94 -3.29 58.82
N THR B 611 4.51 -2.36 59.59
CA THR B 611 3.90 -1.98 60.86
C THR B 611 2.61 -1.19 60.65
N SER B 612 2.52 -0.43 59.55
CA SER B 612 1.41 0.52 59.40
C SER B 612 0.10 -0.16 59.02
N LEU B 613 0.16 -1.32 58.39
CA LEU B 613 -1.05 -1.98 57.94
C LEU B 613 -1.87 -2.51 59.12
N GLN B 614 -3.08 -1.98 59.28
CA GLN B 614 -4.02 -2.50 60.29
C GLN B 614 -5.44 -2.30 59.77
N GLU B 615 -6.34 -3.19 60.20
CA GLU B 615 -7.73 -3.13 59.79
C GLU B 615 -8.40 -1.89 60.38
N PHE B 616 -9.24 -1.24 59.58
CA PHE B 616 -9.96 -0.06 60.03
C PHE B 616 -11.31 -0.49 60.62
N LYS B 617 -11.51 -0.22 61.91
CA LYS B 617 -12.76 -0.59 62.56
C LYS B 617 -13.87 0.34 62.11
N TYR B 618 -14.48 0.03 60.97
CA TYR B 618 -15.41 0.95 60.34
C TYR B 618 -16.70 1.06 61.15
N PRO B 619 -17.39 2.19 61.07
CA PRO B 619 -18.69 2.31 61.74
C PRO B 619 -19.70 1.30 61.20
N ASP B 620 -20.53 0.80 62.11
CA ASP B 620 -21.62 -0.06 61.70
C ASP B 620 -22.68 0.73 60.94
N SER B 621 -22.87 2.00 61.31
CA SER B 621 -23.83 2.86 60.62
C SER B 621 -23.45 3.05 59.16
N TRP B 622 -22.21 2.73 58.78
CA TRP B 622 -21.80 2.76 57.38
C TRP B 622 -22.68 1.85 56.53
N LYS B 623 -23.26 0.80 57.13
CA LYS B 623 -24.22 -0.03 56.40
C LYS B 623 -25.60 0.60 56.33
N ASP B 624 -25.83 1.69 57.06
CA ASP B 624 -27.10 2.41 57.02
C ASP B 624 -26.98 3.79 56.38
N ALA B 625 -25.78 4.19 55.96
CA ALA B 625 -25.55 5.55 55.53
C ALA B 625 -25.94 5.76 54.06
N ASN B 636 -22.14 18.73 27.08
CA ASN B 636 -23.57 19.06 27.04
C ASN B 636 -24.41 17.87 27.49
N GLU B 637 -25.58 17.72 26.89
CA GLU B 637 -26.38 16.51 27.12
C GLU B 637 -25.65 15.27 26.62
N PHE B 638 -25.00 15.39 25.46
CA PHE B 638 -24.13 14.33 24.98
C PHE B 638 -23.11 13.93 26.04
N PHE B 639 -22.52 14.92 26.71
CA PHE B 639 -21.54 14.61 27.75
C PHE B 639 -22.16 13.83 28.89
N LYS B 640 -23.33 14.27 29.37
CA LYS B 640 -23.97 13.59 30.48
C LYS B 640 -24.40 12.18 30.13
N ASN B 641 -24.77 11.93 28.87
CA ASN B 641 -25.24 10.61 28.47
C ASN B 641 -24.11 9.64 28.13
N VAL B 642 -23.13 10.04 27.33
CA VAL B 642 -22.14 9.12 26.79
C VAL B 642 -20.74 9.42 27.32
N VAL B 643 -20.34 10.69 27.29
CA VAL B 643 -18.92 11.01 27.52
C VAL B 643 -18.54 10.78 28.97
N LYS B 644 -19.35 11.24 29.92
CA LYS B 644 -19.05 10.96 31.32
C LYS B 644 -19.04 9.47 31.63
N PRO B 645 -19.99 8.66 31.16
CA PRO B 645 -19.86 7.21 31.35
C PRO B 645 -18.64 6.59 30.68
N ILE B 646 -18.23 7.08 29.51
CA ILE B 646 -17.04 6.52 28.88
C ILE B 646 -15.79 6.87 29.68
N LEU B 647 -15.72 8.10 30.17
CA LEU B 647 -14.55 8.54 30.92
C LEU B 647 -14.40 7.76 32.22
N THR B 648 -15.51 7.41 32.88
CA THR B 648 -15.45 6.64 34.10
C THR B 648 -15.28 5.15 33.85
N GLN B 649 -14.83 4.77 32.64
CA GLN B 649 -14.57 3.38 32.29
C GLN B 649 -15.82 2.51 32.48
N GLN B 650 -16.97 3.06 32.09
CA GLN B 650 -18.22 2.32 32.18
C GLN B 650 -19.02 2.39 30.88
N GLY B 651 -18.36 2.67 29.76
CA GLY B 651 -19.05 2.71 28.49
C GLY B 651 -19.42 1.37 27.91
N ASP B 652 -18.97 0.28 28.54
CA ASP B 652 -19.39 -1.06 28.16
C ASP B 652 -20.89 -1.23 28.27
N LYS B 653 -21.56 -0.41 29.08
CA LYS B 653 -23.01 -0.41 29.20
C LYS B 653 -23.68 0.46 28.16
N LEU B 654 -22.91 1.17 27.33
CA LEU B 654 -23.49 2.01 26.29
C LEU B 654 -24.04 1.15 25.17
N PRO B 655 -25.32 1.27 24.82
CA PRO B 655 -25.85 0.51 23.69
C PRO B 655 -25.34 1.05 22.36
N VAL B 656 -25.82 0.42 21.29
CA VAL B 656 -25.38 0.78 19.94
C VAL B 656 -26.16 1.99 19.42
N SER B 657 -27.27 2.34 20.07
CA SER B 657 -28.05 3.50 19.69
C SER B 657 -27.32 4.81 19.99
N ALA B 658 -26.30 4.79 20.83
CA ALA B 658 -25.60 5.99 21.26
C ALA B 658 -24.57 6.47 20.25
N PHE B 659 -24.19 5.63 19.31
CA PHE B 659 -23.05 5.89 18.45
C PHE B 659 -23.52 6.14 17.03
N GLU B 660 -22.93 7.15 16.40
CA GLU B 660 -23.24 7.44 15.02
C GLU B 660 -22.81 6.28 14.13
N ALA B 661 -23.61 6.02 13.09
CA ALA B 661 -23.33 4.89 12.22
C ALA B 661 -21.98 5.05 11.52
N ASP B 662 -21.65 6.27 11.10
CA ASP B 662 -20.39 6.52 10.42
C ASP B 662 -19.26 6.86 11.38
N GLY B 663 -19.48 6.74 12.68
CA GLY B 663 -18.44 6.91 13.67
C GLY B 663 -17.98 8.32 13.92
N ARG B 664 -18.74 9.31 13.49
CA ARG B 664 -18.36 10.70 13.74
C ARG B 664 -18.62 11.06 15.20
N PHE B 665 -17.87 12.03 15.68
CA PHE B 665 -17.97 12.52 17.04
C PHE B 665 -18.12 14.03 17.02
N PRO B 666 -18.84 14.61 17.97
CA PRO B 666 -19.00 16.06 18.01
C PRO B 666 -17.80 16.74 18.65
N LEU B 667 -17.65 18.03 18.33
CA LEU B 667 -16.55 18.84 18.83
C LEU B 667 -16.81 19.30 20.27
N GLY B 668 -15.77 19.86 20.87
CA GLY B 668 -15.91 20.52 22.16
C GLY B 668 -16.30 19.60 23.29
N THR B 669 -15.71 18.42 23.36
CA THR B 669 -16.02 17.48 24.43
C THR B 669 -15.02 17.57 25.57
N SER B 670 -13.79 17.99 25.28
CA SER B 670 -12.77 18.21 26.30
C SER B 670 -13.13 19.31 27.29
N GLN B 671 -14.03 20.22 26.91
CA GLN B 671 -14.33 21.37 27.75
C GLN B 671 -14.90 20.96 29.09
N PHE B 672 -15.68 19.88 29.13
CA PHE B 672 -16.31 19.45 30.37
C PHE B 672 -15.52 18.35 31.07
N GLU B 673 -14.29 18.07 30.62
CA GLU B 673 -13.46 17.08 31.28
C GLU B 673 -13.20 17.45 32.73
N LYS B 674 -12.50 18.57 32.95
CA LYS B 674 -12.16 19.08 34.28
C LYS B 674 -11.43 18.01 35.10
N ARG B 675 -10.21 17.72 34.67
CA ARG B 675 -9.37 16.72 35.33
C ARG B 675 -8.21 17.45 35.99
N GLY B 676 -8.29 17.65 37.30
CA GLY B 676 -7.19 18.29 37.98
C GLY B 676 -6.16 17.28 38.41
N VAL B 677 -5.15 17.08 37.56
CA VAL B 677 -4.15 16.04 37.78
C VAL B 677 -2.76 16.61 37.99
N ALA B 678 -2.53 17.87 37.65
CA ALA B 678 -1.26 18.51 37.95
C ALA B 678 -1.08 18.66 39.45
N ILE B 679 0.16 18.46 39.90
CA ILE B 679 0.48 18.71 41.31
C ILE B 679 0.68 20.21 41.55
N ASN B 680 1.37 20.88 40.63
CA ASN B 680 1.64 22.31 40.74
C ASN B 680 0.99 23.04 39.58
N VAL B 681 0.23 24.08 39.89
CA VAL B 681 -0.42 24.92 38.88
C VAL B 681 0.15 26.33 39.04
N PRO B 682 0.28 27.10 37.97
CA PRO B 682 0.83 28.45 38.10
C PRO B 682 -0.16 29.43 38.71
N GLN B 683 0.39 30.48 39.30
CA GLN B 683 -0.37 31.58 39.86
C GLN B 683 0.08 32.86 39.17
N TRP B 684 -0.89 33.71 38.85
CA TRP B 684 -0.60 35.00 38.25
C TRP B 684 -0.32 36.02 39.35
N VAL B 685 0.83 36.67 39.26
CA VAL B 685 1.15 37.83 40.09
C VAL B 685 0.87 39.05 39.24
N PRO B 686 -0.27 39.71 39.42
CA PRO B 686 -0.66 40.78 38.50
C PRO B 686 0.31 41.94 38.43
N GLU B 687 1.02 42.22 39.53
CA GLU B 687 1.87 43.41 39.57
C GLU B 687 3.06 43.32 38.63
N ASN B 688 3.64 42.13 38.47
CA ASN B 688 4.80 41.98 37.60
C ASN B 688 4.44 41.88 36.11
N CYS B 689 3.19 41.55 35.79
CA CYS B 689 2.82 41.22 34.42
C CYS B 689 3.03 42.40 33.49
N ILE B 690 3.66 42.13 32.35
CA ILE B 690 3.85 43.14 31.30
C ILE B 690 2.84 42.99 30.18
N GLN B 691 1.87 42.08 30.31
CA GLN B 691 0.81 41.87 29.32
C GLN B 691 1.39 41.62 27.93
N CYS B 692 2.20 40.56 27.83
N CYS B 692 2.20 40.55 27.85
CA CYS B 692 2.84 40.21 26.56
CA CYS B 692 2.87 40.16 26.62
C CYS B 692 2.14 39.09 25.81
C CYS B 692 2.14 39.11 25.83
N ASN B 693 1.24 38.35 26.47
CA ASN B 693 0.49 37.26 25.86
C ASN B 693 1.37 36.15 25.32
N GLN B 694 2.49 35.85 25.99
CA GLN B 694 3.32 34.73 25.56
C GLN B 694 3.01 33.47 26.35
N CYS B 695 2.59 33.61 27.61
CA CYS B 695 2.21 32.43 28.39
C CYS B 695 0.96 31.76 27.81
N ALA B 696 0.17 32.51 27.03
CA ALA B 696 -0.94 31.91 26.31
C ALA B 696 -0.47 31.33 24.98
N PHE B 697 0.33 32.09 24.23
CA PHE B 697 0.91 31.61 22.99
C PHE B 697 1.73 30.34 23.18
N VAL B 698 2.07 29.99 24.42
CA VAL B 698 3.03 28.91 24.67
C VAL B 698 2.34 27.67 25.26
N CYS B 699 1.24 27.86 25.97
CA CYS B 699 0.67 26.77 26.76
C CYS B 699 0.21 25.64 25.87
N PRO B 700 0.57 24.40 26.18
CA PRO B 700 0.15 23.28 25.32
C PRO B 700 -1.29 22.86 25.50
N HIS B 701 -1.86 22.99 26.70
CA HIS B 701 -3.23 22.55 26.94
C HIS B 701 -4.22 23.71 27.04
N SER B 702 -3.81 24.92 26.66
CA SER B 702 -4.69 26.10 26.64
C SER B 702 -5.36 26.34 27.99
N ALA B 703 -4.58 26.27 29.07
CA ALA B 703 -5.11 26.59 30.40
C ALA B 703 -4.91 28.06 30.77
N ILE B 704 -4.37 28.86 29.86
CA ILE B 704 -4.16 30.29 30.09
C ILE B 704 -5.14 31.06 29.23
N LEU B 705 -6.05 31.79 29.87
CA LEU B 705 -7.04 32.59 29.16
C LEU B 705 -6.75 34.08 29.34
N PRO B 706 -6.29 34.80 28.32
CA PRO B 706 -6.21 36.26 28.41
C PRO B 706 -7.59 36.88 28.30
N VAL B 707 -8.09 37.38 29.43
CA VAL B 707 -9.42 37.97 29.50
C VAL B 707 -9.29 39.48 29.37
N LEU B 708 -9.81 40.01 28.28
CA LEU B 708 -9.78 41.44 27.99
C LEU B 708 -11.21 41.93 28.03
N ALA B 709 -11.54 42.74 29.03
CA ALA B 709 -12.93 43.07 29.34
C ALA B 709 -13.13 44.57 29.41
N LYS B 710 -14.39 44.96 29.61
CA LYS B 710 -14.71 46.34 29.93
C LYS B 710 -15.01 46.49 31.41
N GLU B 711 -14.86 47.71 31.90
CA GLU B 711 -15.03 47.96 33.33
C GLU B 711 -16.46 47.71 33.78
N GLU B 712 -17.44 47.95 32.90
CA GLU B 712 -18.82 47.63 33.25
C GLU B 712 -19.08 46.13 33.22
N GLU B 713 -18.27 45.38 32.47
CA GLU B 713 -18.45 43.94 32.39
C GLU B 713 -18.15 43.24 33.71
N LEU B 714 -17.08 43.67 34.38
CA LEU B 714 -16.64 43.02 35.61
C LEU B 714 -17.41 43.50 36.83
N ASN B 720 -12.07 39.06 43.85
CA ASN B 720 -11.03 38.04 43.70
C ASN B 720 -10.49 38.07 42.27
N PHE B 721 -11.31 38.57 41.35
CA PHE B 721 -10.98 38.60 39.92
C PHE B 721 -10.16 39.85 39.61
N THR B 722 -8.91 39.82 40.07
CA THR B 722 -8.00 40.96 39.92
C THR B 722 -7.63 41.14 38.46
N ALA B 723 -7.99 42.29 37.89
CA ALA B 723 -7.68 42.62 36.51
C ALA B 723 -6.81 43.89 36.48
N LEU B 724 -6.07 44.04 35.39
CA LEU B 724 -5.18 45.18 35.22
C LEU B 724 -5.79 46.18 34.24
N GLU B 725 -5.01 47.19 33.87
CA GLU B 725 -5.39 48.14 32.83
C GLU B 725 -4.61 47.79 31.58
N ALA B 726 -5.31 47.34 30.54
CA ALA B 726 -4.66 46.89 29.32
C ALA B 726 -3.99 48.06 28.62
N LYS B 727 -2.78 47.83 28.12
CA LYS B 727 -1.94 48.88 27.57
C LYS B 727 -2.00 48.90 26.05
N GLY B 728 -1.75 50.06 25.50
CA GLY B 728 -1.76 50.26 24.07
C GLY B 728 -3.03 50.95 23.60
N LYS B 729 -2.93 51.55 22.41
CA LYS B 729 -4.06 52.30 21.87
C LYS B 729 -5.27 51.42 21.64
N GLU B 730 -5.07 50.22 21.08
CA GLU B 730 -6.19 49.33 20.84
C GLU B 730 -6.84 48.90 22.14
N LEU B 731 -6.04 48.76 23.20
CA LEU B 731 -6.54 48.37 24.52
C LEU B 731 -6.64 49.64 25.36
N LYS B 732 -7.66 50.45 25.08
CA LYS B 732 -7.77 51.75 25.73
C LYS B 732 -8.65 51.69 26.99
N GLY B 733 -9.91 51.28 26.82
CA GLY B 733 -10.80 51.22 27.97
C GLY B 733 -10.95 49.83 28.54
N TYR B 734 -10.04 48.93 28.19
CA TYR B 734 -10.14 47.53 28.56
C TYR B 734 -9.35 47.23 29.82
N LYS B 735 -9.94 46.42 30.70
CA LYS B 735 -9.22 45.74 31.75
C LYS B 735 -8.56 44.49 31.17
N PHE B 736 -7.35 44.20 31.63
CA PHE B 736 -6.59 43.03 31.21
C PHE B 736 -6.47 42.06 32.37
N ARG B 737 -6.53 40.77 32.05
CA ARG B 737 -6.40 39.75 33.07
C ARG B 737 -5.85 38.49 32.41
N ILE B 738 -5.09 37.72 33.18
CA ILE B 738 -4.59 36.42 32.76
C ILE B 738 -5.19 35.39 33.71
N GLN B 739 -6.22 34.70 33.26
CA GLN B 739 -6.88 33.70 34.08
C GLN B 739 -6.21 32.35 33.89
N ILE B 740 -5.97 31.65 34.98
CA ILE B 740 -5.35 30.33 34.97
C ILE B 740 -6.46 29.30 35.08
N ASN B 741 -6.49 28.36 34.13
CA ASN B 741 -7.40 27.23 34.22
C ASN B 741 -6.76 26.20 35.14
N THR B 742 -7.10 26.29 36.43
CA THR B 742 -6.43 25.47 37.43
C THR B 742 -6.74 23.99 37.24
N LEU B 743 -7.98 23.65 36.88
CA LEU B 743 -8.35 22.25 36.70
C LEU B 743 -7.83 21.68 35.38
N ASP B 744 -7.83 22.47 34.30
CA ASP B 744 -7.34 22.03 33.01
C ASP B 744 -5.87 22.34 32.81
N CYS B 745 -5.10 22.43 33.88
CA CYS B 745 -3.67 22.64 33.78
C CYS B 745 -2.93 21.30 33.95
N MET B 746 -1.88 21.12 33.16
CA MET B 746 -1.06 19.93 33.29
C MET B 746 0.16 20.12 34.18
N GLY B 747 0.43 21.34 34.62
CA GLY B 747 1.58 21.60 35.46
C GLY B 747 2.93 21.40 34.80
N CYS B 748 3.08 21.85 33.55
CA CYS B 748 4.34 21.64 32.87
C CYS B 748 5.33 22.78 33.10
N GLY B 749 4.84 23.99 33.38
CA GLY B 749 5.71 25.11 33.64
C GLY B 749 6.31 25.78 32.44
N ASN B 750 5.78 25.52 31.23
CA ASN B 750 6.26 26.24 30.06
C ASN B 750 5.95 27.73 30.18
N CYS B 751 4.76 28.07 30.66
CA CYS B 751 4.36 29.47 30.77
C CYS B 751 5.24 30.23 31.76
N ALA B 752 5.38 29.69 32.98
CA ALA B 752 6.18 30.36 34.00
C ALA B 752 7.63 30.47 33.58
N ASP B 753 8.13 29.47 32.85
CA ASP B 753 9.51 29.51 32.38
C ASP B 753 9.68 30.48 31.22
N ILE B 754 8.60 30.83 30.53
CA ILE B 754 8.73 31.79 29.44
C ILE B 754 8.33 33.20 29.87
N CYS B 755 7.77 33.37 31.07
CA CYS B 755 7.27 34.66 31.53
C CYS B 755 8.42 35.67 31.62
N PRO B 756 8.31 36.82 30.95
CA PRO B 756 9.48 37.70 30.76
C PRO B 756 9.99 38.31 32.06
N PRO B 757 9.16 38.96 32.88
CA PRO B 757 9.71 39.74 34.00
C PRO B 757 10.55 38.89 34.94
N LYS B 758 11.70 39.45 35.34
CA LYS B 758 12.65 38.70 36.17
C LYS B 758 12.04 38.33 37.52
N GLU B 759 11.12 39.13 38.02
CA GLU B 759 10.22 38.70 39.08
C GLU B 759 8.98 38.12 38.43
N LYS B 760 8.83 36.79 38.52
CA LYS B 760 7.88 36.09 37.67
C LYS B 760 6.44 36.50 37.97
N ALA B 761 5.70 36.84 36.92
CA ALA B 761 4.27 37.06 37.01
C ALA B 761 3.50 35.75 37.14
N LEU B 762 4.17 34.62 36.93
CA LEU B 762 3.59 33.29 37.04
C LEU B 762 4.51 32.45 37.91
N VAL B 763 3.98 31.90 38.99
CA VAL B 763 4.74 31.13 39.97
C VAL B 763 4.01 29.82 40.23
N MET B 764 4.72 28.70 40.14
CA MET B 764 4.10 27.40 40.32
C MET B 764 3.83 27.14 41.79
N GLN B 765 2.57 26.91 42.13
CA GLN B 765 2.06 26.75 43.49
C GLN B 765 1.26 25.47 43.56
N PRO B 766 1.18 24.84 44.73
CA PRO B 766 0.39 23.60 44.84
C PRO B 766 -1.06 23.81 44.41
N LEU B 767 -1.62 22.77 43.79
CA LEU B 767 -3.00 22.85 43.29
C LEU B 767 -3.99 23.05 44.43
N ASP B 768 -3.81 22.32 45.53
CA ASP B 768 -4.80 22.38 46.61
C ASP B 768 -4.88 23.78 47.21
N THR B 769 -3.82 24.58 47.11
CA THR B 769 -3.83 25.93 47.63
C THR B 769 -4.20 26.98 46.59
N GLN B 770 -4.53 26.58 45.37
CA GLN B 770 -4.93 27.54 44.35
C GLN B 770 -6.17 27.16 43.56
N ARG B 771 -6.74 25.97 43.76
CA ARG B 771 -7.93 25.60 43.00
C ARG B 771 -9.19 26.26 43.54
N ASP B 772 -9.31 26.36 44.87
CA ASP B 772 -10.57 26.80 45.48
C ASP B 772 -10.89 28.25 45.14
N ALA B 773 -9.86 29.07 44.94
CA ALA B 773 -10.08 30.48 44.60
C ALA B 773 -10.00 30.75 43.10
N GLN B 774 -9.64 29.77 42.28
CA GLN B 774 -9.46 29.98 40.86
C GLN B 774 -10.48 29.26 39.99
N VAL B 775 -11.10 28.18 40.47
CA VAL B 775 -12.18 27.55 39.71
C VAL B 775 -13.34 28.51 39.48
N PRO B 776 -13.90 29.17 40.50
CA PRO B 776 -14.94 30.17 40.23
C PRO B 776 -14.48 31.32 39.36
N ASN B 777 -13.22 31.72 39.47
CA ASN B 777 -12.72 32.81 38.63
C ASN B 777 -12.78 32.43 37.15
N LEU B 778 -12.36 31.21 36.81
CA LEU B 778 -12.44 30.77 35.42
C LEU B 778 -13.88 30.56 34.99
N GLU B 779 -14.71 30.00 35.86
CA GLU B 779 -16.12 29.83 35.52
C GLU B 779 -16.76 31.18 35.18
N TYR B 780 -16.38 32.23 35.92
CA TYR B 780 -16.85 33.56 35.58
C TYR B 780 -16.24 34.06 34.28
N ALA B 781 -14.92 33.89 34.11
CA ALA B 781 -14.21 34.42 32.96
C ALA B 781 -14.62 33.78 31.65
N ALA B 782 -15.21 32.58 31.70
CA ALA B 782 -15.59 31.89 30.48
C ALA B 782 -16.66 32.64 29.70
N ARG B 783 -17.31 33.63 30.31
CA ARG B 783 -18.44 34.33 29.70
C ARG B 783 -18.08 35.73 29.21
N ILE B 784 -16.86 36.18 29.45
CA ILE B 784 -16.46 37.48 28.86
C ILE B 784 -16.31 37.30 27.35
N PRO B 785 -16.92 38.16 26.53
CA PRO B 785 -16.72 38.05 25.08
C PRO B 785 -15.25 38.18 24.73
N VAL B 786 -14.82 37.43 23.73
CA VAL B 786 -13.44 37.46 23.27
C VAL B 786 -13.29 38.60 22.27
N LYS B 787 -12.31 39.46 22.48
CA LYS B 787 -12.11 40.64 21.64
C LYS B 787 -11.14 40.28 20.52
N SER B 788 -11.69 39.97 19.35
CA SER B 788 -10.89 39.49 18.23
C SER B 788 -10.69 40.52 17.13
N GLU B 789 -11.35 41.68 17.20
CA GLU B 789 -11.20 42.71 16.17
C GLU B 789 -10.35 43.89 16.60
N VAL B 790 -9.93 43.96 17.87
CA VAL B 790 -9.13 45.08 18.32
C VAL B 790 -7.76 45.07 17.66
N LEU B 791 -7.16 43.89 17.52
CA LEU B 791 -5.81 43.71 17.03
C LEU B 791 -5.80 42.65 15.94
N PRO B 792 -4.87 42.75 15.00
CA PRO B 792 -4.78 41.73 13.95
C PRO B 792 -4.44 40.36 14.53
N ARG B 793 -4.91 39.32 13.84
CA ARG B 793 -4.60 37.95 14.23
C ARG B 793 -3.20 37.51 13.80
N ASP B 794 -2.55 38.25 12.90
CA ASP B 794 -1.20 37.91 12.53
C ASP B 794 -0.20 38.22 13.64
N SER B 795 -0.53 39.16 14.52
CA SER B 795 0.35 39.58 15.61
C SER B 795 0.22 38.63 16.80
N LEU B 796 1.27 38.60 17.61
CA LEU B 796 1.33 37.66 18.73
C LEU B 796 0.21 37.93 19.74
N LYS B 797 0.16 39.15 20.27
CA LYS B 797 -0.85 39.52 21.25
C LYS B 797 -2.26 39.44 20.66
N GLY B 798 -2.43 39.95 19.45
CA GLY B 798 -3.73 39.89 18.81
C GLY B 798 -4.18 38.48 18.52
N SER B 799 -3.26 37.63 18.05
CA SER B 799 -3.58 36.22 17.83
C SER B 799 -4.03 35.56 19.12
N GLN B 800 -3.37 35.88 20.23
CA GLN B 800 -3.83 35.30 21.49
C GLN B 800 -5.11 35.94 21.99
N PHE B 801 -5.52 37.06 21.42
CA PHE B 801 -6.83 37.63 21.73
C PHE B 801 -7.94 37.02 20.88
N GLN B 802 -7.73 35.82 20.34
CA GLN B 802 -8.73 35.10 19.59
C GLN B 802 -8.94 33.73 20.22
N GLU B 803 -10.16 33.23 20.10
CA GLU B 803 -10.55 32.01 20.78
C GLU B 803 -9.76 30.83 20.22
N PRO B 804 -9.21 29.97 21.08
CA PRO B 804 -8.49 28.78 20.60
C PRO B 804 -9.48 27.65 20.35
N LEU B 805 -9.40 27.05 19.17
CA LEU B 805 -10.35 26.02 18.79
C LEU B 805 -9.82 24.61 19.05
N MET B 806 -8.62 24.48 19.61
CA MET B 806 -8.06 23.20 20.01
C MET B 806 -7.62 23.32 21.46
N GLU B 807 -8.46 22.87 22.39
CA GLU B 807 -8.29 23.11 23.81
C GLU B 807 -8.36 21.81 24.59
N PHE B 808 -7.44 21.67 25.54
CA PHE B 808 -7.43 20.57 26.51
C PHE B 808 -7.19 19.22 25.85
N SER B 809 -6.10 19.10 25.08
CA SER B 809 -5.76 17.83 24.46
C SER B 809 -5.50 16.76 25.52
N GLY B 810 -5.30 15.54 25.05
CA GLY B 810 -4.80 14.45 25.84
C GLY B 810 -3.30 14.29 25.73
N ALA B 811 -2.61 15.29 25.20
CA ALA B 811 -1.18 15.24 24.98
C ALA B 811 -0.43 15.11 26.30
N CYS B 812 0.84 14.77 26.20
CA CYS B 812 1.70 14.72 27.37
C CYS B 812 1.92 16.12 27.91
N SER B 813 2.01 16.24 29.24
CA SER B 813 2.26 17.52 29.88
C SER B 813 3.51 18.17 29.29
N GLY B 814 3.34 19.29 28.60
CA GLY B 814 4.45 19.93 27.95
C GLY B 814 4.71 19.49 26.53
N CYS B 815 3.74 18.86 25.88
CA CYS B 815 3.94 18.39 24.52
C CYS B 815 4.25 19.55 23.59
N GLY B 816 5.26 19.35 22.75
CA GLY B 816 5.68 20.40 21.85
C GLY B 816 4.89 20.50 20.58
N GLU B 817 3.79 19.75 20.45
CA GLU B 817 2.98 19.74 19.25
C GLU B 817 1.69 20.54 19.38
N THR B 818 1.03 20.45 20.55
CA THR B 818 -0.24 21.12 20.75
C THR B 818 -0.21 22.65 20.65
N PRO B 819 0.79 23.37 21.16
CA PRO B 819 0.76 24.83 20.99
C PRO B 819 0.74 25.29 19.55
N TYR B 820 1.46 24.60 18.66
CA TYR B 820 1.49 24.96 17.25
C TYR B 820 0.11 24.82 16.61
N VAL B 821 -0.54 23.67 16.82
CA VAL B 821 -1.86 23.47 16.23
C VAL B 821 -2.87 24.40 16.85
N ARG B 822 -2.73 24.72 18.14
CA ARG B 822 -3.62 25.68 18.76
C ARG B 822 -3.48 27.06 18.13
N VAL B 823 -2.25 27.50 17.87
CA VAL B 823 -2.05 28.79 17.21
C VAL B 823 -2.61 28.76 15.79
N ILE B 824 -2.42 27.64 15.08
CA ILE B 824 -2.96 27.53 13.73
C ILE B 824 -4.47 27.66 13.75
N THR B 825 -5.14 27.01 14.70
CA THR B 825 -6.59 27.13 14.79
C THR B 825 -7.00 28.52 15.27
N GLN B 826 -6.17 29.18 16.06
CA GLN B 826 -6.47 30.55 16.47
C GLN B 826 -6.40 31.51 15.29
N LEU B 827 -5.60 31.17 14.28
CA LEU B 827 -5.58 32.00 13.08
C LEU B 827 -6.62 31.59 12.04
N PHE B 828 -6.94 30.29 11.92
CA PHE B 828 -7.72 29.80 10.77
C PHE B 828 -8.87 28.88 11.17
N GLY B 829 -9.13 28.71 12.46
CA GLY B 829 -10.01 27.64 12.88
C GLY B 829 -11.42 27.74 12.31
N GLU B 830 -11.83 28.95 11.89
CA GLU B 830 -13.20 29.15 11.44
C GLU B 830 -13.46 28.47 10.09
N ARG B 831 -12.52 28.58 9.14
CA ARG B 831 -12.66 27.95 7.83
C ARG B 831 -11.45 27.05 7.58
N MET B 832 -11.52 25.83 8.09
CA MET B 832 -10.38 24.93 8.07
C MET B 832 -10.84 23.50 7.86
N PHE B 833 -10.13 22.79 6.99
CA PHE B 833 -10.19 21.34 6.89
C PHE B 833 -8.86 20.81 7.41
N ILE B 834 -8.92 19.82 8.28
CA ILE B 834 -7.71 19.17 8.78
C ILE B 834 -7.70 17.72 8.31
N ALA B 835 -6.64 17.37 7.60
CA ALA B 835 -6.33 15.98 7.28
C ALA B 835 -5.20 15.58 8.23
N ASN B 836 -5.55 14.81 9.26
CA ASN B 836 -4.60 14.47 10.30
C ASN B 836 -4.06 13.07 10.05
N ALA B 837 -2.75 12.97 9.84
CA ALA B 837 -2.12 11.67 9.69
C ALA B 837 -2.18 10.91 11.02
N THR B 838 -1.64 9.71 11.01
CA THR B 838 -1.62 8.95 12.24
C THR B 838 -0.30 9.18 12.97
N GLY B 839 -0.40 9.34 14.28
CA GLY B 839 0.69 9.82 15.09
C GLY B 839 0.12 10.25 16.42
N CYS B 840 0.89 11.09 17.12
CA CYS B 840 0.36 11.67 18.34
C CYS B 840 -0.73 12.68 18.04
N SER B 841 -0.60 13.39 16.91
CA SER B 841 -1.59 14.38 16.52
C SER B 841 -3.00 13.80 16.55
N SER B 842 -3.16 12.59 16.03
CA SER B 842 -4.48 11.97 16.01
C SER B 842 -4.85 11.34 17.34
N ILE B 843 -3.87 10.93 18.15
CA ILE B 843 -4.18 10.29 19.42
C ILE B 843 -4.70 11.32 20.42
N TRP B 844 -4.07 12.49 20.50
CA TRP B 844 -4.61 13.55 21.34
C TRP B 844 -5.68 14.37 20.66
N GLY B 845 -5.67 14.49 19.33
CA GLY B 845 -6.69 15.25 18.64
C GLY B 845 -8.05 14.58 18.60
N ALA B 846 -8.08 13.25 18.71
CA ALA B 846 -9.35 12.54 18.87
C ALA B 846 -9.06 11.16 19.47
N SER B 847 -9.27 11.03 20.76
CA SER B 847 -9.35 9.73 21.41
C SER B 847 -10.70 9.70 22.10
N ALA B 848 -11.57 8.81 21.67
CA ALA B 848 -12.93 8.82 22.17
C ALA B 848 -12.94 8.69 23.69
N PRO B 849 -13.79 9.43 24.40
CA PRO B 849 -14.82 10.31 23.84
C PRO B 849 -14.40 11.78 23.83
N SER B 850 -13.12 12.03 24.08
CA SER B 850 -12.61 13.37 24.33
C SER B 850 -12.12 13.99 23.03
N MET B 851 -12.70 15.12 22.65
CA MET B 851 -12.32 15.82 21.42
C MET B 851 -11.85 17.21 21.76
N PRO B 852 -10.54 17.47 21.74
CA PRO B 852 -10.07 18.83 22.07
C PRO B 852 -10.63 19.91 21.18
N TYR B 853 -10.82 19.61 19.90
CA TYR B 853 -11.34 20.61 18.96
C TYR B 853 -12.75 21.01 19.35
N LYS B 854 -13.06 22.30 19.18
CA LYS B 854 -14.31 22.88 19.62
C LYS B 854 -14.78 23.91 18.61
N THR B 855 -16.04 24.28 18.74
CA THR B 855 -16.66 25.25 17.84
C THR B 855 -16.65 26.64 18.47
N ASN B 856 -16.48 27.66 17.63
CA ASN B 856 -16.42 29.02 18.15
C ASN B 856 -17.84 29.51 18.44
N ARG B 857 -17.98 30.80 18.70
CA ARG B 857 -19.30 31.34 19.07
C ARG B 857 -20.28 31.22 17.91
N LEU B 858 -19.81 31.45 16.68
CA LEU B 858 -20.65 31.23 15.51
C LEU B 858 -20.82 29.75 15.18
N GLY B 859 -20.06 28.88 15.85
CA GLY B 859 -20.17 27.44 15.62
C GLY B 859 -19.31 26.90 14.50
N GLN B 860 -18.36 27.68 13.99
CA GLN B 860 -17.55 27.28 12.85
C GLN B 860 -16.20 26.77 13.34
N GLY B 861 -16.17 25.52 13.77
CA GLY B 861 -14.94 24.90 14.23
C GLY B 861 -14.12 24.34 13.08
N PRO B 862 -13.03 23.66 13.40
CA PRO B 862 -12.23 23.00 12.36
C PRO B 862 -12.85 21.67 11.94
N ALA B 863 -12.87 21.44 10.62
CA ALA B 863 -13.41 20.21 10.05
C ALA B 863 -12.32 19.16 10.03
N TRP B 864 -12.26 18.36 11.09
CA TRP B 864 -11.12 17.49 11.36
C TRP B 864 -11.41 16.06 10.92
N GLY B 865 -10.45 15.46 10.23
CA GLY B 865 -10.57 14.07 9.87
C GLY B 865 -9.24 13.34 9.75
N ASN B 866 -9.20 12.10 10.24
CA ASN B 866 -8.04 11.24 10.15
C ASN B 866 -8.34 10.08 9.20
N SER B 867 -7.55 9.92 8.14
CA SER B 867 -7.80 8.84 7.19
C SER B 867 -6.99 7.59 7.50
N LEU B 868 -5.67 7.68 7.39
CA LEU B 868 -4.77 6.59 7.70
C LEU B 868 -3.42 7.21 8.02
N PHE B 869 -2.42 6.37 8.25
CA PHE B 869 -1.08 6.90 8.46
C PHE B 869 -0.44 7.37 7.15
N GLU B 870 -0.57 6.59 6.08
CA GLU B 870 0.15 6.84 4.84
C GLU B 870 -0.58 7.75 3.86
N ASP B 871 -1.87 8.05 4.08
CA ASP B 871 -2.66 8.74 3.06
C ASP B 871 -3.33 10.01 3.58
N ALA B 872 -2.81 10.63 4.65
CA ALA B 872 -3.36 11.91 5.05
C ALA B 872 -3.23 12.94 3.95
N ALA B 873 -2.11 12.92 3.23
CA ALA B 873 -1.88 13.91 2.20
C ALA B 873 -2.89 13.77 1.06
N GLU B 874 -3.16 12.55 0.63
CA GLU B 874 -4.11 12.34 -0.45
C GLU B 874 -5.53 12.66 0.01
N TYR B 875 -5.81 12.43 1.29
CA TYR B 875 -7.10 12.80 1.88
C TYR B 875 -7.30 14.32 1.82
N GLY B 876 -6.29 15.08 2.24
CA GLY B 876 -6.38 16.52 2.16
C GLY B 876 -6.46 17.03 0.73
N PHE B 877 -5.70 16.41 -0.17
CA PHE B 877 -5.78 16.78 -1.59
C PHE B 877 -7.17 16.51 -2.16
N GLY B 878 -7.77 15.39 -1.77
CA GLY B 878 -9.12 15.11 -2.20
C GLY B 878 -10.11 16.13 -1.67
N MET B 879 -9.93 16.54 -0.41
CA MET B 879 -10.71 17.66 0.12
C MET B 879 -10.57 18.87 -0.78
N ASN B 880 -9.33 19.18 -1.17
CA ASN B 880 -9.09 20.32 -2.04
C ASN B 880 -9.85 20.19 -3.34
N MET B 881 -9.84 19.01 -3.95
CA MET B 881 -10.54 18.78 -5.22
C MET B 881 -12.05 18.93 -5.04
N SER B 882 -12.60 18.36 -3.98
CA SER B 882 -14.04 18.47 -3.73
C SER B 882 -14.46 19.92 -3.55
N MET B 883 -13.71 20.68 -2.75
CA MET B 883 -14.01 22.09 -2.56
C MET B 883 -13.87 22.86 -3.86
N PHE B 884 -12.82 22.58 -4.64
CA PHE B 884 -12.64 23.25 -5.93
C PHE B 884 -13.82 22.99 -6.83
N ALA B 885 -14.26 21.73 -6.94
CA ALA B 885 -15.36 21.39 -7.82
C ALA B 885 -16.66 22.05 -7.38
N ARG B 886 -16.97 21.98 -6.09
CA ARG B 886 -18.25 22.53 -5.62
C ARG B 886 -18.27 24.04 -5.71
N ARG B 887 -17.15 24.72 -5.44
CA ARG B 887 -17.13 26.16 -5.59
C ARG B 887 -17.11 26.60 -7.06
N THR B 888 -16.53 25.80 -7.97
CA THR B 888 -16.70 26.11 -9.38
C THR B 888 -18.15 25.94 -9.83
N HIS B 889 -18.82 24.90 -9.33
CA HIS B 889 -20.24 24.73 -9.61
C HIS B 889 -21.05 25.91 -9.09
N LEU B 890 -20.69 26.40 -7.91
CA LEU B 890 -21.30 27.60 -7.35
C LEU B 890 -21.03 28.83 -8.22
N ALA B 891 -19.82 28.94 -8.75
CA ALA B 891 -19.48 30.06 -9.61
C ALA B 891 -20.31 30.01 -10.90
N ASP B 892 -20.49 28.81 -11.45
CA ASP B 892 -21.30 28.68 -12.65
C ASP B 892 -22.76 29.00 -12.38
N LEU B 893 -23.28 28.56 -11.24
CA LEU B 893 -24.63 28.94 -10.85
C LEU B 893 -24.78 30.45 -10.69
N ALA B 894 -23.81 31.10 -10.04
CA ALA B 894 -23.88 32.54 -9.85
C ALA B 894 -23.81 33.27 -11.19
N ALA B 895 -22.94 32.83 -12.09
CA ALA B 895 -22.86 33.44 -13.42
C ALA B 895 -24.17 33.24 -14.17
N LYS B 896 -24.86 32.14 -13.94
CA LYS B 896 -26.18 31.96 -14.55
C LYS B 896 -27.22 32.85 -13.89
N ALA B 897 -27.05 33.13 -12.59
CA ALA B 897 -28.01 33.97 -11.89
C ALA B 897 -27.80 35.45 -12.13
N LEU B 898 -26.68 35.86 -12.71
CA LEU B 898 -26.50 37.26 -13.03
C LEU B 898 -27.49 37.74 -14.08
N GLU B 899 -27.96 36.85 -14.94
CA GLU B 899 -28.82 37.22 -16.03
C GLU B 899 -30.30 37.06 -15.67
N SER B 903 -32.76 40.64 -8.41
CA SER B 903 -32.73 42.05 -8.05
C SER B 903 -31.31 42.59 -8.11
N GLY B 904 -31.18 43.90 -8.28
CA GLY B 904 -29.87 44.50 -8.49
C GLY B 904 -28.91 44.29 -7.33
N ASP B 905 -29.43 44.34 -6.11
CA ASP B 905 -28.59 44.08 -4.94
C ASP B 905 -28.02 42.67 -4.96
N VAL B 906 -28.84 41.68 -5.32
CA VAL B 906 -28.35 40.32 -5.45
C VAL B 906 -27.31 40.23 -6.56
N LYS B 907 -27.52 40.95 -7.66
CA LYS B 907 -26.53 40.96 -8.73
C LYS B 907 -25.20 41.52 -8.24
N GLU B 908 -25.24 42.60 -7.47
CA GLU B 908 -24.01 43.19 -6.94
C GLU B 908 -23.33 42.25 -5.96
N ALA B 909 -24.11 41.62 -5.08
CA ALA B 909 -23.53 40.65 -4.15
C ALA B 909 -22.89 39.49 -4.89
N LEU B 910 -23.56 38.96 -5.92
CA LEU B 910 -23.04 37.81 -6.64
C LEU B 910 -21.80 38.18 -7.43
N GLN B 911 -21.78 39.33 -8.08
CA GLN B 911 -20.58 39.76 -8.80
C GLN B 911 -19.42 40.00 -7.84
N GLY B 912 -19.70 40.61 -6.69
CA GLY B 912 -18.65 40.85 -5.72
C GLY B 912 -18.07 39.57 -5.16
N TRP B 913 -18.92 38.57 -4.91
CA TRP B 913 -18.40 37.29 -4.47
C TRP B 913 -17.62 36.60 -5.58
N LEU B 914 -18.14 36.61 -6.80
CA LEU B 914 -17.49 35.92 -7.90
C LEU B 914 -16.10 36.49 -8.17
N ALA B 915 -15.98 37.82 -8.17
CA ALA B 915 -14.66 38.43 -8.39
C ALA B 915 -13.69 38.08 -7.26
N GLY B 916 -14.16 38.11 -6.02
CA GLY B 916 -13.28 37.93 -4.90
C GLY B 916 -13.48 36.66 -4.10
N LYS B 917 -13.84 35.57 -4.78
CA LYS B 917 -14.00 34.28 -4.12
C LYS B 917 -12.66 33.66 -3.76
N ASN B 918 -11.57 34.11 -4.36
CA ASN B 918 -10.23 33.62 -4.02
C ASN B 918 -9.67 34.31 -2.79
N ASP B 919 -10.26 35.41 -2.35
CA ASP B 919 -9.84 36.08 -1.12
C ASP B 919 -10.75 35.65 0.01
N PRO B 920 -10.21 35.10 1.11
CA PRO B 920 -11.10 34.69 2.22
C PRO B 920 -11.87 35.85 2.82
N ILE B 921 -11.30 37.04 2.87
CA ILE B 921 -11.97 38.17 3.51
C ILE B 921 -13.14 38.67 2.65
N LYS B 922 -12.88 38.92 1.36
CA LYS B 922 -13.95 39.38 0.49
C LYS B 922 -15.01 38.30 0.31
N SER B 923 -14.58 37.04 0.19
CA SER B 923 -15.53 35.95 0.06
C SER B 923 -16.39 35.85 1.31
N LYS B 924 -15.79 36.02 2.48
CA LYS B 924 -16.59 36.00 3.70
C LYS B 924 -17.61 37.14 3.72
N GLU B 925 -17.17 38.34 3.33
CA GLU B 925 -18.07 39.49 3.35
C GLU B 925 -19.26 39.28 2.43
N TYR B 926 -18.98 38.94 1.17
CA TYR B 926 -20.07 38.77 0.21
C TYR B 926 -20.83 37.47 0.39
N GLY B 927 -20.26 36.47 1.05
CA GLY B 927 -21.04 35.31 1.44
C GLY B 927 -22.03 35.66 2.53
N ASP B 928 -21.64 36.52 3.47
CA ASP B 928 -22.60 37.02 4.45
C ASP B 928 -23.69 37.83 3.76
N LYS B 929 -23.30 38.68 2.80
CA LYS B 929 -24.29 39.42 2.03
C LYS B 929 -25.28 38.48 1.35
N LEU B 930 -24.78 37.43 0.68
CA LEU B 930 -25.63 36.50 -0.03
C LEU B 930 -26.52 35.71 0.92
N LYS B 931 -25.98 35.32 2.07
CA LYS B 931 -26.78 34.60 3.05
C LYS B 931 -27.85 35.50 3.67
N LYS B 932 -27.62 36.81 3.68
CA LYS B 932 -28.70 37.71 4.10
C LYS B 932 -29.76 37.85 3.01
N LEU B 933 -29.33 38.02 1.75
CA LEU B 933 -30.29 38.28 0.68
C LEU B 933 -31.12 37.05 0.35
N LEU B 934 -30.50 35.87 0.37
CA LEU B 934 -31.12 34.64 -0.11
C LEU B 934 -31.68 33.78 1.01
N ALA B 935 -32.23 34.41 2.05
CA ALA B 935 -32.84 33.64 3.13
C ALA B 935 -34.15 33.02 2.67
N GLY B 936 -34.29 31.71 2.90
CA GLY B 936 -35.50 31.01 2.52
C GLY B 936 -35.69 30.81 1.03
N GLN B 937 -34.73 31.23 0.22
CA GLN B 937 -34.83 31.09 -1.23
C GLN B 937 -34.61 29.64 -1.59
N LYS B 938 -35.67 28.95 -2.02
CA LYS B 938 -35.61 27.52 -2.26
C LYS B 938 -36.10 27.16 -3.66
N ASP B 939 -36.09 28.13 -4.58
CA ASP B 939 -36.59 27.93 -5.93
C ASP B 939 -35.61 28.49 -6.96
N GLY B 940 -35.43 27.74 -8.05
CA GLY B 940 -34.66 28.19 -9.20
C GLY B 940 -33.16 28.20 -8.97
N LEU B 941 -32.48 28.99 -9.81
CA LEU B 941 -31.04 29.20 -9.64
C LEU B 941 -30.76 29.85 -8.30
N LEU B 942 -31.62 30.77 -7.86
CA LEU B 942 -31.42 31.42 -6.57
C LEU B 942 -31.57 30.43 -5.42
N GLY B 943 -32.57 29.56 -5.49
CA GLY B 943 -32.70 28.53 -4.48
C GLY B 943 -31.51 27.59 -4.45
N GLN B 944 -31.01 27.23 -5.63
CA GLN B 944 -29.82 26.38 -5.70
C GLN B 944 -28.61 27.07 -5.09
N ILE B 945 -28.42 28.36 -5.42
CA ILE B 945 -27.28 29.11 -4.90
C ILE B 945 -27.37 29.26 -3.39
N ALA B 946 -28.57 29.48 -2.87
CA ALA B 946 -28.75 29.58 -1.43
C ALA B 946 -28.62 28.21 -0.75
N ALA B 947 -28.80 27.13 -1.51
CA ALA B 947 -28.73 25.80 -0.92
C ALA B 947 -27.35 25.51 -0.34
N MET B 948 -26.30 25.82 -1.09
CA MET B 948 -24.93 25.60 -0.64
C MET B 948 -24.34 26.89 -0.09
N SER B 949 -24.83 27.26 1.10
CA SER B 949 -24.32 28.44 1.79
C SER B 949 -23.02 28.16 2.52
N ASP B 950 -22.61 26.91 2.63
CA ASP B 950 -21.36 26.56 3.29
C ASP B 950 -20.16 26.63 2.36
N LEU B 951 -20.36 26.99 1.09
CA LEU B 951 -19.27 27.11 0.14
C LEU B 951 -18.94 28.55 -0.19
N TYR B 952 -19.47 29.52 0.56
CA TYR B 952 -19.25 30.92 0.22
C TYR B 952 -17.83 31.34 0.52
N THR B 953 -17.44 31.30 1.80
CA THR B 953 -16.11 31.73 2.20
C THR B 953 -15.08 30.68 1.81
N LYS B 954 -13.97 31.14 1.27
CA LYS B 954 -12.92 30.22 0.82
C LYS B 954 -12.37 29.45 2.01
N LYS B 955 -12.15 28.16 1.80
CA LYS B 955 -11.76 27.25 2.88
C LYS B 955 -10.27 26.98 2.83
N SER B 956 -9.71 26.65 4.00
CA SER B 956 -8.29 26.36 4.15
C SER B 956 -8.15 24.91 4.57
N VAL B 957 -7.77 24.04 3.64
CA VAL B 957 -7.52 22.63 3.93
C VAL B 957 -6.10 22.50 4.45
N TRP B 958 -5.95 21.89 5.62
CA TRP B 958 -4.65 21.71 6.26
C TRP B 958 -4.38 20.23 6.44
N ILE B 959 -3.10 19.87 6.37
CA ILE B 959 -2.65 18.50 6.57
C ILE B 959 -1.70 18.50 7.76
N PHE B 960 -2.10 17.81 8.83
CA PHE B 960 -1.33 17.75 10.07
C PHE B 960 -0.79 16.34 10.28
N GLY B 961 0.51 16.23 10.39
CA GLY B 961 1.09 14.93 10.70
C GLY B 961 2.51 15.12 11.19
N GLY B 962 3.06 14.03 11.70
CA GLY B 962 4.34 14.08 12.37
C GLY B 962 5.52 13.87 11.44
N ASP B 963 6.62 13.44 12.06
CA ASP B 963 7.84 13.12 11.33
C ASP B 963 7.70 11.80 10.58
N GLY B 964 7.04 10.81 11.16
CA GLY B 964 6.89 9.54 10.49
C GLY B 964 6.07 9.65 9.22
N TRP B 965 4.95 10.36 9.28
CA TRP B 965 4.11 10.51 8.11
C TRP B 965 4.81 11.31 7.03
N ALA B 966 5.30 12.49 7.38
CA ALA B 966 5.91 13.36 6.38
C ALA B 966 7.22 12.79 5.86
N TYR B 967 7.85 11.92 6.62
CA TYR B 967 9.22 11.50 6.38
C TYR B 967 9.33 10.08 5.87
N ASP B 968 8.51 9.15 6.35
CA ASP B 968 8.72 7.74 6.06
C ASP B 968 7.61 7.13 5.20
N ILE B 969 6.38 7.13 5.67
CA ILE B 969 5.37 6.27 5.06
C ILE B 969 4.41 7.04 4.18
N GLY B 970 3.90 8.18 4.64
CA GLY B 970 3.01 8.98 3.84
C GLY B 970 3.79 9.94 2.97
N TYR B 971 5.08 9.67 2.83
CA TYR B 971 5.97 10.60 2.13
C TYR B 971 5.62 10.73 0.66
N GLY B 972 5.32 9.64 -0.03
CA GLY B 972 5.03 9.72 -1.45
C GLY B 972 3.76 10.52 -1.74
N GLY B 973 2.70 10.27 -0.96
CA GLY B 973 1.49 11.05 -1.12
C GLY B 973 1.69 12.51 -0.79
N LEU B 974 2.46 12.81 0.25
CA LEU B 974 2.78 14.19 0.56
C LEU B 974 3.53 14.85 -0.58
N ASP B 975 4.52 14.16 -1.13
CA ASP B 975 5.31 14.71 -2.23
C ASP B 975 4.44 14.96 -3.44
N HIS B 976 3.51 14.04 -3.73
CA HIS B 976 2.68 14.24 -4.92
C HIS B 976 1.73 15.40 -4.72
N VAL B 977 1.04 15.45 -3.59
CA VAL B 977 0.09 16.53 -3.36
C VAL B 977 0.81 17.85 -3.29
N LEU B 978 2.06 17.85 -2.84
CA LEU B 978 2.86 19.05 -2.67
C LEU B 978 3.68 19.39 -3.91
N ALA B 979 3.58 18.59 -4.96
CA ALA B 979 4.11 18.92 -6.26
C ALA B 979 3.02 19.11 -7.30
N SER B 980 1.76 18.86 -6.95
CA SER B 980 0.66 18.99 -7.89
C SER B 980 0.41 20.44 -8.28
N GLY B 981 0.62 21.37 -7.36
CA GLY B 981 0.35 22.76 -7.61
C GLY B 981 -0.98 23.28 -7.10
N GLU B 982 -1.73 22.47 -6.37
CA GLU B 982 -3.00 22.93 -5.83
C GLU B 982 -2.81 23.48 -4.43
N ASP B 983 -3.69 24.42 -4.08
CA ASP B 983 -3.55 25.23 -2.86
C ASP B 983 -3.84 24.37 -1.64
N VAL B 984 -2.81 23.65 -1.19
CA VAL B 984 -2.89 22.86 0.02
C VAL B 984 -1.69 23.21 0.90
N ASN B 985 -1.88 23.12 2.20
CA ASN B 985 -0.87 23.52 3.18
C ASN B 985 -0.65 22.37 4.15
N VAL B 986 0.61 21.97 4.31
CA VAL B 986 0.97 20.84 5.15
C VAL B 986 1.87 21.32 6.27
N PHE B 987 1.53 20.98 7.50
CA PHE B 987 2.25 21.39 8.68
C PHE B 987 2.86 20.16 9.33
N VAL B 988 4.19 20.15 9.48
CA VAL B 988 4.91 19.00 9.99
C VAL B 988 5.28 19.25 11.44
N MET B 989 4.80 18.37 12.33
CA MET B 989 5.17 18.38 13.74
C MET B 989 6.35 17.42 13.89
N ASP B 990 7.52 17.86 13.47
CA ASP B 990 8.72 17.03 13.43
C ASP B 990 9.27 16.84 14.83
N THR B 991 8.89 15.74 15.48
CA THR B 991 9.45 15.35 16.77
C THR B 991 10.71 14.51 16.65
N GLU B 992 11.23 14.34 15.44
CA GLU B 992 12.43 13.57 15.13
C GLU B 992 12.33 12.11 15.54
N VAL B 993 11.12 11.59 15.77
CA VAL B 993 10.96 10.23 16.26
C VAL B 993 9.51 9.82 16.03
N TYR B 994 9.26 8.51 16.03
CA TYR B 994 7.89 7.99 16.03
C TYR B 994 7.36 8.11 17.46
N SER B 995 6.98 9.34 17.83
CA SER B 995 6.62 9.60 19.21
C SER B 995 5.45 8.74 19.65
N ASN B 996 4.43 8.61 18.78
CA ASN B 996 3.22 7.91 19.17
C ASN B 996 3.51 6.45 19.49
N THR B 997 4.24 5.77 18.63
CA THR B 997 4.57 4.36 18.81
C THR B 997 5.94 4.28 19.44
N GLY B 998 5.99 4.26 20.77
CA GLY B 998 7.17 3.90 21.51
C GLY B 998 8.49 4.60 21.19
N GLY B 999 8.46 5.62 20.34
CA GLY B 999 9.68 6.31 19.98
C GLY B 999 10.67 5.49 19.18
N GLN B 1000 10.27 4.98 18.03
CA GLN B 1000 11.19 4.25 17.18
C GLN B 1000 11.90 5.20 16.23
N SER B 1001 12.99 4.72 15.64
CA SER B 1001 13.77 5.56 14.74
C SER B 1001 12.92 5.99 13.56
N SER B 1002 13.15 7.21 13.11
CA SER B 1002 12.54 7.77 11.92
C SER B 1002 13.65 8.08 10.94
N LYS B 1003 13.31 8.78 9.87
CA LYS B 1003 14.36 9.41 9.08
C LYS B 1003 14.60 10.83 9.54
N ALA B 1004 13.67 11.38 10.32
CA ALA B 1004 13.91 12.67 10.98
C ALA B 1004 14.85 12.49 12.16
N THR B 1005 14.87 11.30 12.77
CA THR B 1005 15.82 10.97 13.80
C THR B 1005 17.23 11.31 13.32
N PRO B 1006 17.93 12.22 13.97
CA PRO B 1006 19.18 12.75 13.42
C PRO B 1006 20.37 11.86 13.76
N THR B 1007 21.52 12.23 13.20
CA THR B 1007 22.75 11.47 13.41
C THR B 1007 23.07 11.37 14.89
N GLY B 1008 23.54 10.20 15.30
CA GLY B 1008 23.97 10.03 16.66
C GLY B 1008 22.88 10.05 17.70
N ALA B 1009 21.64 9.81 17.30
CA ALA B 1009 20.52 9.77 18.23
C ALA B 1009 20.21 8.32 18.60
N VAL B 1010 19.90 8.10 19.88
CA VAL B 1010 19.50 6.79 20.35
C VAL B 1010 17.98 6.72 20.37
N ALA B 1011 17.44 5.72 19.69
CA ALA B 1011 16.01 5.46 19.64
C ALA B 1011 15.83 3.95 19.62
N LYS B 1012 14.63 3.50 19.27
CA LYS B 1012 14.45 2.10 18.95
C LYS B 1012 14.91 1.85 17.52
N PHE B 1013 15.60 0.73 17.32
CA PHE B 1013 16.28 0.40 16.06
C PHE B 1013 17.42 1.35 15.77
N ALA B 1014 17.88 2.10 16.79
CA ALA B 1014 19.12 2.85 16.74
C ALA B 1014 19.84 2.76 18.09
N ALA B 1015 19.88 1.56 18.67
CA ALA B 1015 20.33 1.41 20.05
C ALA B 1015 21.79 1.82 20.23
N ALA B 1016 22.57 1.78 19.16
CA ALA B 1016 23.97 2.20 19.24
C ALA B 1016 24.17 3.64 18.76
N GLY B 1017 23.10 4.37 18.47
CA GLY B 1017 23.22 5.69 17.88
C GLY B 1017 22.99 5.66 16.40
N LYS B 1018 22.01 6.41 15.91
CA LYS B 1018 21.67 6.38 14.50
C LYS B 1018 22.81 6.94 13.66
N ARG B 1019 23.10 6.27 12.56
CA ARG B 1019 24.25 6.63 11.73
C ARG B 1019 23.88 7.42 10.48
N THR B 1020 22.62 7.41 10.07
CA THR B 1020 22.17 8.23 8.95
C THR B 1020 21.53 9.51 9.48
N GLY B 1021 21.68 10.58 8.71
CA GLY B 1021 21.25 11.89 9.17
C GLY B 1021 19.77 12.12 9.05
N LYS B 1022 19.36 13.30 9.48
CA LYS B 1022 17.97 13.71 9.36
C LYS B 1022 17.57 13.75 7.88
N LYS B 1023 16.35 13.31 7.60
CA LYS B 1023 15.83 13.33 6.25
C LYS B 1023 15.53 14.77 5.85
N ASP B 1024 16.29 15.29 4.88
CA ASP B 1024 16.22 16.70 4.51
C ASP B 1024 14.94 16.98 3.73
N LEU B 1025 13.81 16.83 4.43
CA LEU B 1025 12.50 16.94 3.80
C LEU B 1025 12.27 18.35 3.24
N ALA B 1026 12.63 19.39 4.01
CA ALA B 1026 12.45 20.75 3.53
C ALA B 1026 13.27 21.01 2.28
N ARG B 1027 14.54 20.59 2.29
CA ARG B 1027 15.38 20.80 1.12
C ARG B 1027 14.96 19.92 -0.05
N MET B 1028 14.34 18.76 0.22
CA MET B 1028 13.78 17.97 -0.86
C MET B 1028 12.64 18.72 -1.54
N VAL B 1029 11.70 19.26 -0.76
CA VAL B 1029 10.54 19.92 -1.33
C VAL B 1029 10.95 21.22 -2.01
N MET B 1030 11.95 21.93 -1.47
CA MET B 1030 12.37 23.20 -2.03
C MET B 1030 12.92 23.08 -3.45
N THR B 1031 13.31 21.88 -3.88
CA THR B 1031 13.77 21.68 -5.24
C THR B 1031 12.69 21.93 -6.28
N TYR B 1032 11.42 21.92 -5.87
CA TYR B 1032 10.34 22.14 -6.84
C TYR B 1032 10.32 23.58 -7.33
N GLY B 1033 10.40 24.53 -6.42
CA GLY B 1033 10.44 25.93 -6.77
C GLY B 1033 9.09 26.60 -6.90
N TYR B 1034 7.99 25.85 -6.86
CA TYR B 1034 6.66 26.43 -6.80
C TYR B 1034 5.97 26.09 -5.49
N VAL B 1035 6.74 25.79 -4.45
CA VAL B 1035 6.20 25.44 -3.14
C VAL B 1035 6.79 26.40 -2.10
N TYR B 1036 5.92 26.98 -1.30
CA TYR B 1036 6.35 27.76 -0.15
C TYR B 1036 6.88 26.81 0.91
N VAL B 1037 8.14 26.99 1.32
CA VAL B 1037 8.74 26.16 2.35
C VAL B 1037 9.32 27.09 3.39
N ALA B 1038 9.05 26.79 4.66
CA ALA B 1038 9.52 27.59 5.76
C ALA B 1038 9.59 26.72 6.99
N THR B 1039 10.68 26.87 7.75
CA THR B 1039 10.89 26.10 8.97
C THR B 1039 10.68 27.03 10.16
N VAL B 1040 9.98 26.54 11.18
CA VAL B 1040 9.61 27.38 12.31
C VAL B 1040 10.02 26.70 13.61
N SER B 1041 10.20 27.52 14.63
CA SER B 1041 10.34 27.03 16.00
C SER B 1041 9.71 28.08 16.90
N MET B 1042 8.78 27.67 17.75
CA MET B 1042 8.03 28.64 18.53
C MET B 1042 8.84 29.13 19.73
N GLY B 1043 9.59 28.24 20.37
CA GLY B 1043 10.41 28.64 21.49
C GLY B 1043 11.45 29.67 21.10
N TYR B 1044 11.94 29.61 19.86
CA TYR B 1044 12.92 30.59 19.40
C TYR B 1044 12.27 31.94 19.19
N SER B 1045 11.37 32.04 18.23
CA SER B 1045 10.69 33.29 17.93
C SER B 1045 9.24 32.98 17.58
N LYS B 1046 8.33 33.73 18.18
CA LYS B 1046 6.90 33.56 17.92
C LYS B 1046 6.43 34.37 16.73
N GLN B 1047 7.15 35.42 16.36
CA GLN B 1047 6.72 36.26 15.26
C GLN B 1047 6.99 35.60 13.91
N GLN B 1048 8.11 34.89 13.78
CA GLN B 1048 8.39 34.18 12.54
C GLN B 1048 7.35 33.10 12.28
N PHE B 1049 6.95 32.37 13.34
CA PHE B 1049 5.90 31.36 13.20
C PHE B 1049 4.61 31.98 12.69
N LEU B 1050 4.22 33.14 13.23
CA LEU B 1050 2.98 33.78 12.83
C LEU B 1050 3.05 34.29 11.40
N LYS B 1051 4.16 34.95 11.05
CA LYS B 1051 4.32 35.39 9.67
C LYS B 1051 4.29 34.22 8.72
N VAL B 1052 4.93 33.11 9.11
CA VAL B 1052 4.97 31.93 8.26
C VAL B 1052 3.58 31.36 8.04
N LEU B 1053 2.78 31.25 9.11
CA LEU B 1053 1.42 30.76 8.95
C LEU B 1053 0.62 31.65 7.99
N LYS B 1054 0.69 32.97 8.20
CA LYS B 1054 -0.14 33.85 7.39
C LYS B 1054 0.27 33.78 5.91
N GLU B 1055 1.56 33.88 5.63
CA GLU B 1055 2.01 33.84 4.24
C GLU B 1055 2.06 32.43 3.68
N ALA B 1056 1.81 31.41 4.50
CA ALA B 1056 1.67 30.06 3.97
C ALA B 1056 0.25 29.82 3.48
N GLU B 1057 -0.74 30.17 4.31
CA GLU B 1057 -2.11 30.09 3.83
C GLU B 1057 -2.39 31.10 2.73
N SER B 1058 -1.60 32.17 2.65
CA SER B 1058 -1.82 33.15 1.59
C SER B 1058 -1.23 32.75 0.25
N PHE B 1059 -0.31 31.80 0.22
CA PHE B 1059 0.36 31.45 -1.02
C PHE B 1059 -0.59 30.67 -1.92
N PRO B 1060 -0.85 31.12 -3.13
CA PRO B 1060 -1.71 30.36 -4.08
C PRO B 1060 -0.97 29.17 -4.69
N GLY B 1061 -0.73 28.15 -3.88
CA GLY B 1061 -0.01 26.98 -4.32
C GLY B 1061 0.34 26.06 -3.17
N PRO B 1062 1.21 25.09 -3.43
CA PRO B 1062 1.64 24.18 -2.36
C PRO B 1062 2.47 24.91 -1.32
N SER B 1063 2.31 24.51 -0.06
CA SER B 1063 3.01 25.13 1.05
C SER B 1063 3.32 24.09 2.11
N LEU B 1064 4.59 24.05 2.54
CA LEU B 1064 5.07 23.10 3.53
C LEU B 1064 5.77 23.85 4.65
N VAL B 1065 5.43 23.52 5.89
CA VAL B 1065 6.00 24.17 7.07
C VAL B 1065 6.38 23.08 8.07
N ILE B 1066 7.64 23.07 8.50
CA ILE B 1066 8.13 22.05 9.42
C ILE B 1066 8.48 22.73 10.74
N ALA B 1067 7.82 22.29 11.81
CA ALA B 1067 7.95 22.90 13.13
C ALA B 1067 8.71 21.96 14.06
N TYR B 1068 9.85 22.43 14.57
CA TYR B 1068 10.54 21.70 15.62
C TYR B 1068 9.61 21.53 16.80
N ALA B 1069 9.42 20.30 17.24
CA ALA B 1069 8.58 20.01 18.38
C ALA B 1069 9.31 19.09 19.34
N THR B 1070 8.99 19.24 20.62
CA THR B 1070 9.61 18.47 21.68
C THR B 1070 8.65 17.39 22.16
N CYS B 1071 9.19 16.22 22.45
CA CYS B 1071 8.41 15.09 22.94
C CYS B 1071 9.07 14.57 24.20
N ILE B 1072 8.26 13.98 25.09
CA ILE B 1072 8.83 13.42 26.31
C ILE B 1072 9.82 12.32 26.01
N ASN B 1073 9.79 11.76 24.80
CA ASN B 1073 10.77 10.76 24.41
C ASN B 1073 12.16 11.36 24.25
N GLN B 1074 12.23 12.65 23.93
CA GLN B 1074 13.52 13.32 23.85
C GLN B 1074 14.21 13.41 25.20
N GLY B 1075 13.49 13.14 26.29
CA GLY B 1075 14.06 13.01 27.61
C GLY B 1075 14.71 14.26 28.13
N LEU B 1076 14.02 15.40 27.98
CA LEU B 1076 14.55 16.66 28.52
C LEU B 1076 14.87 16.48 29.99
N ARG B 1077 16.14 16.69 30.34
CA ARG B 1077 16.61 16.33 31.67
C ARG B 1077 16.15 17.33 32.72
N LYS B 1078 15.88 18.57 32.32
CA LYS B 1078 15.30 19.53 33.26
C LYS B 1078 13.78 19.47 33.24
N GLY B 1079 13.19 19.01 32.15
CA GLY B 1079 11.75 18.79 32.10
C GLY B 1079 11.15 19.32 30.81
N MET B 1080 9.84 19.05 30.67
CA MET B 1080 9.11 19.54 29.52
C MET B 1080 8.83 21.04 29.61
N GLY B 1081 8.90 21.61 30.83
CA GLY B 1081 8.75 23.04 30.96
C GLY B 1081 9.80 23.84 30.21
N LYS B 1082 10.95 23.24 29.94
CA LYS B 1082 11.99 23.88 29.16
C LYS B 1082 11.79 23.73 27.66
N SER B 1083 10.65 23.18 27.24
CA SER B 1083 10.40 22.92 25.83
C SER B 1083 10.73 24.15 24.99
N GLN B 1084 10.06 25.26 25.26
CA GLN B 1084 10.33 26.51 24.56
C GLN B 1084 11.81 26.85 24.62
N ASP B 1085 12.39 26.82 25.82
CA ASP B 1085 13.82 27.06 25.95
C ASP B 1085 14.60 26.12 25.07
N VAL B 1086 14.30 24.82 25.16
CA VAL B 1086 14.94 23.86 24.29
C VAL B 1086 14.71 24.22 22.84
N MET B 1087 13.44 24.49 22.49
CA MET B 1087 13.15 24.97 21.15
C MET B 1087 14.05 26.15 20.81
N ASN B 1088 14.12 27.13 21.71
CA ASN B 1088 14.98 28.29 21.49
C ASN B 1088 16.40 27.85 21.22
N THR B 1089 16.96 27.02 22.11
CA THR B 1089 18.35 26.61 21.95
C THR B 1089 18.54 25.90 20.62
N ALA B 1090 17.56 25.09 20.20
CA ALA B 1090 17.69 24.33 18.96
C ALA B 1090 17.96 25.23 17.78
N VAL B 1091 17.48 26.46 17.82
CA VAL B 1091 17.71 27.36 16.70
C VAL B 1091 18.95 28.22 16.91
N LYS B 1092 19.35 28.47 18.16
CA LYS B 1092 20.54 29.26 18.38
C LYS B 1092 21.79 28.49 17.95
N SER B 1093 21.86 27.20 18.29
CA SER B 1093 23.04 26.40 18.02
C SER B 1093 23.15 25.97 16.56
N GLY B 1094 22.14 26.22 15.75
CA GLY B 1094 22.15 25.82 14.35
C GLY B 1094 21.66 24.42 14.07
N TYR B 1095 21.21 23.69 15.09
CA TYR B 1095 20.64 22.36 14.88
C TYR B 1095 19.38 22.44 14.03
N TRP B 1096 18.52 23.41 14.31
CA TRP B 1096 17.23 23.56 13.64
C TRP B 1096 17.12 24.97 13.08
N PRO B 1097 17.73 25.24 11.93
CA PRO B 1097 17.65 26.57 11.35
C PRO B 1097 16.22 26.98 11.00
N LEU B 1098 16.03 28.28 10.84
CA LEU B 1098 14.79 28.85 10.34
C LEU B 1098 15.06 29.55 9.03
N PHE B 1099 14.14 29.43 8.08
CA PHE B 1099 14.30 30.03 6.77
C PHE B 1099 12.96 29.98 6.05
N ARG B 1100 12.86 30.74 4.97
CA ARG B 1100 11.65 30.76 4.16
C ARG B 1100 12.04 30.76 2.69
N TYR B 1101 11.48 29.82 1.93
CA TYR B 1101 11.58 29.83 0.48
C TYR B 1101 10.25 30.31 -0.07
N ASP B 1102 10.26 31.49 -0.69
CA ASP B 1102 9.05 32.13 -1.22
C ASP B 1102 9.16 32.22 -2.73
N PRO B 1103 8.43 31.39 -3.48
CA PRO B 1103 8.51 31.48 -4.94
C PRO B 1103 8.06 32.82 -5.50
N ARG B 1104 7.13 33.50 -4.83
CA ARG B 1104 6.68 34.81 -5.26
C ARG B 1104 7.81 35.83 -5.23
N ASN B 1111 15.66 36.82 -5.22
CA ASN B 1111 16.02 35.75 -4.31
C ASN B 1111 14.80 35.19 -3.59
N PRO B 1112 14.21 34.13 -4.15
CA PRO B 1112 13.06 33.52 -3.49
C PRO B 1112 13.38 32.90 -2.14
N PHE B 1113 14.63 32.63 -1.85
CA PHE B 1113 15.03 32.03 -0.59
C PHE B 1113 15.55 33.11 0.36
N GLN B 1114 15.41 32.86 1.67
CA GLN B 1114 15.88 33.80 2.67
C GLN B 1114 16.06 33.08 3.99
N LEU B 1115 17.04 33.52 4.76
CA LEU B 1115 17.33 32.96 6.08
C LEU B 1115 16.84 33.90 7.17
N ASP B 1116 15.89 33.42 7.97
CA ASP B 1116 15.43 34.16 9.14
C ASP B 1116 16.23 33.84 10.39
N SER B 1117 17.15 32.89 10.30
CA SER B 1117 17.87 32.43 11.48
C SER B 1117 19.32 32.87 11.43
N LYS B 1118 19.91 33.09 12.61
CA LYS B 1118 21.28 33.52 12.71
C LYS B 1118 22.23 32.33 12.58
N ALA B 1119 23.52 32.63 12.48
CA ALA B 1119 24.52 31.60 12.32
C ALA B 1119 24.60 30.74 13.60
N PRO B 1120 25.11 29.52 13.49
CA PRO B 1120 25.18 28.66 14.68
C PRO B 1120 26.05 29.25 15.77
N ASP B 1121 25.63 29.03 17.01
CA ASP B 1121 26.35 29.57 18.15
C ASP B 1121 27.50 28.69 18.61
N GLY B 1122 27.61 27.46 18.10
CA GLY B 1122 28.60 26.54 18.62
C GLY B 1122 28.20 25.84 19.89
N SER B 1123 26.97 26.09 20.38
CA SER B 1123 26.48 25.43 21.59
C SER B 1123 25.74 24.14 21.29
N VAL B 1124 26.07 23.49 20.18
CA VAL B 1124 25.36 22.27 19.82
C VAL B 1124 25.61 21.17 20.85
N GLU B 1125 26.82 21.08 21.41
CA GLU B 1125 27.11 20.04 22.37
C GLU B 1125 26.26 20.19 23.64
N GLU B 1126 26.08 21.44 24.10
CA GLU B 1126 25.21 21.66 25.25
C GLU B 1126 23.78 21.24 24.94
N PHE B 1127 23.29 21.60 23.76
CA PHE B 1127 21.92 21.24 23.39
C PHE B 1127 21.74 19.74 23.31
N LEU B 1128 22.71 19.04 22.72
CA LEU B 1128 22.60 17.59 22.62
C LEU B 1128 22.66 16.93 24.00
N MET B 1129 23.63 17.34 24.83
CA MET B 1129 23.73 16.78 26.18
C MET B 1129 22.51 17.11 27.03
N ALA B 1130 21.76 18.13 26.66
CA ALA B 1130 20.57 18.48 27.44
C ALA B 1130 19.49 17.41 27.34
N GLN B 1131 19.55 16.57 26.30
CA GLN B 1131 18.50 15.60 26.02
C GLN B 1131 18.97 14.19 26.34
N ASN B 1132 18.06 13.40 26.93
CA ASN B 1132 18.42 12.10 27.48
C ASN B 1132 18.92 11.14 26.43
N ARG B 1133 18.57 11.32 25.16
CA ARG B 1133 19.04 10.37 24.15
C ARG B 1133 20.55 10.45 24.00
N PHE B 1134 21.09 11.66 23.88
CA PHE B 1134 22.55 11.81 23.78
C PHE B 1134 23.23 11.50 25.11
N ALA B 1135 22.57 11.80 26.23
CA ALA B 1135 23.13 11.46 27.54
C ALA B 1135 23.30 9.96 27.69
N VAL B 1136 22.30 9.18 27.28
CA VAL B 1136 22.41 7.73 27.30
C VAL B 1136 23.49 7.26 26.32
N LEU B 1137 23.50 7.84 25.11
CA LEU B 1137 24.53 7.46 24.13
C LEU B 1137 25.92 7.63 24.69
N ASP B 1138 26.13 8.68 25.48
CA ASP B 1138 27.41 8.88 26.15
C ASP B 1138 27.63 7.84 27.24
N ARG B 1139 26.63 7.63 28.10
CA ARG B 1139 26.78 6.67 29.19
C ARG B 1139 27.11 5.27 28.68
N SER B 1140 26.69 4.94 27.47
CA SER B 1140 26.98 3.63 26.91
C SER B 1140 28.35 3.60 26.21
N PHE B 1141 28.51 4.39 25.16
CA PHE B 1141 29.71 4.34 24.32
C PHE B 1141 30.27 5.75 24.15
N PRO B 1142 31.22 6.16 24.99
CA PRO B 1142 31.72 7.54 24.91
C PRO B 1142 32.46 7.87 23.61
N GLU B 1143 33.34 7.00 23.12
CA GLU B 1143 34.05 7.34 21.89
C GLU B 1143 33.09 7.42 20.71
N ASP B 1144 32.17 6.46 20.62
CA ASP B 1144 31.14 6.53 19.58
C ASP B 1144 30.33 7.80 19.72
N ALA B 1145 29.92 8.14 20.95
CA ALA B 1145 29.10 9.31 21.18
C ALA B 1145 29.81 10.59 20.76
N LYS B 1146 31.09 10.72 21.12
CA LYS B 1146 31.81 11.95 20.78
C LYS B 1146 32.07 12.04 19.28
N ARG B 1147 32.34 10.92 18.62
CA ARG B 1147 32.49 10.95 17.18
C ARG B 1147 31.18 11.32 16.50
N LEU B 1148 30.07 10.77 16.99
CA LEU B 1148 28.76 11.09 16.41
C LEU B 1148 28.42 12.55 16.61
N ARG B 1149 28.68 13.09 17.81
CA ARG B 1149 28.36 14.49 18.06
C ARG B 1149 29.25 15.42 17.25
N ALA B 1150 30.51 15.03 17.04
CA ALA B 1150 31.36 15.78 16.13
C ALA B 1150 30.76 15.79 14.73
N GLN B 1151 30.29 14.64 14.27
CA GLN B 1151 29.72 14.57 12.92
C GLN B 1151 28.42 15.36 12.83
N VAL B 1152 27.62 15.35 13.90
CA VAL B 1152 26.39 16.15 13.94
C VAL B 1152 26.73 17.63 13.84
N ALA B 1153 27.67 18.10 14.66
CA ALA B 1153 28.06 19.51 14.62
C ALA B 1153 28.61 19.89 13.25
N HIS B 1154 29.46 19.03 12.68
CA HIS B 1154 30.04 19.32 11.38
C HIS B 1154 28.97 19.35 10.29
N GLU B 1155 28.02 18.41 10.34
CA GLU B 1155 27.02 18.33 9.28
C GLU B 1155 26.03 19.48 9.38
N LEU B 1156 25.67 19.90 10.60
CA LEU B 1156 24.80 21.07 10.70
C LEU B 1156 25.55 22.33 10.31
N ASP B 1157 26.85 22.39 10.57
CA ASP B 1157 27.66 23.51 10.10
C ASP B 1157 27.63 23.60 8.58
N VAL B 1158 27.85 22.47 7.89
CA VAL B 1158 27.87 22.51 6.42
C VAL B 1158 26.46 22.64 5.84
N ARG B 1159 25.44 22.14 6.53
CA ARG B 1159 24.07 22.31 6.06
C ARG B 1159 23.66 23.78 6.13
N PHE B 1160 23.97 24.45 7.24
CA PHE B 1160 23.74 25.88 7.31
C PHE B 1160 24.66 26.64 6.37
N LYS B 1161 25.85 26.10 6.09
CA LYS B 1161 26.73 26.71 5.09
C LYS B 1161 26.08 26.70 3.72
N GLU B 1162 25.40 25.60 3.38
CA GLU B 1162 24.66 25.54 2.12
C GLU B 1162 23.49 26.51 2.14
N LEU B 1163 22.80 26.61 3.27
CA LEU B 1163 21.69 27.56 3.39
C LEU B 1163 22.17 28.99 3.17
N GLU B 1164 23.31 29.35 3.74
CA GLU B 1164 23.89 30.68 3.54
C GLU B 1164 24.42 30.86 2.12
N HIS B 1165 24.97 29.80 1.53
CA HIS B 1165 25.46 29.88 0.16
C HIS B 1165 24.33 30.19 -0.80
N MET B 1166 23.15 29.59 -0.59
CA MET B 1166 22.01 29.83 -1.46
C MET B 1166 21.10 30.96 -0.99
N ALA B 1167 21.33 31.52 0.19
CA ALA B 1167 20.55 32.67 0.64
C ALA B 1167 21.18 34.00 0.27
N ALA B 1168 22.47 34.02 -0.01
CA ALA B 1168 23.18 35.28 -0.23
C ALA B 1168 22.64 36.02 -1.43
N THR B 1169 22.41 35.32 -2.54
CA THR B 1169 21.99 35.95 -3.76
C THR B 1169 20.53 36.42 -3.66
N GLY B 1184 -7.82 22.42 -22.89
CA GLY B 1184 -8.10 21.79 -24.17
C GLY B 1184 -7.49 20.40 -24.27
N SER B 1185 -7.94 19.64 -25.25
CA SER B 1185 -7.54 18.24 -25.40
C SER B 1185 -6.80 18.04 -26.71
N VAL B 1186 -5.66 17.33 -26.64
CA VAL B 1186 -4.99 16.81 -27.82
C VAL B 1186 -4.00 15.75 -27.36
N ASP B 1187 -3.77 14.75 -28.19
CA ASP B 1187 -2.94 13.62 -27.86
C ASP B 1187 -1.57 13.75 -28.50
N PHE B 1188 -0.52 13.39 -27.76
CA PHE B 1188 0.86 13.47 -28.23
C PHE B 1188 1.21 12.46 -29.30
N GLY B 1189 0.23 11.77 -29.87
CA GLY B 1189 0.47 10.80 -30.91
C GLY B 1189 -0.10 11.13 -32.26
N GLU B 1190 -0.71 12.30 -32.43
CA GLU B 1190 -1.41 12.64 -33.66
C GLU B 1190 -0.51 13.48 -34.57
N GLY B 1191 -0.45 13.08 -35.84
CA GLY B 1191 0.34 13.82 -36.80
C GLY B 1191 1.84 13.62 -36.71
N ALA B 1192 2.30 12.53 -36.12
CA ALA B 1192 3.71 12.21 -36.07
C ALA B 1192 4.02 11.17 -37.13
N GLU B 1193 5.21 11.29 -37.74
CA GLU B 1193 5.58 10.36 -38.81
C GLU B 1193 5.77 8.94 -38.28
N PHE B 1194 6.28 8.80 -37.06
CA PHE B 1194 6.53 7.51 -36.45
C PHE B 1194 5.47 7.18 -35.41
N CYS B 1195 5.40 5.90 -35.05
CA CYS B 1195 4.43 5.44 -34.06
C CYS B 1195 4.86 5.87 -32.66
N THR B 1196 3.91 6.40 -31.90
CA THR B 1196 4.11 6.68 -30.49
C THR B 1196 3.52 5.59 -29.59
N ARG B 1197 3.04 4.49 -30.17
CA ARG B 1197 2.39 3.41 -29.44
C ARG B 1197 2.91 2.07 -29.95
N ASP B 1198 3.08 1.12 -29.03
CA ASP B 1198 3.40 -0.25 -29.40
C ASP B 1198 2.14 -0.97 -29.86
N ASP B 1199 2.25 -2.29 -30.01
CA ASP B 1199 1.10 -3.13 -30.27
C ASP B 1199 0.81 -4.08 -29.12
N THR B 1200 1.41 -3.85 -27.94
CA THR B 1200 1.11 -4.64 -26.76
C THR B 1200 -0.28 -4.28 -26.23
N PRO B 1201 -0.94 -5.22 -25.52
CA PRO B 1201 -2.24 -4.91 -24.92
C PRO B 1201 -2.20 -3.80 -23.89
N MET B 1202 -1.04 -3.55 -23.27
CA MET B 1202 -0.92 -2.47 -22.31
C MET B 1202 -1.04 -1.10 -22.96
N MET B 1203 -1.01 -1.02 -24.28
CA MET B 1203 -1.09 0.23 -25.02
C MET B 1203 -2.17 0.19 -26.09
N ALA B 1204 -3.36 -0.29 -25.74
CA ALA B 1204 -4.46 -0.42 -26.68
C ALA B 1204 -5.59 0.54 -26.31
N ARG B 1205 -6.11 1.26 -27.30
CA ARG B 1205 -7.21 2.18 -27.15
C ARG B 1205 -8.08 2.12 -28.39
N PRO B 1206 -9.35 2.54 -28.31
CA PRO B 1206 -10.19 2.51 -29.52
C PRO B 1206 -9.68 3.38 -30.65
N ASP B 1207 -9.02 4.49 -30.33
CA ASP B 1207 -8.49 5.35 -31.37
C ASP B 1207 -7.28 4.72 -32.06
N SER B 1208 -6.49 3.96 -31.30
CA SER B 1208 -5.23 3.44 -31.79
C SER B 1208 -5.45 2.41 -32.89
N GLY B 1209 -4.37 2.04 -33.56
CA GLY B 1209 -4.42 1.03 -34.61
C GLY B 1209 -4.26 1.57 -36.02
N GLU B 1210 -4.04 2.87 -36.21
CA GLU B 1210 -3.81 3.39 -37.55
C GLU B 1210 -2.39 3.04 -38.01
N ALA B 1211 -2.28 2.68 -39.29
CA ALA B 1211 -1.02 2.22 -39.84
C ALA B 1211 0.04 3.31 -39.74
N CYS B 1212 1.25 2.92 -39.33
CA CYS B 1212 2.32 3.87 -39.09
CA CYS B 1212 2.31 3.89 -39.20
C CYS B 1212 3.65 3.16 -39.18
N ASP B 1213 4.72 3.94 -39.33
CA ASP B 1213 6.06 3.36 -39.45
C ASP B 1213 6.65 3.05 -38.08
N GLN B 1214 7.15 1.82 -37.93
CA GLN B 1214 7.53 1.27 -36.64
C GLN B 1214 9.01 1.40 -36.32
N ASN B 1215 9.74 2.30 -36.99
CA ASN B 1215 11.20 2.39 -36.85
C ASN B 1215 11.90 1.08 -37.17
N ARG B 1216 11.38 0.31 -38.14
CA ARG B 1216 11.98 -0.96 -38.50
C ARG B 1216 12.70 -0.93 -39.84
N ALA B 1217 12.47 0.09 -40.66
CA ALA B 1217 13.18 0.28 -41.91
C ALA B 1217 14.26 1.35 -41.81
N GLY B 1218 14.55 1.84 -40.61
CA GLY B 1218 15.60 2.81 -40.39
C GLY B 1218 15.04 4.21 -40.23
N THR B 1219 15.96 5.14 -40.00
CA THR B 1219 15.60 6.54 -39.81
C THR B 1219 15.09 7.15 -41.12
N SER B 1220 14.43 8.31 -40.98
CA SER B 1220 13.89 8.99 -42.17
C SER B 1220 15.01 9.40 -43.13
N GLU B 1221 16.10 9.94 -42.59
CA GLU B 1221 17.25 10.29 -43.43
C GLU B 1221 17.85 9.06 -44.10
N GLN B 1222 18.03 7.98 -43.34
CA GLN B 1222 18.59 6.76 -43.91
C GLN B 1222 17.65 6.14 -44.92
N GLN B 1223 16.33 6.29 -44.70
CA GLN B 1223 15.36 5.84 -45.70
C GLN B 1223 15.49 6.65 -46.98
N GLY B 1224 15.66 7.97 -46.85
CA GLY B 1224 15.85 8.78 -48.04
C GLY B 1224 17.12 8.40 -48.80
N ASP B 1225 18.19 8.12 -48.07
CA ASP B 1225 19.42 7.67 -48.71
C ASP B 1225 19.23 6.35 -49.44
N LEU B 1226 18.55 5.39 -48.79
CA LEU B 1226 18.33 4.09 -49.42
C LEU B 1226 17.45 4.23 -50.66
N SER B 1227 16.45 5.11 -50.61
CA SER B 1227 15.62 5.37 -51.78
C SER B 1227 16.44 5.98 -52.90
N LYS B 1228 17.31 6.94 -52.57
CA LYS B 1228 18.11 7.60 -53.59
C LYS B 1228 19.07 6.65 -54.26
N ARG B 1229 19.78 5.84 -53.48
CA ARG B 1229 20.78 4.94 -54.06
C ARG B 1229 20.13 3.90 -54.96
N THR B 1230 18.99 3.36 -54.55
CA THR B 1230 18.27 2.38 -55.37
C THR B 1230 17.24 3.06 -56.27
FE1 SF4 C . 31.38 2.32 -37.45
FE2 SF4 C . 31.23 0.25 -35.67
FE3 SF4 C . 32.92 2.33 -35.18
FE4 SF4 C . 33.47 0.57 -37.20
S1 SF4 C . 33.39 0.12 -34.97
S2 SF4 C . 33.59 2.85 -37.30
S3 SF4 C . 31.36 0.10 -37.94
S4 SF4 C . 30.66 2.42 -35.28
FE1 SF4 D . 21.66 -1.16 -35.89
FE2 SF4 D . 20.91 -2.58 -33.67
FE3 SF4 D . 19.66 -3.00 -36.07
FE4 SF4 D . 19.25 -0.66 -34.69
S1 SF4 D . 18.67 -2.76 -34.02
S2 SF4 D . 19.67 -0.89 -36.93
S3 SF4 D . 21.31 -0.33 -33.79
S4 SF4 D . 21.83 -3.41 -35.59
FE1 SF4 E . 9.19 0.82 -23.54
FE2 SF4 E . 9.33 1.03 -26.27
FE3 SF4 E . 11.59 1.37 -24.75
FE4 SF4 E . 9.60 3.26 -24.69
S1 SF4 E . 10.90 2.68 -26.48
S2 SF4 E . 10.73 2.39 -22.90
S3 SF4 E . 7.75 1.95 -24.91
S4 SF4 E . 10.35 -0.53 -24.96
N1' TPP F . -0.12 0.55 -10.13
C2' TPP F . 0.50 -0.45 -9.48
CM2 TPP F . 0.45 -0.43 -7.98
N3' TPP F . 1.16 -1.46 -10.06
C4' TPP F . 1.20 -1.49 -11.40
N4' TPP F . 1.86 -2.51 -11.95
C5' TPP F . 0.58 -0.47 -12.18
C6' TPP F . -0.07 0.51 -11.46
C7' TPP F . 0.59 -0.45 -13.69
N3 TPP F . 1.90 -0.09 -14.28
C2 TPP F . 2.78 -0.99 -14.69
S1 TPP F . 4.17 -0.28 -15.32
C5 TPP F . 3.54 1.30 -15.04
C4 TPP F . 2.30 1.23 -14.48
CM4 TPP F . 1.42 2.36 -14.07
C6 TPP F . 4.33 2.52 -15.40
C7 TPP F . 5.82 2.33 -15.30
O7 TPP F . 6.45 3.62 -15.20
PA TPP F . 8.00 3.88 -15.32
O1A TPP F . 8.72 3.56 -14.08
O2A TPP F . 8.22 5.31 -15.80
O3A TPP F . 8.41 2.95 -16.48
PB TPP F . 8.71 3.03 -18.04
O1B TPP F . 7.94 1.87 -18.62
O2B TPP F . 8.09 4.33 -18.47
O3B TPP F . 10.18 2.95 -18.29
CA CA G . 27.37 1.09 -4.02
MG MG H . 8.88 5.82 -17.81
FE1 SF4 I . 4.03 36.70 32.12
FE2 SF4 I . 1.76 36.10 30.71
FE3 SF4 I . 3.57 37.88 29.69
FE4 SF4 I . 2.05 38.56 31.86
S1 SF4 I . 1.31 38.12 29.75
S2 SF4 I . 4.29 38.89 31.60
S3 SF4 I . 1.91 36.56 32.94
S4 SF4 I . 3.91 35.67 30.08
FE1 SF4 J . 1.42 26.59 32.43
FE2 SF4 J . -0.20 25.40 30.57
FE3 SF4 J . -0.16 24.48 33.16
FE4 SF4 J . 2.00 24.07 31.51
S1 SF4 J . -0.09 23.23 31.25
S2 SF4 J . 2.04 24.80 33.68
S3 SF4 J . 1.99 26.00 30.29
S4 SF4 J . -0.86 26.52 32.45
FE1 SF4 K . 3.03 12.63 21.73
FE2 SF4 K . 3.59 13.20 24.34
FE3 SF4 K . 3.47 15.22 22.50
FE4 SF4 K . 5.54 13.42 22.44
S1 SF4 K . 5.06 14.91 24.10
S2 SF4 K . 4.32 14.18 20.66
S3 SF4 K . 4.47 11.52 23.09
S4 SF4 K . 1.75 13.87 23.17
N1' TPP L . 1.92 1.44 9.88
C2' TPP L . 0.79 1.87 9.33
CM2 TPP L . 0.61 1.61 7.87
N3' TPP L . -0.20 2.52 9.95
C4' TPP L . -0.05 2.76 11.26
N4' TPP L . -1.06 3.40 11.88
C5' TPP L . 1.13 2.36 11.96
C6' TPP L . 2.06 1.69 11.19
C7' TPP L . 1.35 2.58 13.43
N3 TPP L . 1.64 3.99 13.77
C2 TPP L . 0.73 4.85 14.19
S1 TPP L . 1.36 6.36 14.51
C5 TPP L . 2.95 5.84 14.09
C4 TPP L . 2.93 4.53 13.72
CM4 TPP L . 4.08 3.70 13.27
C6 TPP L . 4.13 6.78 14.16
C7 TPP L . 3.76 8.22 13.88
O7 TPP L . 4.95 8.93 13.50
PA TPP L . 5.06 10.50 13.38
O1A TPP L . 4.49 11.00 12.11
O2A TPP L . 6.50 10.91 13.59
O3A TPP L . 4.26 11.01 14.60
PB TPP L . 4.50 11.53 16.06
O1B TPP L . 3.52 10.76 16.91
O2B TPP L . 5.92 11.09 16.37
O3B TPP L . 4.31 13.00 16.13
CA CA M . -1.28 27.65 0.10
MG MG N . 7.20 11.90 15.41
#